data_2EPB
#
_entry.id   2EPB
#
_entity_poly.entity_id   1
_entity_poly.type   'polypeptide(L)'
_entity_poly.pdbx_seq_one_letter_code
;GSSGSSGNPDYVEVDRILEVAHTKDAETGEEVTHYLVKWCSLPYEESTWELEEDVDPAKVKEFESLQV
;
_entity_poly.pdbx_strand_id   A
#
# COMPACT_ATOMS: atom_id res chain seq x y z
N GLY A 1 0.33 -8.41 -17.86
CA GLY A 1 1.22 -9.32 -17.16
C GLY A 1 2.28 -9.90 -18.07
N SER A 2 3.39 -10.33 -17.47
CA SER A 2 4.50 -10.91 -18.23
C SER A 2 4.14 -12.32 -18.71
N SER A 3 4.61 -12.66 -19.90
CA SER A 3 4.34 -13.97 -20.47
C SER A 3 4.88 -15.08 -19.58
N GLY A 4 6.12 -14.90 -19.12
CA GLY A 4 6.73 -15.90 -18.26
C GLY A 4 8.26 -15.80 -18.26
N SER A 5 8.78 -14.84 -17.52
CA SER A 5 10.23 -14.64 -17.44
C SER A 5 10.71 -14.77 -16.00
N SER A 6 11.73 -15.61 -15.80
CA SER A 6 12.29 -15.83 -14.48
C SER A 6 12.29 -14.55 -13.65
N GLY A 7 12.11 -14.67 -12.36
CA GLY A 7 12.08 -13.52 -11.48
C GLY A 7 10.81 -12.70 -11.63
N ASN A 8 10.06 -12.56 -10.53
CA ASN A 8 8.82 -11.81 -10.55
C ASN A 8 9.06 -10.37 -10.96
N PRO A 9 8.08 -9.77 -11.67
CA PRO A 9 8.16 -8.39 -12.14
C PRO A 9 8.09 -7.38 -10.99
N ASP A 10 7.73 -7.87 -9.81
CA ASP A 10 7.61 -7.02 -8.64
C ASP A 10 7.39 -7.85 -7.38
N TYR A 11 7.75 -7.29 -6.23
CA TYR A 11 7.59 -7.98 -4.95
C TYR A 11 6.35 -7.47 -4.22
N VAL A 12 5.32 -8.32 -4.15
CA VAL A 12 4.09 -7.96 -3.48
C VAL A 12 4.13 -8.36 -2.00
N GLU A 13 5.33 -8.35 -1.43
CA GLU A 13 5.50 -8.72 -0.03
C GLU A 13 5.35 -7.49 0.87
N VAL A 14 4.11 -7.09 1.10
CA VAL A 14 3.83 -5.93 1.95
C VAL A 14 3.80 -6.32 3.42
N ASP A 15 4.50 -5.55 4.24
CA ASP A 15 4.56 -5.81 5.68
C ASP A 15 3.39 -5.16 6.40
N ARG A 16 3.20 -3.86 6.14
CA ARG A 16 2.12 -3.12 6.77
C ARG A 16 1.97 -1.74 6.13
N ILE A 17 1.03 -0.95 6.65
CA ILE A 17 0.79 0.39 6.14
C ILE A 17 1.28 1.45 7.11
N LEU A 18 2.35 2.14 6.74
CA LEU A 18 2.92 3.19 7.58
C LEU A 18 1.92 4.32 7.80
N GLU A 19 1.63 5.06 6.73
CA GLU A 19 0.69 6.17 6.81
C GLU A 19 -0.04 6.35 5.49
N VAL A 20 -1.21 7.00 5.54
CA VAL A 20 -2.01 7.23 4.35
C VAL A 20 -2.14 8.71 4.06
N ALA A 21 -2.11 9.08 2.78
CA ALA A 21 -2.23 10.48 2.37
C ALA A 21 -3.29 10.65 1.29
N HIS A 22 -4.03 11.75 1.37
CA HIS A 22 -5.08 12.04 0.40
C HIS A 22 -4.68 13.19 -0.52
N THR A 23 -4.44 12.86 -1.79
CA THR A 23 -4.06 13.87 -2.76
C THR A 23 -5.16 14.11 -3.79
N LYS A 24 -5.19 15.31 -4.36
CA LYS A 24 -6.20 15.66 -5.35
C LYS A 24 -5.55 16.08 -6.67
N ASP A 25 -5.71 15.25 -7.70
CA ASP A 25 -5.15 15.53 -9.01
C ASP A 25 -5.56 16.92 -9.49
N ALA A 26 -4.61 17.64 -10.08
CA ALA A 26 -4.87 18.98 -10.57
C ALA A 26 -5.04 18.97 -12.10
N GLU A 27 -5.81 18.02 -12.60
CA GLU A 27 -6.06 17.90 -14.03
C GLU A 27 -7.56 17.80 -14.31
N THR A 28 -8.23 16.88 -13.63
CA THR A 28 -9.66 16.69 -13.81
C THR A 28 -10.44 17.04 -12.55
N GLY A 29 -9.91 16.62 -11.40
CA GLY A 29 -10.57 16.89 -10.14
C GLY A 29 -11.03 15.64 -9.43
N GLU A 30 -10.29 14.55 -9.60
CA GLU A 30 -10.63 13.28 -8.97
C GLU A 30 -9.79 13.05 -7.72
N GLU A 31 -10.44 12.58 -6.66
CA GLU A 31 -9.74 12.32 -5.40
C GLU A 31 -8.77 11.15 -5.56
N VAL A 32 -7.50 11.41 -5.29
CA VAL A 32 -6.46 10.39 -5.39
C VAL A 32 -5.87 10.06 -4.02
N THR A 33 -6.34 8.96 -3.43
CA THR A 33 -5.85 8.54 -2.11
C THR A 33 -4.63 7.63 -2.25
N HIS A 34 -3.51 8.05 -1.65
CA HIS A 34 -2.28 7.27 -1.70
C HIS A 34 -2.06 6.52 -0.39
N TYR A 35 -1.54 5.30 -0.50
CA TYR A 35 -1.28 4.48 0.68
C TYR A 35 0.19 4.07 0.75
N LEU A 36 0.88 4.53 1.78
CA LEU A 36 2.29 4.20 1.95
C LEU A 36 2.47 2.73 2.30
N VAL A 37 2.89 1.94 1.31
CA VAL A 37 3.10 0.51 1.51
C VAL A 37 4.40 0.26 2.28
N LYS A 38 4.28 -0.48 3.37
CA LYS A 38 5.45 -0.81 4.20
C LYS A 38 5.89 -2.24 3.96
N TRP A 39 6.86 -2.42 3.07
CA TRP A 39 7.39 -3.75 2.76
C TRP A 39 8.84 -3.88 3.20
N CYS A 40 9.04 -4.30 4.44
CA CYS A 40 10.38 -4.46 4.98
C CYS A 40 11.31 -5.09 3.96
N SER A 41 10.85 -6.16 3.32
CA SER A 41 11.64 -6.86 2.32
C SER A 41 12.51 -5.87 1.52
N LEU A 42 11.94 -4.71 1.25
CA LEU A 42 12.66 -3.68 0.50
C LEU A 42 13.29 -2.66 1.45
N PRO A 43 14.32 -1.95 0.96
CA PRO A 43 15.03 -0.93 1.74
C PRO A 43 14.17 0.30 1.98
N TYR A 44 14.14 0.75 3.23
CA TYR A 44 13.36 1.93 3.60
C TYR A 44 13.56 3.06 2.60
N GLU A 45 14.83 3.43 2.38
CA GLU A 45 15.15 4.50 1.44
C GLU A 45 14.25 4.45 0.21
N GLU A 46 13.81 3.24 -0.14
CA GLU A 46 12.94 3.05 -1.29
C GLU A 46 11.48 3.06 -0.88
N SER A 47 11.15 3.92 0.08
CA SER A 47 9.78 4.03 0.57
C SER A 47 8.89 4.73 -0.45
N THR A 48 7.88 4.03 -0.95
CA THR A 48 6.96 4.57 -1.93
C THR A 48 5.53 4.51 -1.44
N TRP A 49 4.62 5.15 -2.17
CA TRP A 49 3.21 5.17 -1.81
C TRP A 49 2.34 4.65 -2.95
N GLU A 50 2.03 3.36 -2.91
CA GLU A 50 1.22 2.74 -3.95
C GLU A 50 -0.23 3.17 -3.83
N LEU A 51 -0.85 3.49 -4.96
CA LEU A 51 -2.25 3.93 -4.97
C LEU A 51 -3.14 2.90 -4.29
N GLU A 52 -4.18 3.38 -3.61
CA GLU A 52 -5.12 2.50 -2.92
C GLU A 52 -5.44 1.28 -3.78
N GLU A 53 -5.55 1.48 -5.08
CA GLU A 53 -5.86 0.40 -6.01
C GLU A 53 -4.85 -0.73 -5.87
N ASP A 54 -3.60 -0.45 -6.21
CA ASP A 54 -2.54 -1.44 -6.13
C ASP A 54 -2.49 -2.08 -4.74
N VAL A 55 -2.69 -1.25 -3.71
CA VAL A 55 -2.67 -1.74 -2.34
C VAL A 55 -3.94 -2.51 -2.01
N ASP A 56 -3.79 -3.81 -1.77
CA ASP A 56 -4.92 -4.67 -1.44
C ASP A 56 -5.84 -3.98 -0.42
N PRO A 57 -7.15 -4.24 -0.54
CA PRO A 57 -8.15 -3.67 0.36
C PRO A 57 -8.07 -4.25 1.76
N ALA A 58 -7.86 -5.56 1.84
CA ALA A 58 -7.76 -6.24 3.14
C ALA A 58 -6.74 -5.56 4.03
N LYS A 59 -5.54 -5.34 3.50
CA LYS A 59 -4.47 -4.69 4.26
C LYS A 59 -4.92 -3.35 4.80
N VAL A 60 -5.78 -2.67 4.04
CA VAL A 60 -6.30 -1.36 4.45
C VAL A 60 -7.15 -1.47 5.71
N LYS A 61 -8.00 -2.50 5.76
CA LYS A 61 -8.86 -2.72 6.91
C LYS A 61 -8.04 -2.90 8.19
N GLU A 62 -7.00 -3.72 8.10
CA GLU A 62 -6.13 -3.97 9.25
C GLU A 62 -5.57 -2.66 9.81
N PHE A 63 -5.00 -1.85 8.92
CA PHE A 63 -4.42 -0.57 9.31
C PHE A 63 -5.45 0.29 10.05
N GLU A 64 -6.65 0.38 9.48
CA GLU A 64 -7.72 1.17 10.09
C GLU A 64 -8.01 0.69 11.51
N SER A 65 -8.26 -0.60 11.65
CA SER A 65 -8.56 -1.18 12.95
C SER A 65 -7.69 -0.57 14.04
N LEU A 66 -6.39 -0.44 13.74
CA LEU A 66 -5.45 0.13 14.69
C LEU A 66 -5.87 1.52 15.11
N GLN A 67 -6.00 2.42 14.14
CA GLN A 67 -6.41 3.80 14.42
C GLN A 67 -7.93 3.91 14.45
N VAL A 68 -8.45 4.38 15.59
CA VAL A 68 -9.89 4.55 15.75
C VAL A 68 -10.50 5.30 14.57
N GLY A 1 -6.68 -20.95 6.58
CA GLY A 1 -7.08 -22.11 7.35
C GLY A 1 -6.28 -23.35 7.00
N SER A 2 -6.16 -23.63 5.70
CA SER A 2 -5.42 -24.79 5.23
C SER A 2 -4.26 -24.37 4.35
N SER A 3 -3.43 -25.35 3.96
CA SER A 3 -2.27 -25.08 3.11
C SER A 3 -2.65 -25.15 1.64
N GLY A 4 -1.85 -24.50 0.79
CA GLY A 4 -2.12 -24.51 -0.63
C GLY A 4 -0.86 -24.72 -1.45
N SER A 5 -0.88 -24.25 -2.70
CA SER A 5 0.26 -24.39 -3.59
C SER A 5 0.92 -23.04 -3.84
N SER A 6 2.03 -23.07 -4.57
CA SER A 6 2.77 -21.84 -4.87
C SER A 6 3.05 -21.74 -6.37
N GLY A 7 2.64 -20.62 -6.97
CA GLY A 7 2.86 -20.43 -8.39
C GLY A 7 2.02 -19.31 -8.96
N ASN A 8 2.19 -18.11 -8.41
CA ASN A 8 1.43 -16.94 -8.86
C ASN A 8 2.36 -15.88 -9.45
N PRO A 9 1.96 -15.32 -10.60
CA PRO A 9 2.74 -14.28 -11.29
C PRO A 9 2.75 -12.96 -10.53
N ASP A 10 3.65 -12.84 -9.58
CA ASP A 10 3.77 -11.63 -8.78
C ASP A 10 5.02 -11.66 -7.92
N TYR A 11 5.97 -10.77 -8.21
CA TYR A 11 7.22 -10.69 -7.46
C TYR A 11 7.11 -9.68 -6.34
N VAL A 12 6.46 -8.55 -6.61
CA VAL A 12 6.29 -7.51 -5.60
C VAL A 12 5.83 -8.08 -4.27
N GLU A 13 6.36 -7.54 -3.18
CA GLU A 13 6.00 -8.01 -1.84
C GLU A 13 5.65 -6.83 -0.93
N VAL A 14 4.79 -7.08 0.04
CA VAL A 14 4.37 -6.04 0.98
C VAL A 14 4.43 -6.55 2.42
N ASP A 15 5.05 -5.76 3.29
CA ASP A 15 5.17 -6.13 4.69
C ASP A 15 3.99 -5.60 5.50
N ARG A 16 3.70 -4.31 5.34
CA ARG A 16 2.59 -3.67 6.06
C ARG A 16 2.40 -2.23 5.60
N ILE A 17 1.38 -1.59 6.14
CA ILE A 17 1.09 -0.20 5.78
C ILE A 17 1.50 0.76 6.90
N LEU A 18 2.17 1.84 6.53
CA LEU A 18 2.62 2.83 7.51
C LEU A 18 1.54 3.87 7.76
N GLU A 19 1.35 4.77 6.80
CA GLU A 19 0.34 5.82 6.92
C GLU A 19 -0.39 6.03 5.59
N VAL A 20 -1.47 6.80 5.63
CA VAL A 20 -2.25 7.09 4.44
C VAL A 20 -2.32 8.59 4.17
N ALA A 21 -2.21 8.96 2.90
CA ALA A 21 -2.26 10.37 2.50
C ALA A 21 -3.21 10.57 1.33
N HIS A 22 -3.79 11.77 1.24
CA HIS A 22 -4.71 12.09 0.16
C HIS A 22 -4.24 13.32 -0.62
N THR A 23 -4.30 13.23 -1.95
CA THR A 23 -3.87 14.33 -2.81
C THR A 23 -4.86 14.54 -3.95
N LYS A 24 -4.90 15.77 -4.46
CA LYS A 24 -5.79 16.10 -5.56
C LYS A 24 -5.00 16.56 -6.79
N ASP A 25 -5.55 16.29 -7.97
CA ASP A 25 -4.90 16.68 -9.22
C ASP A 25 -5.03 18.17 -9.46
N ALA A 26 -4.36 18.67 -10.50
CA ALA A 26 -4.41 20.08 -10.84
C ALA A 26 -5.35 20.34 -12.00
N GLU A 27 -5.13 19.65 -13.11
CA GLU A 27 -5.97 19.80 -14.29
C GLU A 27 -7.44 19.72 -13.92
N THR A 28 -7.82 18.62 -13.28
CA THR A 28 -9.21 18.41 -12.87
C THR A 28 -9.35 18.50 -11.35
N GLY A 29 -8.59 17.68 -10.65
CA GLY A 29 -8.66 17.67 -9.20
C GLY A 29 -9.36 16.45 -8.64
N GLU A 30 -9.02 15.28 -9.19
CA GLU A 30 -9.62 14.03 -8.74
C GLU A 30 -9.14 13.66 -7.34
N GLU A 31 -9.80 12.68 -6.73
CA GLU A 31 -9.44 12.24 -5.39
C GLU A 31 -8.32 11.20 -5.45
N VAL A 32 -7.09 11.67 -5.63
CA VAL A 32 -5.94 10.78 -5.70
C VAL A 32 -5.43 10.42 -4.31
N THR A 33 -5.94 9.31 -3.78
CA THR A 33 -5.55 8.85 -2.45
C THR A 33 -4.31 7.95 -2.53
N HIS A 34 -3.21 8.42 -1.94
CA HIS A 34 -1.97 7.66 -1.94
C HIS A 34 -1.81 6.88 -0.63
N TYR A 35 -1.18 5.71 -0.72
CA TYR A 35 -0.97 4.88 0.45
C TYR A 35 0.50 4.47 0.58
N LEU A 36 1.11 4.85 1.70
CA LEU A 36 2.52 4.53 1.94
C LEU A 36 2.70 3.03 2.18
N VAL A 37 3.04 2.31 1.12
CA VAL A 37 3.25 0.87 1.21
C VAL A 37 4.59 0.54 1.86
N LYS A 38 4.54 -0.12 3.01
CA LYS A 38 5.75 -0.49 3.73
C LYS A 38 6.16 -1.92 3.41
N TRP A 39 7.21 -2.06 2.60
CA TRP A 39 7.71 -3.37 2.20
C TRP A 39 9.18 -3.53 2.58
N CYS A 40 9.62 -4.78 2.69
CA CYS A 40 11.00 -5.06 3.05
C CYS A 40 11.86 -5.25 1.80
N SER A 41 11.44 -6.16 0.92
CA SER A 41 12.18 -6.42 -0.31
C SER A 41 12.82 -5.15 -0.85
N LEU A 42 12.14 -4.03 -0.64
CA LEU A 42 12.65 -2.74 -1.11
C LEU A 42 13.23 -1.93 0.04
N PRO A 43 14.21 -1.07 -0.27
CA PRO A 43 14.87 -0.21 0.72
C PRO A 43 13.94 0.87 1.26
N TYR A 44 13.90 1.02 2.58
CA TYR A 44 13.06 2.02 3.21
C TYR A 44 13.19 3.37 2.50
N GLU A 45 14.42 3.86 2.39
CA GLU A 45 14.68 5.14 1.74
C GLU A 45 13.77 5.31 0.52
N GLU A 46 13.47 4.21 -0.15
CA GLU A 46 12.62 4.25 -1.34
C GLU A 46 11.15 4.12 -0.95
N SER A 47 10.79 4.69 0.20
CA SER A 47 9.43 4.64 0.69
C SER A 47 8.48 5.35 -0.27
N THR A 48 7.72 4.57 -1.04
CA THR A 48 6.78 5.13 -2.00
C THR A 48 5.35 5.00 -1.50
N TRP A 49 4.44 5.73 -2.14
CA TRP A 49 3.03 5.70 -1.76
C TRP A 49 2.15 5.25 -2.93
N GLU A 50 1.98 3.94 -3.06
CA GLU A 50 1.17 3.38 -4.12
C GLU A 50 -0.31 3.74 -3.95
N LEU A 51 -1.04 3.77 -5.05
CA LEU A 51 -2.46 4.10 -5.00
C LEU A 51 -3.26 3.01 -4.30
N GLU A 52 -4.47 3.35 -3.87
CA GLU A 52 -5.33 2.39 -3.19
C GLU A 52 -5.49 1.12 -4.02
N GLU A 53 -5.62 1.28 -5.33
CA GLU A 53 -5.78 0.14 -6.22
C GLU A 53 -4.65 -0.87 -6.04
N ASP A 54 -3.44 -0.36 -5.81
CA ASP A 54 -2.28 -1.21 -5.61
C ASP A 54 -2.32 -1.89 -4.24
N VAL A 55 -2.76 -1.14 -3.24
CA VAL A 55 -2.85 -1.66 -1.87
C VAL A 55 -4.07 -2.59 -1.73
N ASP A 56 -3.84 -3.74 -1.09
CA ASP A 56 -4.91 -4.71 -0.89
C ASP A 56 -5.94 -4.17 0.10
N PRO A 57 -7.22 -4.52 -0.13
CA PRO A 57 -8.33 -4.09 0.73
C PRO A 57 -8.29 -4.76 2.10
N ALA A 58 -7.72 -5.95 2.16
CA ALA A 58 -7.62 -6.69 3.42
C ALA A 58 -6.65 -6.01 4.37
N LYS A 59 -5.44 -5.71 3.89
CA LYS A 59 -4.44 -5.06 4.71
C LYS A 59 -4.95 -3.75 5.28
N VAL A 60 -5.42 -2.86 4.41
CA VAL A 60 -5.95 -1.57 4.84
C VAL A 60 -6.98 -1.75 5.95
N LYS A 61 -7.94 -2.63 5.72
CA LYS A 61 -8.98 -2.90 6.71
C LYS A 61 -8.40 -2.99 8.11
N GLU A 62 -7.25 -3.66 8.24
CA GLU A 62 -6.59 -3.80 9.52
C GLU A 62 -6.07 -2.47 10.03
N PHE A 63 -5.24 -1.82 9.23
CA PHE A 63 -4.67 -0.52 9.60
C PHE A 63 -5.75 0.41 10.15
N GLU A 64 -6.90 0.42 9.49
CA GLU A 64 -8.01 1.28 9.91
C GLU A 64 -8.35 1.04 11.38
N SER A 65 -8.71 -0.21 11.70
CA SER A 65 -9.06 -0.57 13.06
C SER A 65 -7.93 -0.22 14.04
N LEU A 66 -6.70 -0.49 13.62
CA LEU A 66 -5.53 -0.20 14.45
C LEU A 66 -5.09 1.25 14.27
N GLN A 67 -5.89 2.17 14.81
CA GLN A 67 -5.58 3.60 14.72
C GLN A 67 -5.23 4.17 16.08
N VAL A 68 -3.93 4.15 16.41
CA VAL A 68 -3.46 4.66 17.69
C VAL A 68 -3.08 6.14 17.58
N GLY A 1 -14.90 -16.21 -1.61
CA GLY A 1 -14.19 -16.68 -2.79
C GLY A 1 -12.70 -16.40 -2.71
N SER A 2 -11.99 -17.19 -1.91
CA SER A 2 -10.55 -17.02 -1.75
C SER A 2 -9.80 -18.19 -2.38
N SER A 3 -9.20 -17.93 -3.54
CA SER A 3 -8.44 -18.95 -4.25
C SER A 3 -7.26 -18.35 -4.99
N GLY A 4 -6.24 -19.16 -5.24
CA GLY A 4 -5.05 -18.68 -5.93
C GLY A 4 -4.33 -19.79 -6.66
N SER A 5 -3.43 -19.41 -7.57
CA SER A 5 -2.68 -20.38 -8.35
C SER A 5 -1.21 -20.39 -7.92
N SER A 6 -0.93 -21.08 -6.81
CA SER A 6 0.42 -21.17 -6.29
C SER A 6 1.35 -21.85 -7.28
N GLY A 7 2.52 -21.27 -7.50
CA GLY A 7 3.48 -21.83 -8.44
C GLY A 7 4.02 -20.81 -9.40
N ASN A 8 4.72 -19.81 -8.88
CA ASN A 8 5.28 -18.75 -9.70
C ASN A 8 6.26 -17.89 -8.90
N PRO A 9 7.34 -17.45 -9.57
CA PRO A 9 8.37 -16.62 -8.94
C PRO A 9 7.86 -15.22 -8.61
N ASP A 10 8.10 -14.78 -7.38
CA ASP A 10 7.67 -13.46 -6.95
C ASP A 10 8.72 -12.81 -6.05
N TYR A 11 9.24 -11.67 -6.49
CA TYR A 11 10.26 -10.95 -5.74
C TYR A 11 9.63 -9.91 -4.82
N VAL A 12 8.57 -9.27 -5.30
CA VAL A 12 7.87 -8.26 -4.53
C VAL A 12 7.18 -8.86 -3.32
N GLU A 13 7.07 -8.07 -2.25
CA GLU A 13 6.43 -8.54 -1.02
C GLU A 13 6.13 -7.37 -0.09
N VAL A 14 4.85 -7.07 0.08
CA VAL A 14 4.43 -5.98 0.95
C VAL A 14 4.42 -6.41 2.42
N ASP A 15 5.13 -5.66 3.25
CA ASP A 15 5.20 -5.96 4.68
C ASP A 15 3.95 -5.47 5.40
N ARG A 16 3.66 -4.18 5.28
CA ARG A 16 2.51 -3.58 5.93
C ARG A 16 2.32 -2.13 5.49
N ILE A 17 1.22 -1.53 5.91
CA ILE A 17 0.93 -0.15 5.57
C ILE A 17 1.32 0.80 6.70
N LEU A 18 2.29 1.67 6.43
CA LEU A 18 2.76 2.62 7.43
C LEU A 18 1.71 3.70 7.69
N GLU A 19 1.58 4.63 6.75
CA GLU A 19 0.61 5.71 6.87
C GLU A 19 -0.08 5.98 5.54
N VAL A 20 -1.08 6.86 5.56
CA VAL A 20 -1.82 7.21 4.36
C VAL A 20 -1.93 8.72 4.20
N ALA A 21 -1.78 9.18 2.96
CA ALA A 21 -1.86 10.61 2.66
C ALA A 21 -3.03 10.91 1.73
N HIS A 22 -3.61 12.09 1.88
CA HIS A 22 -4.74 12.51 1.05
C HIS A 22 -4.42 13.80 0.29
N THR A 23 -4.25 13.68 -1.02
CA THR A 23 -3.95 14.84 -1.86
C THR A 23 -4.54 14.67 -3.25
N LYS A 24 -4.56 15.76 -4.01
CA LYS A 24 -5.09 15.75 -5.37
C LYS A 24 -4.03 16.19 -6.37
N ASP A 25 -4.16 15.71 -7.60
CA ASP A 25 -3.22 16.04 -8.66
C ASP A 25 -3.07 17.56 -8.79
N ALA A 26 -2.17 17.98 -9.67
CA ALA A 26 -1.93 19.40 -9.88
C ALA A 26 -2.94 19.99 -10.87
N GLU A 27 -2.88 19.52 -12.11
CA GLU A 27 -3.79 20.01 -13.14
C GLU A 27 -5.23 19.59 -12.85
N THR A 28 -5.52 18.31 -13.05
CA THR A 28 -6.85 17.78 -12.80
C THR A 28 -7.36 18.19 -11.42
N GLY A 29 -6.48 18.10 -10.42
CA GLY A 29 -6.86 18.46 -9.07
C GLY A 29 -7.91 17.53 -8.49
N GLU A 30 -8.01 16.33 -9.06
CA GLU A 30 -8.98 15.35 -8.59
C GLU A 30 -8.48 14.66 -7.32
N GLU A 31 -9.42 14.31 -6.44
CA GLU A 31 -9.07 13.65 -5.20
C GLU A 31 -8.27 12.37 -5.45
N VAL A 32 -7.10 12.29 -4.83
CA VAL A 32 -6.24 11.13 -4.98
C VAL A 32 -5.75 10.61 -3.64
N THR A 33 -6.12 9.36 -3.32
CA THR A 33 -5.73 8.75 -2.06
C THR A 33 -4.47 7.90 -2.22
N HIS A 34 -3.41 8.27 -1.52
CA HIS A 34 -2.15 7.54 -1.59
C HIS A 34 -1.89 6.77 -0.29
N TYR A 35 -1.47 5.53 -0.43
CA TYR A 35 -1.18 4.69 0.74
C TYR A 35 0.29 4.29 0.77
N LEU A 36 0.97 4.67 1.85
CA LEU A 36 2.38 4.34 2.01
C LEU A 36 2.59 2.85 2.21
N VAL A 37 2.98 2.16 1.14
CA VAL A 37 3.22 0.72 1.19
C VAL A 37 4.59 0.41 1.78
N LYS A 38 4.62 -0.39 2.84
CA LYS A 38 5.86 -0.77 3.48
C LYS A 38 6.29 -2.17 3.05
N TRP A 39 7.34 -2.24 2.23
CA TRP A 39 7.85 -3.51 1.75
C TRP A 39 9.34 -3.65 2.06
N CYS A 40 9.65 -4.35 3.14
CA CYS A 40 11.04 -4.56 3.55
C CYS A 40 11.92 -4.82 2.34
N SER A 41 11.52 -5.76 1.49
CA SER A 41 12.28 -6.10 0.30
C SER A 41 12.97 -4.88 -0.27
N LEU A 42 12.27 -3.75 -0.25
CA LEU A 42 12.83 -2.50 -0.76
C LEU A 42 13.36 -1.62 0.37
N PRO A 43 14.27 -0.70 0.03
CA PRO A 43 14.87 0.21 1.00
C PRO A 43 13.88 1.24 1.52
N TYR A 44 13.71 1.29 2.84
CA TYR A 44 12.79 2.23 3.46
C TYR A 44 12.86 3.60 2.79
N GLU A 45 14.08 4.13 2.70
CA GLU A 45 14.29 5.43 2.07
C GLU A 45 13.39 5.60 0.85
N GLU A 46 13.23 4.53 0.08
CA GLU A 46 12.41 4.55 -1.12
C GLU A 46 10.94 4.32 -0.77
N SER A 47 10.54 4.79 0.40
CA SER A 47 9.15 4.63 0.85
C SER A 47 8.19 5.37 -0.07
N THR A 48 7.56 4.62 -0.98
CA THR A 48 6.61 5.20 -1.91
C THR A 48 5.18 5.04 -1.42
N TRP A 49 4.24 5.56 -2.20
CA TRP A 49 2.82 5.47 -1.84
C TRP A 49 1.99 4.99 -3.03
N GLU A 50 1.69 3.69 -3.05
CA GLU A 50 0.91 3.11 -4.14
C GLU A 50 -0.58 3.45 -3.98
N LEU A 51 -1.29 3.46 -5.10
CA LEU A 51 -2.72 3.78 -5.08
C LEU A 51 -3.50 2.74 -4.30
N GLU A 52 -4.65 3.13 -3.76
CA GLU A 52 -5.49 2.23 -2.99
C GLU A 52 -5.84 0.98 -3.80
N GLU A 53 -5.97 1.16 -5.10
CA GLU A 53 -6.30 0.06 -5.99
C GLU A 53 -5.13 -0.91 -6.12
N ASP A 54 -3.92 -0.40 -5.91
CA ASP A 54 -2.71 -1.21 -6.01
C ASP A 54 -2.44 -1.92 -4.69
N VAL A 55 -2.84 -1.29 -3.58
CA VAL A 55 -2.64 -1.87 -2.26
C VAL A 55 -3.76 -2.84 -1.89
N ASP A 56 -3.39 -3.94 -1.25
CA ASP A 56 -4.38 -4.94 -0.85
C ASP A 56 -5.38 -4.35 0.14
N PRO A 57 -6.66 -4.75 -0.01
CA PRO A 57 -7.74 -4.28 0.86
C PRO A 57 -7.63 -4.83 2.27
N ALA A 58 -7.25 -6.10 2.38
CA ALA A 58 -7.11 -6.74 3.69
C ALA A 58 -6.07 -6.02 4.55
N LYS A 59 -5.03 -5.50 3.90
CA LYS A 59 -3.97 -4.78 4.60
C LYS A 59 -4.50 -3.47 5.18
N VAL A 60 -5.16 -2.68 4.35
CA VAL A 60 -5.72 -1.40 4.77
C VAL A 60 -6.68 -1.59 5.93
N LYS A 61 -7.71 -2.39 5.72
CA LYS A 61 -8.71 -2.66 6.75
C LYS A 61 -8.07 -2.67 8.13
N GLU A 62 -7.14 -3.60 8.35
CA GLU A 62 -6.45 -3.72 9.62
C GLU A 62 -5.95 -2.35 10.09
N PHE A 63 -5.24 -1.66 9.22
CA PHE A 63 -4.69 -0.34 9.55
C PHE A 63 -5.80 0.61 9.99
N GLU A 64 -6.74 0.88 9.09
CA GLU A 64 -7.85 1.77 9.39
C GLU A 64 -8.49 1.41 10.72
N SER A 65 -8.88 0.15 10.87
CA SER A 65 -9.51 -0.33 12.09
C SER A 65 -8.62 -0.06 13.30
N LEU A 66 -7.33 -0.36 13.16
CA LEU A 66 -6.38 -0.16 14.23
C LEU A 66 -6.46 1.27 14.77
N GLN A 67 -6.53 2.23 13.86
CA GLN A 67 -6.61 3.64 14.25
C GLN A 67 -7.84 3.89 15.10
N VAL A 68 -7.62 4.11 16.39
CA VAL A 68 -8.71 4.37 17.33
C VAL A 68 -8.53 5.71 18.02
N GLY A 1 15.79 -24.87 14.88
CA GLY A 1 15.36 -24.54 13.53
C GLY A 1 14.18 -23.58 13.52
N SER A 2 14.36 -22.44 12.85
CA SER A 2 13.31 -21.44 12.77
C SER A 2 13.07 -21.03 11.32
N SER A 3 11.80 -21.00 10.92
CA SER A 3 11.42 -20.63 9.56
C SER A 3 12.06 -19.30 9.17
N GLY A 4 12.79 -19.30 8.05
CA GLY A 4 13.43 -18.08 7.59
C GLY A 4 12.57 -17.31 6.62
N SER A 5 13.08 -16.17 6.16
CA SER A 5 12.34 -15.32 5.23
C SER A 5 12.02 -16.08 3.95
N SER A 6 11.30 -15.44 3.04
CA SER A 6 10.91 -16.05 1.78
C SER A 6 11.23 -15.12 0.60
N GLY A 7 12.24 -15.49 -0.18
CA GLY A 7 12.62 -14.68 -1.32
C GLY A 7 11.80 -15.00 -2.56
N ASN A 8 10.96 -14.05 -2.97
CA ASN A 8 10.11 -14.24 -4.14
C ASN A 8 10.66 -13.46 -5.34
N PRO A 9 10.52 -14.04 -6.53
CA PRO A 9 10.98 -13.41 -7.78
C PRO A 9 10.15 -12.20 -8.16
N ASP A 10 9.04 -12.01 -7.47
CA ASP A 10 8.15 -10.88 -7.74
C ASP A 10 8.30 -9.81 -6.66
N TYR A 11 8.34 -8.55 -7.08
CA TYR A 11 8.49 -7.43 -6.15
C TYR A 11 7.12 -6.93 -5.69
N VAL A 12 6.23 -7.87 -5.38
CA VAL A 12 4.90 -7.53 -4.92
C VAL A 12 4.67 -7.98 -3.48
N GLU A 13 5.74 -8.02 -2.70
CA GLU A 13 5.66 -8.44 -1.30
C GLU A 13 5.54 -7.23 -0.38
N VAL A 14 4.46 -7.20 0.40
CA VAL A 14 4.22 -6.10 1.33
C VAL A 14 4.35 -6.57 2.77
N ASP A 15 5.02 -5.76 3.59
CA ASP A 15 5.20 -6.09 5.00
C ASP A 15 4.09 -5.49 5.85
N ARG A 16 3.82 -4.21 5.66
CA ARG A 16 2.78 -3.52 6.40
C ARG A 16 2.57 -2.10 5.88
N ILE A 17 1.68 -1.36 6.53
CA ILE A 17 1.39 0.02 6.12
C ILE A 17 1.88 1.01 7.16
N LEU A 18 2.59 2.03 6.71
CA LEU A 18 3.11 3.06 7.62
C LEU A 18 2.08 4.15 7.86
N GLU A 19 1.71 4.85 6.80
CA GLU A 19 0.72 5.92 6.90
C GLU A 19 0.04 6.17 5.56
N VAL A 20 -1.14 6.78 5.60
CA VAL A 20 -1.89 7.07 4.38
C VAL A 20 -2.09 8.57 4.21
N ALA A 21 -2.10 9.01 2.95
CA ALA A 21 -2.28 10.43 2.65
C ALA A 21 -3.26 10.62 1.49
N HIS A 22 -4.24 11.50 1.70
CA HIS A 22 -5.24 11.77 0.67
C HIS A 22 -4.98 13.12 0.00
N THR A 23 -4.52 13.07 -1.25
CA THR A 23 -4.22 14.27 -2.00
C THR A 23 -4.80 14.21 -3.41
N LYS A 24 -4.84 15.35 -4.09
CA LYS A 24 -5.37 15.42 -5.43
C LYS A 24 -4.25 15.64 -6.46
N ASP A 25 -4.55 15.35 -7.72
CA ASP A 25 -3.57 15.52 -8.79
C ASP A 25 -3.42 16.99 -9.16
N ALA A 26 -2.30 17.33 -9.80
CA ALA A 26 -2.04 18.70 -10.22
C ALA A 26 -2.75 19.02 -11.53
N GLU A 27 -2.88 18.01 -12.38
CA GLU A 27 -3.53 18.19 -13.68
C GLU A 27 -4.92 18.80 -13.51
N THR A 28 -5.81 18.07 -12.85
CA THR A 28 -7.17 18.54 -12.62
C THR A 28 -7.44 18.73 -11.13
N GLY A 29 -7.54 17.62 -10.41
CA GLY A 29 -7.81 17.69 -8.98
C GLY A 29 -8.73 16.59 -8.51
N GLU A 30 -8.46 15.36 -8.94
CA GLU A 30 -9.28 14.21 -8.56
C GLU A 30 -8.87 13.68 -7.19
N GLU A 31 -9.83 13.08 -6.48
CA GLU A 31 -9.56 12.53 -5.16
C GLU A 31 -8.65 11.31 -5.25
N VAL A 32 -7.35 11.54 -5.06
CA VAL A 32 -6.37 10.46 -5.12
C VAL A 32 -5.91 10.07 -3.72
N THR A 33 -6.03 8.77 -3.42
CA THR A 33 -5.63 8.26 -2.12
C THR A 33 -4.29 7.53 -2.19
N HIS A 34 -3.28 8.07 -1.51
CA HIS A 34 -1.95 7.48 -1.51
C HIS A 34 -1.73 6.66 -0.24
N TYR A 35 -1.25 5.43 -0.41
CA TYR A 35 -1.00 4.55 0.73
C TYR A 35 0.47 4.16 0.80
N LEU A 36 1.14 4.57 1.86
CA LEU A 36 2.55 4.26 2.05
C LEU A 36 2.76 2.78 2.32
N VAL A 37 2.98 2.02 1.26
CA VAL A 37 3.20 0.57 1.38
C VAL A 37 4.61 0.27 1.86
N LYS A 38 4.72 -0.24 3.09
CA LYS A 38 6.01 -0.58 3.66
C LYS A 38 6.37 -2.04 3.38
N TRP A 39 7.24 -2.24 2.40
CA TRP A 39 7.67 -3.58 2.03
C TRP A 39 9.15 -3.79 2.32
N CYS A 40 9.55 -5.04 2.47
CA CYS A 40 10.94 -5.37 2.76
C CYS A 40 11.74 -5.56 1.48
N SER A 41 11.26 -6.45 0.61
CA SER A 41 11.93 -6.72 -0.65
C SER A 41 12.56 -5.45 -1.22
N LEU A 42 11.94 -4.32 -0.94
CA LEU A 42 12.44 -3.03 -1.42
C LEU A 42 13.06 -2.23 -0.28
N PRO A 43 14.00 -1.34 -0.63
CA PRO A 43 14.69 -0.49 0.35
C PRO A 43 13.76 0.57 0.94
N TYR A 44 13.76 0.67 2.27
CA TYR A 44 12.92 1.64 2.96
C TYR A 44 12.99 3.00 2.29
N GLU A 45 14.20 3.54 2.18
CA GLU A 45 14.41 4.84 1.55
C GLU A 45 13.50 5.01 0.34
N GLU A 46 13.14 3.90 -0.29
CA GLU A 46 12.28 3.93 -1.46
C GLU A 46 10.82 3.79 -1.06
N SER A 47 10.47 4.34 0.10
CA SER A 47 9.10 4.28 0.60
C SER A 47 8.13 4.87 -0.40
N THR A 48 7.47 4.00 -1.17
CA THR A 48 6.51 4.43 -2.17
C THR A 48 5.09 4.41 -1.61
N TRP A 49 4.21 5.21 -2.22
CA TRP A 49 2.82 5.28 -1.79
C TRP A 49 1.88 4.81 -2.89
N GLU A 50 1.65 3.50 -2.95
CA GLU A 50 0.77 2.92 -3.96
C GLU A 50 -0.68 3.32 -3.71
N LEU A 51 -1.36 3.78 -4.75
CA LEU A 51 -2.76 4.19 -4.65
C LEU A 51 -3.61 3.06 -4.10
N GLU A 52 -4.76 3.41 -3.52
CA GLU A 52 -5.67 2.43 -2.96
C GLU A 52 -5.87 1.26 -3.93
N GLU A 53 -5.88 1.56 -5.21
CA GLU A 53 -6.07 0.54 -6.24
C GLU A 53 -4.87 -0.42 -6.28
N ASP A 54 -3.67 0.13 -6.09
CA ASP A 54 -2.46 -0.68 -6.09
C ASP A 54 -2.13 -1.16 -4.69
N VAL A 55 -3.16 -1.52 -3.93
CA VAL A 55 -2.98 -2.02 -2.58
C VAL A 55 -4.11 -2.97 -2.18
N ASP A 56 -3.75 -3.99 -1.40
CA ASP A 56 -4.73 -4.98 -0.95
C ASP A 56 -5.72 -4.35 0.03
N PRO A 57 -6.98 -4.79 -0.04
CA PRO A 57 -8.04 -4.29 0.84
C PRO A 57 -7.87 -4.75 2.29
N ALA A 58 -7.53 -6.02 2.46
CA ALA A 58 -7.32 -6.58 3.79
C ALA A 58 -6.31 -5.76 4.58
N LYS A 59 -5.14 -5.53 3.98
CA LYS A 59 -4.08 -4.76 4.62
C LYS A 59 -4.60 -3.40 5.07
N VAL A 60 -5.34 -2.73 4.19
CA VAL A 60 -5.90 -1.43 4.51
C VAL A 60 -6.89 -1.51 5.66
N LYS A 61 -7.92 -2.32 5.50
CA LYS A 61 -8.94 -2.49 6.53
C LYS A 61 -8.30 -2.69 7.90
N GLU A 62 -7.42 -3.68 8.01
CA GLU A 62 -6.73 -3.96 9.26
C GLU A 62 -6.08 -2.71 9.83
N PHE A 63 -5.35 -2.00 8.98
CA PHE A 63 -4.67 -0.78 9.40
C PHE A 63 -5.68 0.27 9.87
N GLU A 64 -6.54 0.71 8.95
CA GLU A 64 -7.55 1.71 9.27
C GLU A 64 -8.16 1.44 10.64
N SER A 65 -8.55 0.19 10.87
CA SER A 65 -9.15 -0.20 12.14
C SER A 65 -8.27 0.21 13.32
N LEU A 66 -6.99 -0.13 13.23
CA LEU A 66 -6.05 0.20 14.29
C LEU A 66 -6.12 1.68 14.65
N GLN A 67 -6.21 2.52 13.64
CA GLN A 67 -6.30 3.97 13.85
C GLN A 67 -7.75 4.43 13.86
N VAL A 68 -7.95 5.71 14.12
CA VAL A 68 -9.30 6.29 14.16
C VAL A 68 -9.61 7.05 12.87
N GLY A 1 -9.10 -11.75 0.46
CA GLY A 1 -7.74 -11.23 0.42
C GLY A 1 -6.96 -11.75 -0.77
N SER A 2 -5.96 -12.58 -0.50
CA SER A 2 -5.12 -13.14 -1.56
C SER A 2 -5.54 -14.56 -1.90
N SER A 3 -5.87 -14.80 -3.17
CA SER A 3 -6.30 -16.12 -3.62
C SER A 3 -5.95 -16.33 -5.09
N GLY A 4 -6.23 -17.52 -5.59
CA GLY A 4 -5.94 -17.84 -6.98
C GLY A 4 -5.39 -19.24 -7.16
N SER A 5 -5.68 -19.85 -8.30
CA SER A 5 -5.21 -21.20 -8.58
C SER A 5 -3.90 -21.17 -9.37
N SER A 6 -3.85 -20.33 -10.39
CA SER A 6 -2.66 -20.20 -11.23
C SER A 6 -1.59 -19.38 -10.51
N GLY A 7 -0.35 -19.53 -10.98
CA GLY A 7 0.75 -18.81 -10.38
C GLY A 7 0.80 -17.35 -10.81
N ASN A 8 0.24 -16.47 -9.98
CA ASN A 8 0.21 -15.05 -10.28
C ASN A 8 1.43 -14.35 -9.69
N PRO A 9 1.93 -13.34 -10.42
CA PRO A 9 3.11 -12.57 -10.00
C PRO A 9 2.82 -11.68 -8.79
N ASP A 10 2.94 -12.25 -7.60
CA ASP A 10 2.69 -11.51 -6.37
C ASP A 10 3.95 -11.44 -5.51
N TYR A 11 5.09 -11.23 -6.16
CA TYR A 11 6.36 -11.13 -5.45
C TYR A 11 6.30 -10.08 -4.36
N VAL A 12 5.67 -8.95 -4.65
CA VAL A 12 5.55 -7.86 -3.70
C VAL A 12 5.22 -8.40 -2.30
N GLU A 13 5.92 -7.88 -1.30
CA GLU A 13 5.71 -8.30 0.08
C GLU A 13 5.33 -7.11 0.95
N VAL A 14 4.04 -6.79 0.99
CA VAL A 14 3.55 -5.67 1.79
C VAL A 14 3.48 -6.05 3.27
N ASP A 15 4.50 -5.63 4.02
CA ASP A 15 4.55 -5.92 5.45
C ASP A 15 3.35 -5.33 6.17
N ARG A 16 3.11 -4.04 5.95
CA ARG A 16 1.99 -3.35 6.58
C ARG A 16 1.86 -1.93 6.04
N ILE A 17 0.88 -1.20 6.57
CA ILE A 17 0.65 0.18 6.15
C ILE A 17 1.18 1.17 7.17
N LEU A 18 1.89 2.18 6.69
CA LEU A 18 2.46 3.20 7.56
C LEU A 18 1.51 4.39 7.72
N GLU A 19 1.15 5.00 6.60
CA GLU A 19 0.25 6.14 6.61
C GLU A 19 -0.42 6.32 5.25
N VAL A 20 -1.55 7.03 5.24
CA VAL A 20 -2.29 7.27 4.01
C VAL A 20 -2.45 8.77 3.75
N ALA A 21 -1.86 9.24 2.65
CA ALA A 21 -1.94 10.65 2.29
C ALA A 21 -3.01 10.87 1.22
N HIS A 22 -3.59 12.07 1.22
CA HIS A 22 -4.63 12.41 0.25
C HIS A 22 -4.23 13.65 -0.54
N THR A 23 -4.05 13.48 -1.85
CA THR A 23 -3.66 14.59 -2.72
C THR A 23 -4.34 14.48 -4.08
N LYS A 24 -4.50 15.62 -4.74
CA LYS A 24 -5.13 15.65 -6.06
C LYS A 24 -4.11 15.45 -7.16
N ASP A 25 -4.50 14.71 -8.20
CA ASP A 25 -3.61 14.44 -9.32
C ASP A 25 -3.25 15.74 -10.06
N ALA A 26 -2.22 15.67 -10.89
CA ALA A 26 -1.77 16.83 -11.65
C ALA A 26 -2.27 16.76 -13.10
N GLU A 27 -2.39 15.55 -13.62
CA GLU A 27 -2.85 15.35 -14.99
C GLU A 27 -4.35 15.60 -15.10
N THR A 28 -5.10 15.05 -14.15
CA THR A 28 -6.55 15.21 -14.14
C THR A 28 -6.99 16.23 -13.10
N GLY A 29 -6.93 15.82 -11.84
CA GLY A 29 -7.32 16.72 -10.76
C GLY A 29 -8.17 16.03 -9.72
N GLU A 30 -8.64 14.83 -10.03
CA GLU A 30 -9.48 14.06 -9.12
C GLU A 30 -8.71 13.72 -7.84
N GLU A 31 -9.39 13.82 -6.71
CA GLU A 31 -8.77 13.51 -5.43
C GLU A 31 -8.16 12.12 -5.44
N VAL A 32 -6.83 12.05 -5.42
CA VAL A 32 -6.12 10.78 -5.43
C VAL A 32 -5.70 10.38 -4.02
N THR A 33 -5.93 9.11 -3.69
CA THR A 33 -5.57 8.60 -2.37
C THR A 33 -4.28 7.78 -2.42
N HIS A 34 -3.29 8.22 -1.67
CA HIS A 34 -2.00 7.54 -1.62
C HIS A 34 -1.83 6.77 -0.32
N TYR A 35 -1.29 5.55 -0.41
CA TYR A 35 -1.09 4.72 0.77
C TYR A 35 0.37 4.27 0.86
N LEU A 36 1.06 4.73 1.90
CA LEU A 36 2.45 4.38 2.10
C LEU A 36 2.59 2.90 2.47
N VAL A 37 2.92 2.08 1.47
CA VAL A 37 3.08 0.65 1.68
C VAL A 37 4.41 0.35 2.38
N LYS A 38 4.37 -0.57 3.35
CA LYS A 38 5.56 -0.95 4.09
C LYS A 38 5.97 -2.38 3.76
N TRP A 39 7.05 -2.52 3.02
CA TRP A 39 7.56 -3.84 2.63
C TRP A 39 9.02 -4.01 3.05
N CYS A 40 9.23 -4.64 4.20
CA CYS A 40 10.58 -4.87 4.71
C CYS A 40 11.53 -5.25 3.57
N SER A 41 11.13 -6.24 2.79
CA SER A 41 11.96 -6.70 1.66
C SER A 41 12.73 -5.54 1.04
N LEU A 42 12.06 -4.39 0.93
CA LEU A 42 12.68 -3.20 0.35
C LEU A 42 13.20 -2.27 1.44
N PRO A 43 14.21 -1.45 1.10
CA PRO A 43 14.81 -0.50 2.02
C PRO A 43 13.87 0.64 2.38
N TYR A 44 13.73 0.91 3.67
CA TYR A 44 12.86 1.98 4.14
C TYR A 44 12.99 3.22 3.26
N GLU A 45 14.19 3.78 3.20
CA GLU A 45 14.44 4.96 2.40
C GLU A 45 13.65 4.92 1.10
N GLU A 46 13.45 3.71 0.58
CA GLU A 46 12.71 3.53 -0.66
C GLU A 46 11.21 3.40 -0.39
N SER A 47 10.73 4.16 0.59
CA SER A 47 9.32 4.12 0.97
C SER A 47 8.46 4.81 -0.10
N THR A 48 7.60 4.04 -0.73
CA THR A 48 6.72 4.57 -1.77
C THR A 48 5.26 4.60 -1.30
N TRP A 49 4.41 5.24 -2.09
CA TRP A 49 2.99 5.34 -1.76
C TRP A 49 2.13 4.81 -2.90
N GLU A 50 1.87 3.51 -2.88
CA GLU A 50 1.05 2.88 -3.92
C GLU A 50 -0.43 3.21 -3.71
N LEU A 51 -1.08 3.62 -4.80
CA LEU A 51 -2.50 3.95 -4.74
C LEU A 51 -3.30 2.88 -3.99
N GLU A 52 -4.50 3.23 -3.57
CA GLU A 52 -5.36 2.31 -2.85
C GLU A 52 -5.64 1.06 -3.70
N GLU A 53 -5.82 1.25 -4.99
CA GLU A 53 -6.09 0.15 -5.91
C GLU A 53 -5.00 -0.91 -5.81
N ASP A 54 -3.77 -0.53 -6.16
CA ASP A 54 -2.65 -1.45 -6.11
C ASP A 54 -2.51 -2.07 -4.72
N VAL A 55 -2.76 -1.26 -3.70
CA VAL A 55 -2.65 -1.73 -2.32
C VAL A 55 -3.83 -2.62 -1.95
N ASP A 56 -3.53 -3.84 -1.52
CA ASP A 56 -4.55 -4.80 -1.15
C ASP A 56 -5.58 -4.16 -0.21
N PRO A 57 -6.86 -4.48 -0.42
CA PRO A 57 -7.96 -3.94 0.39
C PRO A 57 -7.95 -4.49 1.81
N ALA A 58 -7.70 -5.79 1.95
CA ALA A 58 -7.65 -6.43 3.25
C ALA A 58 -6.72 -5.69 4.20
N LYS A 59 -5.46 -5.51 3.78
CA LYS A 59 -4.48 -4.82 4.59
C LYS A 59 -5.02 -3.49 5.09
N VAL A 60 -5.62 -2.71 4.18
CA VAL A 60 -6.18 -1.41 4.54
C VAL A 60 -7.06 -1.52 5.77
N LYS A 61 -8.05 -2.41 5.71
CA LYS A 61 -8.98 -2.60 6.83
C LYS A 61 -8.21 -2.75 8.14
N GLU A 62 -7.17 -3.59 8.13
CA GLU A 62 -6.37 -3.81 9.32
C GLU A 62 -5.75 -2.51 9.81
N PHE A 63 -5.13 -1.77 8.90
CA PHE A 63 -4.50 -0.49 9.23
C PHE A 63 -5.45 0.39 10.04
N GLU A 64 -6.59 0.71 9.44
CA GLU A 64 -7.58 1.56 10.10
C GLU A 64 -8.01 0.95 11.44
N SER A 65 -8.17 -0.37 11.46
CA SER A 65 -8.57 -1.07 12.68
C SER A 65 -7.52 -0.92 13.77
N LEU A 66 -6.25 -0.97 13.37
CA LEU A 66 -5.15 -0.84 14.32
C LEU A 66 -5.00 0.60 14.79
N GLN A 67 -4.75 1.51 13.85
CA GLN A 67 -4.60 2.92 14.17
C GLN A 67 -5.93 3.54 14.59
N VAL A 68 -5.88 4.46 15.55
CA VAL A 68 -7.08 5.12 16.04
C VAL A 68 -7.92 5.65 14.88
N GLY A 1 -4.14 -17.77 2.49
CA GLY A 1 -3.87 -19.17 2.76
C GLY A 1 -3.05 -19.84 1.66
N SER A 2 -1.74 -19.64 1.70
CA SER A 2 -0.85 -20.21 0.70
C SER A 2 -1.46 -20.10 -0.69
N SER A 3 -2.07 -18.95 -0.97
CA SER A 3 -2.69 -18.72 -2.26
C SER A 3 -1.84 -17.79 -3.12
N GLY A 4 -1.51 -18.24 -4.33
CA GLY A 4 -0.69 -17.44 -5.23
C GLY A 4 0.03 -18.28 -6.26
N SER A 5 0.86 -17.64 -7.07
CA SER A 5 1.61 -18.33 -8.11
C SER A 5 2.87 -18.96 -7.53
N SER A 6 3.50 -19.83 -8.31
CA SER A 6 4.72 -20.51 -7.88
C SER A 6 5.94 -19.62 -8.11
N GLY A 7 5.83 -18.35 -7.73
CA GLY A 7 6.93 -17.43 -7.90
C GLY A 7 6.88 -16.29 -6.90
N ASN A 8 7.68 -16.40 -5.84
CA ASN A 8 7.74 -15.37 -4.81
C ASN A 8 9.13 -14.74 -4.73
N PRO A 9 9.37 -13.74 -5.59
CA PRO A 9 10.65 -13.04 -5.64
C PRO A 9 10.88 -12.17 -4.41
N ASP A 10 9.90 -12.15 -3.51
CA ASP A 10 10.00 -11.36 -2.30
C ASP A 10 10.16 -9.88 -2.62
N TYR A 11 9.57 -9.45 -3.73
CA TYR A 11 9.64 -8.06 -4.15
C TYR A 11 8.35 -7.32 -3.86
N VAL A 12 7.22 -7.98 -4.14
CA VAL A 12 5.91 -7.39 -3.89
C VAL A 12 5.48 -7.58 -2.45
N GLU A 13 6.32 -8.26 -1.67
CA GLU A 13 6.02 -8.51 -0.27
C GLU A 13 5.86 -7.19 0.50
N VAL A 14 4.74 -7.07 1.22
CA VAL A 14 4.48 -5.87 1.99
C VAL A 14 4.48 -6.17 3.49
N ASP A 15 5.19 -5.35 4.25
CA ASP A 15 5.28 -5.52 5.69
C ASP A 15 4.02 -5.01 6.39
N ARG A 16 3.71 -3.73 6.16
CA ARG A 16 2.54 -3.11 6.76
C ARG A 16 2.28 -1.74 6.17
N ILE A 17 1.29 -1.03 6.71
CA ILE A 17 0.94 0.30 6.23
C ILE A 17 1.39 1.37 7.21
N LEU A 18 2.44 2.09 6.85
CA LEU A 18 2.97 3.15 7.70
C LEU A 18 1.92 4.25 7.93
N GLU A 19 1.65 5.02 6.88
CA GLU A 19 0.67 6.09 6.96
C GLU A 19 -0.02 6.31 5.62
N VAL A 20 -1.07 7.12 5.62
CA VAL A 20 -1.82 7.40 4.40
C VAL A 20 -1.71 8.87 4.01
N ALA A 21 -1.77 9.14 2.71
CA ALA A 21 -1.66 10.50 2.21
C ALA A 21 -2.78 10.81 1.21
N HIS A 22 -3.49 11.91 1.45
CA HIS A 22 -4.59 12.30 0.58
C HIS A 22 -4.29 13.64 -0.10
N THR A 23 -4.24 13.63 -1.43
CA THR A 23 -3.96 14.84 -2.19
C THR A 23 -4.88 14.94 -3.42
N LYS A 24 -4.89 16.11 -4.03
CA LYS A 24 -5.71 16.35 -5.21
C LYS A 24 -4.89 16.94 -6.35
N ASP A 25 -4.81 16.22 -7.46
CA ASP A 25 -4.05 16.67 -8.62
C ASP A 25 -4.43 18.10 -9.00
N ALA A 26 -3.60 18.74 -9.80
CA ALA A 26 -3.85 20.11 -10.23
C ALA A 26 -4.47 20.14 -11.63
N GLU A 27 -4.03 19.23 -12.49
CA GLU A 27 -4.54 19.16 -13.85
C GLU A 27 -6.04 18.87 -13.85
N THR A 28 -6.42 17.74 -13.26
CA THR A 28 -7.83 17.35 -13.20
C THR A 28 -8.49 17.91 -11.95
N GLY A 29 -8.09 17.39 -10.80
CA GLY A 29 -8.66 17.85 -9.54
C GLY A 29 -9.61 16.85 -8.93
N GLU A 30 -9.12 15.63 -8.70
CA GLU A 30 -9.93 14.57 -8.11
C GLU A 30 -9.32 14.07 -6.81
N GLU A 31 -10.14 13.41 -6.00
CA GLU A 31 -9.68 12.88 -4.72
C GLU A 31 -8.68 11.74 -4.93
N VAL A 32 -7.40 12.08 -4.92
CA VAL A 32 -6.34 11.09 -5.11
C VAL A 32 -5.89 10.52 -3.77
N THR A 33 -6.27 9.27 -3.52
CA THR A 33 -5.91 8.60 -2.28
C THR A 33 -4.60 7.83 -2.43
N HIS A 34 -3.66 8.08 -1.52
CA HIS A 34 -2.36 7.41 -1.55
C HIS A 34 -2.09 6.70 -0.23
N TYR A 35 -1.49 5.52 -0.33
CA TYR A 35 -1.17 4.73 0.86
C TYR A 35 0.30 4.35 0.88
N LEU A 36 1.01 4.77 1.93
CA LEU A 36 2.43 4.47 2.08
C LEU A 36 2.65 2.99 2.33
N VAL A 37 3.08 2.27 1.30
CA VAL A 37 3.33 0.84 1.42
C VAL A 37 4.72 0.58 2.01
N LYS A 38 4.75 -0.07 3.17
CA LYS A 38 6.01 -0.40 3.83
C LYS A 38 6.41 -1.85 3.58
N TRP A 39 7.37 -2.05 2.69
CA TRP A 39 7.85 -3.40 2.36
C TRP A 39 9.33 -3.53 2.65
N CYS A 40 9.65 -4.04 3.84
CA CYS A 40 11.04 -4.22 4.24
C CYS A 40 11.91 -4.63 3.06
N SER A 41 11.47 -5.65 2.32
CA SER A 41 12.20 -6.14 1.17
C SER A 41 12.92 -4.99 0.45
N LEU A 42 12.19 -3.88 0.26
CA LEU A 42 12.74 -2.72 -0.41
C LEU A 42 13.34 -1.75 0.60
N PRO A 43 14.26 -0.89 0.13
CA PRO A 43 14.93 0.11 0.97
C PRO A 43 13.99 1.21 1.41
N TYR A 44 13.82 1.36 2.73
CA TYR A 44 12.95 2.38 3.28
C TYR A 44 13.05 3.68 2.48
N GLU A 45 14.27 4.18 2.34
CA GLU A 45 14.51 5.41 1.60
C GLU A 45 13.57 5.52 0.40
N GLU A 46 13.36 4.40 -0.27
CA GLU A 46 12.49 4.37 -1.45
C GLU A 46 11.05 4.09 -1.04
N SER A 47 10.63 4.68 0.08
CA SER A 47 9.27 4.50 0.57
C SER A 47 8.26 5.18 -0.34
N THR A 48 7.60 4.38 -1.18
CA THR A 48 6.61 4.90 -2.10
C THR A 48 5.20 4.77 -1.53
N TRP A 49 4.25 5.42 -2.18
CA TRP A 49 2.85 5.38 -1.73
C TRP A 49 1.96 4.81 -2.82
N GLU A 50 1.76 3.49 -2.78
CA GLU A 50 0.92 2.82 -3.76
C GLU A 50 -0.55 3.19 -3.57
N LEU A 51 -1.24 3.42 -4.69
CA LEU A 51 -2.65 3.79 -4.65
C LEU A 51 -3.50 2.66 -4.08
N GLU A 52 -4.65 3.02 -3.51
CA GLU A 52 -5.55 2.02 -2.93
C GLU A 52 -5.71 0.82 -3.87
N GLU A 53 -5.76 1.10 -5.17
CA GLU A 53 -5.93 0.05 -6.16
C GLU A 53 -4.89 -1.05 -5.96
N ASP A 54 -3.61 -0.66 -6.00
CA ASP A 54 -2.53 -1.62 -5.83
C ASP A 54 -2.58 -2.27 -4.45
N VAL A 55 -2.84 -1.45 -3.43
CA VAL A 55 -2.93 -1.94 -2.06
C VAL A 55 -4.25 -2.66 -1.81
N ASP A 56 -4.19 -3.97 -1.66
CA ASP A 56 -5.38 -4.77 -1.42
C ASP A 56 -6.23 -4.16 -0.31
N PRO A 57 -7.55 -4.43 -0.35
CA PRO A 57 -8.50 -3.91 0.64
C PRO A 57 -8.31 -4.54 2.01
N ALA A 58 -7.77 -5.76 2.02
CA ALA A 58 -7.54 -6.48 3.27
C ALA A 58 -6.48 -5.79 4.11
N LYS A 59 -5.38 -5.42 3.48
CA LYS A 59 -4.28 -4.75 4.16
C LYS A 59 -4.75 -3.44 4.80
N VAL A 60 -5.43 -2.62 4.00
CA VAL A 60 -5.94 -1.34 4.48
C VAL A 60 -6.84 -1.53 5.71
N LYS A 61 -7.71 -2.52 5.63
CA LYS A 61 -8.63 -2.82 6.73
C LYS A 61 -7.89 -2.89 8.05
N GLU A 62 -6.79 -3.63 8.08
CA GLU A 62 -5.98 -3.77 9.29
C GLU A 62 -5.52 -2.41 9.81
N PHE A 63 -4.87 -1.64 8.95
CA PHE A 63 -4.37 -0.32 9.32
C PHE A 63 -5.50 0.51 9.92
N GLU A 64 -6.59 0.67 9.17
CA GLU A 64 -7.73 1.45 9.64
C GLU A 64 -8.25 0.91 10.97
N SER A 65 -8.66 -0.35 10.98
CA SER A 65 -9.19 -0.97 12.18
C SER A 65 -8.31 -0.66 13.38
N LEU A 66 -7.00 -0.77 13.20
CA LEU A 66 -6.04 -0.50 14.27
C LEU A 66 -5.24 0.76 13.97
N GLN A 67 -5.84 1.91 14.26
CA GLN A 67 -5.17 3.19 14.02
C GLN A 67 -4.04 3.41 15.02
N VAL A 68 -2.96 4.03 14.55
CA VAL A 68 -1.81 4.30 15.41
C VAL A 68 -2.24 4.63 16.83
N GLY A 1 -9.20 -15.00 0.99
CA GLY A 1 -9.16 -16.45 0.92
C GLY A 1 -8.24 -16.95 -0.18
N SER A 2 -8.58 -18.10 -0.76
CA SER A 2 -7.77 -18.69 -1.82
C SER A 2 -8.60 -18.89 -3.09
N SER A 3 -8.19 -18.23 -4.16
CA SER A 3 -8.90 -18.34 -5.43
C SER A 3 -8.41 -19.55 -6.23
N GLY A 4 -7.16 -19.95 -5.99
CA GLY A 4 -6.60 -21.09 -6.68
C GLY A 4 -6.37 -20.81 -8.16
N SER A 5 -5.80 -19.65 -8.46
CA SER A 5 -5.54 -19.26 -9.84
C SER A 5 -4.06 -18.94 -10.04
N SER A 6 -3.66 -18.71 -11.29
CA SER A 6 -2.28 -18.40 -11.61
C SER A 6 -1.77 -17.23 -10.77
N GLY A 7 -0.49 -17.27 -10.42
CA GLY A 7 0.11 -16.22 -9.62
C GLY A 7 1.36 -15.64 -10.25
N ASN A 8 1.47 -14.32 -10.25
CA ASN A 8 2.63 -13.65 -10.82
C ASN A 8 3.83 -13.75 -9.88
N PRO A 9 5.04 -13.75 -10.47
CA PRO A 9 6.28 -13.83 -9.71
C PRO A 9 6.56 -12.56 -8.89
N ASP A 10 5.63 -11.62 -8.95
CA ASP A 10 5.77 -10.37 -8.22
C ASP A 10 6.11 -10.62 -6.76
N TYR A 11 7.40 -10.54 -6.44
CA TYR A 11 7.87 -10.77 -5.08
C TYR A 11 7.44 -9.64 -4.16
N VAL A 12 6.21 -9.71 -3.66
CA VAL A 12 5.67 -8.69 -2.77
C VAL A 12 5.35 -9.28 -1.40
N GLU A 13 5.47 -8.45 -0.37
CA GLU A 13 5.20 -8.87 0.99
C GLU A 13 4.21 -7.94 1.68
N VAL A 14 4.57 -6.66 1.75
CA VAL A 14 3.71 -5.66 2.37
C VAL A 14 3.64 -5.87 3.88
N ASP A 15 4.80 -5.96 4.51
CA ASP A 15 4.87 -6.17 5.96
C ASP A 15 3.74 -5.42 6.66
N ARG A 16 3.59 -4.14 6.33
CA ARG A 16 2.55 -3.30 6.93
C ARG A 16 2.51 -1.93 6.28
N ILE A 17 1.57 -1.10 6.72
CA ILE A 17 1.43 0.25 6.19
C ILE A 17 1.91 1.30 7.19
N LEU A 18 2.80 2.17 6.74
CA LEU A 18 3.33 3.23 7.59
C LEU A 18 2.29 4.31 7.84
N GLU A 19 1.97 5.05 6.79
CA GLU A 19 0.99 6.13 6.89
C GLU A 19 0.13 6.21 5.63
N VAL A 20 -0.89 7.05 5.66
CA VAL A 20 -1.78 7.22 4.52
C VAL A 20 -1.93 8.69 4.15
N ALA A 21 -2.13 8.95 2.86
CA ALA A 21 -2.30 10.32 2.38
C ALA A 21 -3.42 10.41 1.36
N HIS A 22 -4.10 11.56 1.34
CA HIS A 22 -5.21 11.77 0.41
C HIS A 22 -4.99 13.04 -0.42
N THR A 23 -5.12 12.90 -1.74
CA THR A 23 -4.93 14.03 -2.64
C THR A 23 -5.95 14.00 -3.77
N LYS A 24 -6.45 15.18 -4.15
CA LYS A 24 -7.44 15.29 -5.22
C LYS A 24 -6.82 15.94 -6.45
N ASP A 25 -7.05 15.35 -7.61
CA ASP A 25 -6.52 15.87 -8.86
C ASP A 25 -7.14 17.24 -9.18
N ALA A 26 -6.42 18.05 -9.95
CA ALA A 26 -6.89 19.37 -10.32
C ALA A 26 -7.28 19.43 -11.80
N GLU A 27 -6.44 18.83 -12.64
CA GLU A 27 -6.68 18.80 -14.08
C GLU A 27 -7.99 18.09 -14.39
N THR A 28 -8.14 16.87 -13.86
CA THR A 28 -9.34 16.09 -14.09
C THR A 28 -10.32 16.23 -12.93
N GLY A 29 -9.78 16.29 -11.70
CA GLY A 29 -10.63 16.42 -10.53
C GLY A 29 -10.70 15.14 -9.73
N GLU A 30 -10.71 14.01 -10.42
CA GLU A 30 -10.78 12.71 -9.76
C GLU A 30 -9.95 12.70 -8.48
N GLU A 31 -10.41 11.95 -7.49
CA GLU A 31 -9.72 11.86 -6.21
C GLU A 31 -8.71 10.72 -6.22
N VAL A 32 -7.45 11.05 -5.98
CA VAL A 32 -6.38 10.05 -5.95
C VAL A 32 -5.86 9.83 -4.54
N THR A 33 -5.98 8.60 -4.05
CA THR A 33 -5.52 8.27 -2.71
C THR A 33 -4.14 7.61 -2.76
N HIS A 34 -3.35 7.86 -1.71
CA HIS A 34 -2.00 7.30 -1.64
C HIS A 34 -1.80 6.55 -0.31
N TYR A 35 -1.24 5.35 -0.40
CA TYR A 35 -0.99 4.54 0.78
C TYR A 35 0.46 4.11 0.86
N LEU A 36 1.17 4.60 1.88
CA LEU A 36 2.58 4.25 2.06
C LEU A 36 2.74 2.80 2.48
N VAL A 37 2.98 1.93 1.49
CA VAL A 37 3.16 0.51 1.76
C VAL A 37 4.53 0.22 2.36
N LYS A 38 4.53 -0.34 3.56
CA LYS A 38 5.77 -0.67 4.25
C LYS A 38 6.11 -2.14 4.10
N TRP A 39 6.96 -2.46 3.13
CA TRP A 39 7.35 -3.84 2.89
C TRP A 39 8.84 -4.04 3.20
N CYS A 40 9.13 -4.50 4.42
CA CYS A 40 10.50 -4.72 4.84
C CYS A 40 11.32 -5.35 3.71
N SER A 41 10.79 -6.42 3.13
CA SER A 41 11.47 -7.11 2.04
C SER A 41 12.27 -6.14 1.19
N LEU A 42 11.70 -4.95 0.97
CA LEU A 42 12.35 -3.93 0.17
C LEU A 42 13.04 -2.89 1.06
N PRO A 43 14.04 -2.20 0.50
CA PRO A 43 14.80 -1.18 1.22
C PRO A 43 13.96 0.07 1.50
N TYR A 44 14.15 0.64 2.69
CA TYR A 44 13.42 1.84 3.08
C TYR A 44 13.25 2.79 1.90
N GLU A 45 14.34 3.03 1.18
CA GLU A 45 14.31 3.92 0.02
C GLU A 45 13.17 3.57 -0.91
N GLU A 46 12.98 2.26 -1.13
CA GLU A 46 11.92 1.79 -2.01
C GLU A 46 10.56 2.27 -1.53
N SER A 47 10.45 2.54 -0.22
CA SER A 47 9.20 3.00 0.36
C SER A 47 8.42 3.85 -0.62
N THR A 48 7.30 3.31 -1.10
CA THR A 48 6.46 4.03 -2.05
C THR A 48 5.04 4.18 -1.52
N TRP A 49 4.27 5.06 -2.15
CA TRP A 49 2.89 5.29 -1.73
C TRP A 49 1.91 4.76 -2.78
N GLU A 50 1.78 3.44 -2.83
CA GLU A 50 0.88 2.80 -3.79
C GLU A 50 -0.57 3.22 -3.53
N LEU A 51 -1.26 3.60 -4.60
CA LEU A 51 -2.66 4.03 -4.49
C LEU A 51 -3.50 2.96 -3.81
N GLU A 52 -4.73 3.33 -3.46
CA GLU A 52 -5.64 2.39 -2.80
C GLU A 52 -5.98 1.23 -3.73
N GLU A 53 -6.20 1.53 -5.01
CA GLU A 53 -6.53 0.51 -5.98
C GLU A 53 -5.41 -0.51 -6.11
N ASP A 54 -4.18 -0.02 -6.23
CA ASP A 54 -3.02 -0.89 -6.35
C ASP A 54 -2.81 -1.70 -5.08
N VAL A 55 -2.98 -1.05 -3.94
CA VAL A 55 -2.81 -1.72 -2.65
C VAL A 55 -4.01 -2.59 -2.31
N ASP A 56 -3.75 -3.75 -1.72
CA ASP A 56 -4.81 -4.67 -1.34
C ASP A 56 -5.73 -4.06 -0.29
N PRO A 57 -7.03 -4.32 -0.42
CA PRO A 57 -8.04 -3.80 0.51
C PRO A 57 -7.95 -4.44 1.88
N ALA A 58 -7.57 -5.72 1.91
CA ALA A 58 -7.44 -6.45 3.16
C ALA A 58 -6.43 -5.78 4.09
N LYS A 59 -5.26 -5.47 3.55
CA LYS A 59 -4.20 -4.82 4.33
C LYS A 59 -4.70 -3.51 4.93
N VAL A 60 -5.34 -2.69 4.10
CA VAL A 60 -5.86 -1.40 4.56
C VAL A 60 -6.79 -1.58 5.76
N LYS A 61 -7.85 -2.37 5.56
CA LYS A 61 -8.81 -2.62 6.63
C LYS A 61 -8.12 -2.74 7.98
N GLU A 62 -7.15 -3.65 8.06
CA GLU A 62 -6.40 -3.86 9.30
C GLU A 62 -5.81 -2.55 9.80
N PHE A 63 -4.99 -1.91 8.97
CA PHE A 63 -4.37 -0.65 9.33
C PHE A 63 -5.39 0.33 9.92
N GLU A 64 -6.58 0.35 9.33
CA GLU A 64 -7.63 1.24 9.79
C GLU A 64 -8.19 0.77 11.13
N SER A 65 -8.44 -0.53 11.24
CA SER A 65 -8.98 -1.11 12.46
C SER A 65 -8.34 -0.46 13.69
N LEU A 66 -7.06 -0.11 13.57
CA LEU A 66 -6.34 0.51 14.67
C LEU A 66 -6.66 2.00 14.76
N GLN A 67 -6.22 2.77 13.77
CA GLN A 67 -6.46 4.20 13.74
C GLN A 67 -6.28 4.81 15.13
N VAL A 68 -5.27 4.35 15.84
CA VAL A 68 -4.99 4.85 17.18
C VAL A 68 -4.99 6.38 17.21
N GLY A 1 -3.67 -30.55 -15.57
CA GLY A 1 -4.15 -29.74 -14.46
C GLY A 1 -3.20 -29.73 -13.29
N SER A 2 -3.15 -30.84 -12.56
CA SER A 2 -2.27 -30.96 -11.39
C SER A 2 -0.80 -30.96 -11.81
N SER A 3 -0.05 -30.00 -11.31
CA SER A 3 1.37 -29.89 -11.64
C SER A 3 2.20 -29.64 -10.38
N GLY A 4 3.52 -29.59 -10.55
CA GLY A 4 4.40 -29.36 -9.42
C GLY A 4 3.84 -28.34 -8.44
N SER A 5 4.14 -27.07 -8.67
CA SER A 5 3.66 -26.00 -7.80
C SER A 5 2.93 -24.94 -8.60
N SER A 6 1.82 -24.44 -8.04
CA SER A 6 1.02 -23.42 -8.70
C SER A 6 0.93 -22.16 -7.85
N GLY A 7 1.53 -21.08 -8.34
CA GLY A 7 1.51 -19.83 -7.60
C GLY A 7 0.90 -18.70 -8.41
N ASN A 8 1.03 -17.48 -7.90
CA ASN A 8 0.49 -16.31 -8.58
C ASN A 8 1.60 -15.51 -9.25
N PRO A 9 1.29 -14.93 -10.43
CA PRO A 9 2.25 -14.13 -11.20
C PRO A 9 2.57 -12.80 -10.52
N ASP A 10 1.55 -12.22 -9.87
CA ASP A 10 1.73 -10.94 -9.18
C ASP A 10 3.00 -10.95 -8.33
N TYR A 11 3.91 -10.03 -8.63
CA TYR A 11 5.17 -9.93 -7.89
C TYR A 11 5.14 -8.76 -6.93
N VAL A 12 4.80 -9.06 -5.67
CA VAL A 12 4.74 -8.02 -4.64
C VAL A 12 4.61 -8.64 -3.25
N GLU A 13 5.29 -8.05 -2.28
CA GLU A 13 5.26 -8.54 -0.91
C GLU A 13 4.97 -7.41 0.07
N VAL A 14 3.69 -7.07 0.22
CA VAL A 14 3.28 -6.00 1.12
C VAL A 14 3.33 -6.46 2.57
N ASP A 15 4.41 -6.12 3.25
CA ASP A 15 4.58 -6.50 4.65
C ASP A 15 3.54 -5.82 5.53
N ARG A 16 3.39 -4.52 5.36
CA ARG A 16 2.42 -3.75 6.14
C ARG A 16 2.37 -2.30 5.67
N ILE A 17 1.43 -1.53 6.23
CA ILE A 17 1.29 -0.13 5.87
C ILE A 17 1.78 0.78 6.98
N LEU A 18 2.41 1.89 6.61
CA LEU A 18 2.92 2.85 7.58
C LEU A 18 1.88 3.93 7.88
N GLU A 19 1.61 4.78 6.90
CA GLU A 19 0.63 5.84 7.07
C GLU A 19 -0.15 6.07 5.78
N VAL A 20 -1.16 6.93 5.84
CA VAL A 20 -1.99 7.23 4.68
C VAL A 20 -2.05 8.73 4.43
N ALA A 21 -2.29 9.11 3.18
CA ALA A 21 -2.39 10.51 2.80
C ALA A 21 -3.40 10.72 1.68
N HIS A 22 -4.06 11.87 1.70
CA HIS A 22 -5.05 12.20 0.68
C HIS A 22 -4.65 13.45 -0.10
N THR A 23 -4.59 13.32 -1.42
CA THR A 23 -4.22 14.44 -2.29
C THR A 23 -5.02 14.43 -3.58
N LYS A 24 -4.99 15.55 -4.30
CA LYS A 24 -5.71 15.67 -5.56
C LYS A 24 -4.75 15.89 -6.71
N ASP A 25 -4.98 15.18 -7.81
CA ASP A 25 -4.14 15.31 -9.00
C ASP A 25 -3.97 16.77 -9.40
N ALA A 26 -2.98 17.05 -10.23
CA ALA A 26 -2.72 18.41 -10.68
C ALA A 26 -3.26 18.62 -12.10
N GLU A 27 -4.44 18.08 -12.37
CA GLU A 27 -5.07 18.22 -13.68
C GLU A 27 -6.46 18.84 -13.56
N THR A 28 -7.41 18.05 -13.07
CA THR A 28 -8.78 18.53 -12.90
C THR A 28 -9.12 18.73 -11.43
N GLY A 29 -8.59 17.85 -10.58
CA GLY A 29 -8.85 17.96 -9.16
C GLY A 29 -9.56 16.73 -8.61
N GLU A 30 -9.25 15.57 -9.18
CA GLU A 30 -9.87 14.32 -8.74
C GLU A 30 -9.26 13.85 -7.42
N GLU A 31 -10.02 13.05 -6.69
CA GLU A 31 -9.56 12.53 -5.40
C GLU A 31 -8.56 11.39 -5.60
N VAL A 32 -7.31 11.64 -5.23
CA VAL A 32 -6.26 10.64 -5.36
C VAL A 32 -5.69 10.26 -4.00
N THR A 33 -6.16 9.14 -3.46
CA THR A 33 -5.70 8.66 -2.17
C THR A 33 -4.43 7.83 -2.31
N HIS A 34 -3.41 8.15 -1.51
CA HIS A 34 -2.16 7.41 -1.55
C HIS A 34 -1.94 6.65 -0.25
N TYR A 35 -1.40 5.43 -0.38
CA TYR A 35 -1.15 4.58 0.78
C TYR A 35 0.33 4.17 0.84
N LEU A 36 0.99 4.52 1.94
CA LEU A 36 2.39 4.19 2.13
C LEU A 36 2.57 2.70 2.40
N VAL A 37 2.80 1.94 1.33
CA VAL A 37 2.99 0.50 1.46
C VAL A 37 4.39 0.17 1.98
N LYS A 38 4.43 -0.40 3.19
CA LYS A 38 5.70 -0.76 3.80
C LYS A 38 6.03 -2.24 3.53
N TRP A 39 6.88 -2.47 2.54
CA TRP A 39 7.28 -3.82 2.18
C TRP A 39 8.74 -4.07 2.54
N CYS A 40 9.11 -5.34 2.68
CA CYS A 40 10.48 -5.71 3.03
C CYS A 40 11.29 -6.00 1.77
N SER A 41 10.76 -6.85 0.91
CA SER A 41 11.44 -7.22 -0.32
C SER A 41 12.16 -6.02 -0.93
N LEU A 42 11.64 -4.82 -0.64
CA LEU A 42 12.23 -3.60 -1.16
C LEU A 42 12.87 -2.79 -0.03
N PRO A 43 13.92 -2.02 -0.39
CA PRO A 43 14.64 -1.19 0.58
C PRO A 43 13.82 -0.01 1.07
N TYR A 44 13.79 0.19 2.38
CA TYR A 44 13.04 1.28 2.98
C TYR A 44 13.32 2.60 2.26
N GLU A 45 14.61 2.90 2.08
CA GLU A 45 15.00 4.13 1.41
C GLU A 45 14.15 4.38 0.16
N GLU A 46 13.58 3.31 -0.38
CA GLU A 46 12.74 3.40 -1.57
C GLU A 46 11.27 3.33 -1.20
N SER A 47 10.93 3.86 -0.02
CA SER A 47 9.54 3.84 0.44
C SER A 47 8.64 4.60 -0.52
N THR A 48 7.63 3.91 -1.03
CA THR A 48 6.69 4.52 -1.96
C THR A 48 5.25 4.45 -1.44
N TRP A 49 4.35 5.15 -2.10
CA TRP A 49 2.95 5.17 -1.69
C TRP A 49 2.04 4.74 -2.84
N GLU A 50 1.70 3.46 -2.87
CA GLU A 50 0.84 2.93 -3.92
C GLU A 50 -0.60 3.37 -3.72
N LEU A 51 -1.26 3.74 -4.81
CA LEU A 51 -2.65 4.18 -4.75
C LEU A 51 -3.51 3.17 -4.01
N GLU A 52 -4.79 3.52 -3.82
CA GLU A 52 -5.72 2.64 -3.12
C GLU A 52 -6.22 1.54 -4.05
N GLU A 53 -5.62 1.44 -5.23
CA GLU A 53 -6.01 0.43 -6.21
C GLU A 53 -4.94 -0.65 -6.33
N ASP A 54 -3.68 -0.23 -6.24
CA ASP A 54 -2.56 -1.17 -6.35
C ASP A 54 -2.15 -1.68 -4.97
N VAL A 55 -3.12 -1.75 -4.06
CA VAL A 55 -2.85 -2.22 -2.71
C VAL A 55 -3.96 -3.16 -2.23
N ASP A 56 -3.57 -4.18 -1.48
CA ASP A 56 -4.52 -5.15 -0.95
C ASP A 56 -5.53 -4.48 -0.02
N PRO A 57 -6.81 -4.89 -0.12
CA PRO A 57 -7.89 -4.35 0.71
C PRO A 57 -7.76 -4.75 2.17
N ALA A 58 -7.33 -5.99 2.40
CA ALA A 58 -7.17 -6.51 3.76
C ALA A 58 -6.21 -5.63 4.56
N LYS A 59 -5.00 -5.45 4.02
CA LYS A 59 -4.00 -4.63 4.69
C LYS A 59 -4.56 -3.28 5.09
N VAL A 60 -5.24 -2.62 4.16
CA VAL A 60 -5.84 -1.32 4.42
C VAL A 60 -6.84 -1.38 5.56
N LYS A 61 -7.72 -2.39 5.52
CA LYS A 61 -8.72 -2.58 6.55
C LYS A 61 -8.07 -2.63 7.93
N GLU A 62 -7.15 -3.57 8.11
CA GLU A 62 -6.46 -3.73 9.39
C GLU A 62 -5.82 -2.42 9.82
N PHE A 63 -5.13 -1.76 8.89
CA PHE A 63 -4.46 -0.50 9.18
C PHE A 63 -5.46 0.54 9.69
N GLU A 64 -6.66 0.52 9.12
CA GLU A 64 -7.70 1.47 9.52
C GLU A 64 -8.22 1.13 10.92
N SER A 65 -8.50 -0.14 11.16
CA SER A 65 -9.01 -0.59 12.45
C SER A 65 -8.19 0.01 13.59
N LEU A 66 -6.92 0.29 13.31
CA LEU A 66 -6.03 0.86 14.32
C LEU A 66 -6.47 2.27 14.71
N GLN A 67 -6.43 3.18 13.74
CA GLN A 67 -6.83 4.57 13.99
C GLN A 67 -8.08 4.91 13.19
N VAL A 68 -9.04 5.55 13.86
CA VAL A 68 -10.29 5.94 13.22
C VAL A 68 -10.03 6.81 12.00
N GLY A 1 21.40 -22.20 -8.45
CA GLY A 1 20.80 -21.60 -7.28
C GLY A 1 19.36 -22.03 -7.06
N SER A 2 18.50 -21.68 -8.01
CA SER A 2 17.09 -22.03 -7.93
C SER A 2 16.84 -23.41 -8.51
N SER A 3 17.51 -23.72 -9.61
CA SER A 3 17.37 -25.00 -10.27
C SER A 3 15.90 -25.40 -10.37
N GLY A 4 15.08 -24.46 -10.83
CA GLY A 4 13.65 -24.73 -10.96
C GLY A 4 13.01 -23.92 -12.07
N SER A 5 12.57 -22.71 -11.76
CA SER A 5 11.93 -21.85 -12.74
C SER A 5 12.68 -20.52 -12.86
N SER A 6 12.55 -19.87 -14.01
CA SER A 6 13.21 -18.60 -14.26
C SER A 6 12.34 -17.44 -13.79
N GLY A 7 11.05 -17.49 -14.14
CA GLY A 7 10.14 -16.44 -13.75
C GLY A 7 8.78 -16.98 -13.34
N ASN A 8 7.96 -16.13 -12.73
CA ASN A 8 6.63 -16.53 -12.29
C ASN A 8 5.75 -15.30 -12.06
N PRO A 9 4.44 -15.44 -12.39
CA PRO A 9 3.47 -14.36 -12.22
C PRO A 9 3.18 -14.07 -10.76
N ASP A 10 4.03 -13.26 -10.13
CA ASP A 10 3.86 -12.90 -8.73
C ASP A 10 4.90 -11.87 -8.31
N TYR A 11 4.43 -10.82 -7.62
CA TYR A 11 5.32 -9.76 -7.16
C TYR A 11 5.71 -9.97 -5.70
N VAL A 12 6.67 -9.19 -5.23
CA VAL A 12 7.13 -9.28 -3.85
C VAL A 12 5.97 -9.15 -2.87
N GLU A 13 6.20 -9.59 -1.63
CA GLU A 13 5.16 -9.52 -0.59
C GLU A 13 5.31 -8.24 0.22
N VAL A 14 4.19 -7.76 0.75
CA VAL A 14 4.18 -6.54 1.55
C VAL A 14 4.18 -6.86 3.05
N ASP A 15 4.98 -6.13 3.80
CA ASP A 15 5.07 -6.34 5.24
C ASP A 15 3.88 -5.72 5.96
N ARG A 16 3.70 -4.42 5.78
CA ARG A 16 2.60 -3.70 6.42
C ARG A 16 2.50 -2.27 5.89
N ILE A 17 1.57 -1.51 6.45
CA ILE A 17 1.37 -0.12 6.03
C ILE A 17 1.72 0.84 7.17
N LEU A 18 2.28 1.99 6.80
CA LEU A 18 2.66 3.00 7.79
C LEU A 18 1.54 4.02 7.99
N GLU A 19 1.35 4.88 6.98
CA GLU A 19 0.32 5.90 7.05
C GLU A 19 -0.40 6.04 5.71
N VAL A 20 -1.48 6.81 5.69
CA VAL A 20 -2.25 7.02 4.47
C VAL A 20 -2.41 8.50 4.17
N ALA A 21 -2.11 8.88 2.94
CA ALA A 21 -2.22 10.28 2.52
C ALA A 21 -3.25 10.44 1.41
N HIS A 22 -4.05 11.50 1.51
CA HIS A 22 -5.09 11.76 0.51
C HIS A 22 -4.78 13.03 -0.27
N THR A 23 -4.99 12.99 -1.59
CA THR A 23 -4.74 14.14 -2.44
C THR A 23 -5.78 14.26 -3.55
N LYS A 24 -5.82 15.41 -4.20
CA LYS A 24 -6.77 15.63 -5.28
C LYS A 24 -6.07 16.23 -6.51
N ASP A 25 -6.28 15.60 -7.65
CA ASP A 25 -5.67 16.06 -8.89
C ASP A 25 -5.84 17.57 -9.05
N ALA A 26 -5.19 18.13 -10.07
CA ALA A 26 -5.28 19.57 -10.34
C ALA A 26 -6.08 19.85 -11.60
N GLU A 27 -5.67 19.24 -12.71
CA GLU A 27 -6.35 19.43 -13.99
C GLU A 27 -7.86 19.42 -13.79
N THR A 28 -8.36 18.37 -13.12
CA THR A 28 -9.79 18.24 -12.88
C THR A 28 -10.11 18.39 -11.40
N GLY A 29 -9.52 17.53 -10.58
CA GLY A 29 -9.75 17.57 -9.15
C GLY A 29 -10.41 16.31 -8.63
N GLU A 30 -9.94 15.16 -9.11
CA GLU A 30 -10.50 13.88 -8.69
C GLU A 30 -10.00 13.50 -7.30
N GLU A 31 -10.44 12.35 -6.80
CA GLU A 31 -10.04 11.88 -5.48
C GLU A 31 -8.99 10.78 -5.60
N VAL A 32 -7.72 11.17 -5.50
CA VAL A 32 -6.62 10.23 -5.58
C VAL A 32 -6.07 9.89 -4.20
N THR A 33 -6.38 8.70 -3.72
CA THR A 33 -5.90 8.25 -2.41
C THR A 33 -4.53 7.61 -2.51
N HIS A 34 -3.70 7.83 -1.49
CA HIS A 34 -2.36 7.27 -1.46
C HIS A 34 -2.12 6.50 -0.17
N TYR A 35 -1.47 5.34 -0.28
CA TYR A 35 -1.19 4.50 0.88
C TYR A 35 0.30 4.17 0.95
N LEU A 36 0.92 4.54 2.07
CA LEU A 36 2.34 4.29 2.28
C LEU A 36 2.61 2.80 2.46
N VAL A 37 3.00 2.13 1.38
CA VAL A 37 3.28 0.70 1.43
C VAL A 37 4.62 0.43 2.11
N LYS A 38 4.59 -0.29 3.21
CA LYS A 38 5.79 -0.63 3.96
C LYS A 38 6.21 -2.08 3.71
N TRP A 39 7.12 -2.26 2.77
CA TRP A 39 7.61 -3.60 2.43
C TRP A 39 9.06 -3.77 2.86
N CYS A 40 9.49 -5.02 3.00
CA CYS A 40 10.86 -5.33 3.41
C CYS A 40 11.74 -5.56 2.20
N SER A 41 11.31 -6.44 1.29
CA SER A 41 12.07 -6.74 0.10
C SER A 41 12.74 -5.49 -0.47
N LEU A 42 12.13 -4.34 -0.20
CA LEU A 42 12.67 -3.07 -0.68
C LEU A 42 13.24 -2.25 0.48
N PRO A 43 14.21 -1.37 0.18
CA PRO A 43 14.84 -0.51 1.17
C PRO A 43 13.90 0.56 1.69
N TYR A 44 13.92 0.77 3.01
CA TYR A 44 13.07 1.78 3.63
C TYR A 44 13.18 3.11 2.91
N GLU A 45 14.41 3.60 2.77
CA GLU A 45 14.65 4.87 2.09
C GLU A 45 13.79 5.00 0.84
N GLU A 46 13.39 3.86 0.29
CA GLU A 46 12.57 3.83 -0.91
C GLU A 46 11.09 3.69 -0.56
N SER A 47 10.71 4.20 0.60
CA SER A 47 9.33 4.12 1.06
C SER A 47 8.40 4.89 0.11
N THR A 48 7.65 4.16 -0.71
CA THR A 48 6.73 4.77 -1.64
C THR A 48 5.29 4.62 -1.18
N TRP A 49 4.39 5.39 -1.78
CA TRP A 49 2.98 5.34 -1.43
C TRP A 49 2.14 4.85 -2.61
N GLU A 50 1.94 3.54 -2.67
CA GLU A 50 1.15 2.93 -3.74
C GLU A 50 -0.33 3.26 -3.57
N LEU A 51 -0.98 3.63 -4.68
CA LEU A 51 -2.39 3.96 -4.66
C LEU A 51 -3.21 2.84 -4.04
N GLU A 52 -4.48 3.11 -3.79
CA GLU A 52 -5.37 2.12 -3.20
C GLU A 52 -5.66 0.99 -4.19
N GLU A 53 -5.60 1.31 -5.48
CA GLU A 53 -5.86 0.32 -6.52
C GLU A 53 -4.84 -0.81 -6.44
N ASP A 54 -3.56 -0.46 -6.47
CA ASP A 54 -2.49 -1.46 -6.40
C ASP A 54 -2.47 -2.15 -5.04
N VAL A 55 -2.79 -1.40 -4.00
CA VAL A 55 -2.81 -1.94 -2.64
C VAL A 55 -4.12 -2.67 -2.37
N ASP A 56 -4.01 -3.84 -1.73
CA ASP A 56 -5.19 -4.64 -1.40
C ASP A 56 -6.04 -3.95 -0.35
N PRO A 57 -7.36 -4.20 -0.39
CA PRO A 57 -8.31 -3.62 0.56
C PRO A 57 -8.14 -4.17 1.97
N ALA A 58 -7.82 -5.46 2.06
CA ALA A 58 -7.65 -6.11 3.35
C ALA A 58 -6.55 -5.43 4.15
N LYS A 59 -5.42 -5.16 3.51
CA LYS A 59 -4.30 -4.50 4.18
C LYS A 59 -4.73 -3.16 4.76
N VAL A 60 -5.42 -2.35 3.96
CA VAL A 60 -5.88 -1.05 4.41
C VAL A 60 -6.89 -1.19 5.54
N LYS A 61 -7.69 -2.26 5.48
CA LYS A 61 -8.70 -2.51 6.51
C LYS A 61 -8.06 -2.74 7.88
N GLU A 62 -6.89 -3.37 7.86
CA GLU A 62 -6.17 -3.66 9.10
C GLU A 62 -5.58 -2.39 9.70
N PHE A 63 -5.03 -1.54 8.84
CA PHE A 63 -4.43 -0.28 9.29
C PHE A 63 -5.47 0.60 9.98
N GLU A 64 -6.69 0.59 9.45
CA GLU A 64 -7.77 1.39 10.01
C GLU A 64 -8.27 0.78 11.31
N SER A 65 -7.80 -0.42 11.62
CA SER A 65 -8.20 -1.12 12.84
C SER A 65 -7.45 -0.58 14.04
N LEU A 66 -6.45 0.26 13.79
CA LEU A 66 -5.65 0.84 14.86
C LEU A 66 -6.27 2.14 15.36
N GLN A 67 -6.85 2.91 14.45
CA GLN A 67 -7.49 4.17 14.81
C GLN A 67 -8.92 3.94 15.29
N VAL A 68 -9.38 2.69 15.19
CA VAL A 68 -10.72 2.34 15.62
C VAL A 68 -10.71 1.09 16.49
N GLY A 1 -5.77 -9.98 12.95
CA GLY A 1 -4.54 -10.73 12.81
C GLY A 1 -4.45 -11.47 11.49
N SER A 2 -4.31 -10.72 10.39
CA SER A 2 -4.23 -11.32 9.07
C SER A 2 -2.78 -11.62 8.70
N SER A 3 -2.51 -12.86 8.33
CA SER A 3 -1.17 -13.29 7.95
C SER A 3 -1.21 -14.39 6.90
N GLY A 4 -0.35 -14.26 5.89
CA GLY A 4 -0.31 -15.25 4.83
C GLY A 4 -0.16 -14.63 3.46
N SER A 5 0.60 -15.28 2.59
CA SER A 5 0.84 -14.78 1.24
C SER A 5 0.60 -15.87 0.21
N SER A 6 0.09 -15.47 -0.96
CA SER A 6 -0.18 -16.43 -2.03
C SER A 6 1.11 -16.91 -2.67
N GLY A 7 1.01 -17.99 -3.44
CA GLY A 7 2.19 -18.54 -4.10
C GLY A 7 3.34 -18.74 -3.14
N ASN A 8 4.54 -18.89 -3.68
CA ASN A 8 5.74 -19.09 -2.87
C ASN A 8 6.37 -17.76 -2.48
N PRO A 9 6.88 -17.69 -1.24
CA PRO A 9 7.51 -16.47 -0.72
C PRO A 9 8.84 -16.18 -1.39
N ASP A 10 8.80 -15.40 -2.47
CA ASP A 10 10.01 -15.05 -3.21
C ASP A 10 10.19 -13.53 -3.25
N TYR A 11 9.20 -12.84 -3.81
CA TYR A 11 9.25 -11.39 -3.93
C TYR A 11 8.12 -10.74 -3.14
N VAL A 12 8.36 -10.51 -1.85
CA VAL A 12 7.36 -9.89 -0.99
C VAL A 12 6.57 -8.84 -1.74
N GLU A 13 5.26 -8.81 -1.49
CA GLU A 13 4.38 -7.85 -2.15
C GLU A 13 4.19 -6.60 -1.28
N VAL A 14 3.83 -6.83 -0.02
CA VAL A 14 3.62 -5.73 0.92
C VAL A 14 3.70 -6.21 2.36
N ASP A 15 4.73 -5.76 3.08
CA ASP A 15 4.92 -6.14 4.46
C ASP A 15 3.78 -5.61 5.34
N ARG A 16 3.56 -4.31 5.28
CA ARG A 16 2.51 -3.67 6.07
C ARG A 16 2.34 -2.20 5.67
N ILE A 17 1.32 -1.56 6.23
CA ILE A 17 1.04 -0.17 5.93
C ILE A 17 1.58 0.74 7.04
N LEU A 18 2.22 1.83 6.64
CA LEU A 18 2.78 2.78 7.60
C LEU A 18 1.77 3.88 7.91
N GLU A 19 1.46 4.70 6.91
CA GLU A 19 0.50 5.79 7.08
C GLU A 19 -0.34 5.98 5.82
N VAL A 20 -1.33 6.86 5.90
CA VAL A 20 -2.21 7.13 4.77
C VAL A 20 -2.32 8.64 4.52
N ALA A 21 -2.18 9.03 3.26
CA ALA A 21 -2.26 10.43 2.88
C ALA A 21 -3.14 10.61 1.65
N HIS A 22 -3.98 11.65 1.67
CA HIS A 22 -4.88 11.94 0.56
C HIS A 22 -4.39 13.15 -0.23
N THR A 23 -4.41 13.04 -1.55
CA THR A 23 -3.97 14.13 -2.42
C THR A 23 -4.93 14.31 -3.59
N LYS A 24 -5.05 15.54 -4.07
CA LYS A 24 -5.93 15.85 -5.19
C LYS A 24 -5.17 16.58 -6.30
N ASP A 25 -5.36 16.13 -7.54
CA ASP A 25 -4.69 16.74 -8.68
C ASP A 25 -5.17 18.17 -8.89
N ALA A 26 -4.68 18.80 -9.95
CA ALA A 26 -5.07 20.17 -10.27
C ALA A 26 -5.87 20.24 -11.56
N GLU A 27 -5.42 19.49 -12.57
CA GLU A 27 -6.11 19.46 -13.86
C GLU A 27 -7.54 18.98 -13.71
N THR A 28 -7.70 17.74 -13.24
CA THR A 28 -9.02 17.16 -13.04
C THR A 28 -9.49 17.33 -11.60
N GLY A 29 -8.61 17.84 -10.75
CA GLY A 29 -8.95 18.03 -9.36
C GLY A 29 -9.81 16.93 -8.80
N GLU A 30 -9.35 15.68 -8.97
CA GLU A 30 -10.09 14.53 -8.48
C GLU A 30 -9.65 14.14 -7.07
N GLU A 31 -10.19 13.04 -6.56
CA GLU A 31 -9.85 12.57 -5.23
C GLU A 31 -8.92 11.36 -5.29
N VAL A 32 -7.63 11.60 -5.17
CA VAL A 32 -6.64 10.54 -5.22
C VAL A 32 -6.07 10.26 -3.84
N THR A 33 -6.31 9.04 -3.35
CA THR A 33 -5.82 8.63 -2.04
C THR A 33 -4.55 7.82 -2.15
N HIS A 34 -3.51 8.23 -1.42
CA HIS A 34 -2.23 7.53 -1.45
C HIS A 34 -2.02 6.75 -0.16
N TYR A 35 -1.34 5.61 -0.26
CA TYR A 35 -1.07 4.77 0.89
C TYR A 35 0.39 4.34 0.94
N LEU A 36 1.07 4.71 2.02
CA LEU A 36 2.48 4.37 2.19
C LEU A 36 2.66 2.87 2.40
N VAL A 37 3.00 2.17 1.32
CA VAL A 37 3.21 0.73 1.38
C VAL A 37 4.56 0.39 2.00
N LYS A 38 4.56 -0.53 2.95
CA LYS A 38 5.79 -0.95 3.63
C LYS A 38 6.19 -2.36 3.20
N TRP A 39 7.21 -2.45 2.37
CA TRP A 39 7.70 -3.75 1.88
C TRP A 39 9.18 -3.92 2.22
N CYS A 40 9.46 -4.55 3.35
CA CYS A 40 10.84 -4.78 3.78
C CYS A 40 11.73 -5.07 2.57
N SER A 41 11.30 -6.01 1.73
CA SER A 41 12.07 -6.39 0.55
C SER A 41 12.80 -5.19 -0.03
N LEU A 42 12.10 -4.07 -0.14
CA LEU A 42 12.69 -2.84 -0.68
C LEU A 42 13.25 -1.97 0.44
N PRO A 43 14.19 -1.09 0.09
CA PRO A 43 14.82 -0.18 1.05
C PRO A 43 13.86 0.89 1.55
N TYR A 44 13.75 1.01 2.87
CA TYR A 44 12.86 2.00 3.48
C TYR A 44 13.06 3.37 2.84
N GLU A 45 14.31 3.79 2.74
CA GLU A 45 14.64 5.08 2.15
C GLU A 45 13.83 5.32 0.88
N GLU A 46 13.40 4.24 0.24
CA GLU A 46 12.62 4.33 -0.98
C GLU A 46 11.14 4.12 -0.69
N SER A 47 10.70 4.54 0.48
CA SER A 47 9.30 4.37 0.88
C SER A 47 8.37 5.13 -0.07
N THR A 48 7.66 4.37 -0.90
CA THR A 48 6.74 4.97 -1.86
C THR A 48 5.30 4.72 -1.46
N TRP A 49 4.38 5.41 -2.13
CA TRP A 49 2.95 5.27 -1.84
C TRP A 49 2.20 4.73 -3.05
N GLU A 50 1.68 3.51 -2.93
CA GLU A 50 0.93 2.89 -4.02
C GLU A 50 -0.56 3.17 -3.90
N LEU A 51 -1.18 3.60 -4.99
CA LEU A 51 -2.60 3.91 -5.00
C LEU A 51 -3.38 2.88 -4.18
N GLU A 52 -4.55 3.29 -3.68
CA GLU A 52 -5.39 2.41 -2.89
C GLU A 52 -5.70 1.13 -3.65
N GLU A 53 -5.86 1.26 -4.97
CA GLU A 53 -6.17 0.10 -5.81
C GLU A 53 -5.03 -0.91 -5.79
N ASP A 54 -3.80 -0.41 -5.97
CA ASP A 54 -2.62 -1.27 -5.98
C ASP A 54 -2.46 -1.98 -4.64
N VAL A 55 -2.84 -1.29 -3.56
CA VAL A 55 -2.74 -1.85 -2.22
C VAL A 55 -3.94 -2.73 -1.89
N ASP A 56 -3.68 -3.99 -1.58
CA ASP A 56 -4.74 -4.93 -1.25
C ASP A 56 -5.72 -4.32 -0.26
N PRO A 57 -6.99 -4.76 -0.33
CA PRO A 57 -8.04 -4.26 0.56
C PRO A 57 -7.87 -4.73 2.00
N ALA A 58 -7.54 -6.00 2.17
CA ALA A 58 -7.32 -6.56 3.50
C ALA A 58 -6.34 -5.73 4.30
N LYS A 59 -5.13 -5.57 3.77
CA LYS A 59 -4.09 -4.79 4.43
C LYS A 59 -4.65 -3.46 4.94
N VAL A 60 -5.30 -2.72 4.05
CA VAL A 60 -5.88 -1.43 4.40
C VAL A 60 -6.78 -1.55 5.64
N LYS A 61 -7.82 -2.36 5.52
CA LYS A 61 -8.75 -2.57 6.62
C LYS A 61 -8.01 -2.67 7.95
N GLU A 62 -6.99 -3.51 7.99
CA GLU A 62 -6.19 -3.68 9.20
C GLU A 62 -5.76 -2.35 9.77
N PHE A 63 -5.12 -1.54 8.94
CA PHE A 63 -4.66 -0.21 9.36
C PHE A 63 -5.82 0.67 9.78
N GLU A 64 -6.79 0.85 8.88
CA GLU A 64 -7.95 1.68 9.17
C GLU A 64 -8.51 1.37 10.56
N SER A 65 -8.32 0.14 11.00
CA SER A 65 -8.80 -0.29 12.31
C SER A 65 -7.90 0.23 13.42
N LEU A 66 -6.60 -0.01 13.28
CA LEU A 66 -5.63 0.43 14.26
C LEU A 66 -5.85 1.89 14.63
N GLN A 67 -6.30 2.69 13.67
CA GLN A 67 -6.56 4.10 13.90
C GLN A 67 -8.05 4.39 13.87
N VAL A 68 -8.41 5.67 14.02
CA VAL A 68 -9.81 6.07 14.01
C VAL A 68 -9.98 7.44 13.35
N GLY A 1 -11.13 -15.78 -3.52
CA GLY A 1 -11.04 -17.21 -3.25
C GLY A 1 -10.53 -17.51 -1.86
N SER A 2 -11.21 -18.42 -1.17
CA SER A 2 -10.82 -18.79 0.19
C SER A 2 -10.24 -20.21 0.22
N SER A 3 -9.33 -20.48 -0.71
CA SER A 3 -8.71 -21.80 -0.80
C SER A 3 -8.49 -22.39 0.59
N GLY A 4 -7.71 -21.71 1.41
CA GLY A 4 -7.44 -22.18 2.76
C GLY A 4 -6.35 -21.38 3.45
N SER A 5 -6.68 -20.18 3.89
CA SER A 5 -5.71 -19.32 4.57
C SER A 5 -4.55 -18.97 3.63
N SER A 6 -4.87 -18.67 2.38
CA SER A 6 -3.86 -18.32 1.39
C SER A 6 -4.29 -17.10 0.58
N GLY A 7 -3.38 -16.60 -0.25
CA GLY A 7 -3.67 -15.45 -1.07
C GLY A 7 -3.31 -15.66 -2.53
N ASN A 8 -2.89 -14.59 -3.19
CA ASN A 8 -2.51 -14.66 -4.60
C ASN A 8 -1.05 -14.26 -4.79
N PRO A 9 -0.44 -14.75 -5.88
CA PRO A 9 0.96 -14.45 -6.21
C PRO A 9 1.17 -13.00 -6.62
N ASP A 10 1.91 -12.26 -5.81
CA ASP A 10 2.17 -10.85 -6.08
C ASP A 10 3.63 -10.65 -6.51
N TYR A 11 3.98 -9.42 -6.86
CA TYR A 11 5.33 -9.10 -7.29
C TYR A 11 6.27 -9.00 -6.09
N VAL A 12 5.79 -8.39 -5.01
CA VAL A 12 6.58 -8.23 -3.80
C VAL A 12 5.75 -8.53 -2.56
N GLU A 13 6.39 -9.17 -1.57
CA GLU A 13 5.71 -9.52 -0.33
C GLU A 13 5.67 -8.34 0.62
N VAL A 14 4.67 -7.47 0.44
CA VAL A 14 4.52 -6.29 1.29
C VAL A 14 4.48 -6.68 2.76
N ASP A 15 5.10 -5.86 3.60
CA ASP A 15 5.12 -6.11 5.04
C ASP A 15 3.86 -5.58 5.70
N ARG A 16 3.61 -4.28 5.54
CA ARG A 16 2.44 -3.65 6.13
C ARG A 16 2.32 -2.20 5.68
N ILE A 17 1.35 -1.49 6.25
CA ILE A 17 1.13 -0.09 5.90
C ILE A 17 1.55 0.83 7.05
N LEU A 18 2.11 1.98 6.70
CA LEU A 18 2.55 2.95 7.70
C LEU A 18 1.51 4.04 7.91
N GLU A 19 1.21 4.78 6.84
CA GLU A 19 0.23 5.85 6.91
C GLU A 19 -0.43 6.07 5.55
N VAL A 20 -1.46 6.90 5.52
CA VAL A 20 -2.18 7.21 4.29
C VAL A 20 -2.15 8.70 3.97
N ALA A 21 -2.05 9.03 2.70
CA ALA A 21 -2.02 10.42 2.26
C ALA A 21 -2.86 10.62 1.01
N HIS A 22 -3.69 11.66 1.03
CA HIS A 22 -4.55 11.97 -0.11
C HIS A 22 -3.96 13.10 -0.95
N THR A 23 -3.81 12.85 -2.24
CA THR A 23 -3.26 13.84 -3.16
C THR A 23 -4.27 14.23 -4.23
N LYS A 24 -4.07 15.40 -4.83
CA LYS A 24 -4.96 15.89 -5.89
C LYS A 24 -4.18 16.25 -7.14
N ASP A 25 -4.67 15.81 -8.29
CA ASP A 25 -4.02 16.08 -9.56
C ASP A 25 -3.92 17.59 -9.81
N ALA A 26 -3.25 17.96 -10.88
CA ALA A 26 -3.08 19.37 -11.23
C ALA A 26 -3.50 19.64 -12.67
N GLU A 27 -3.74 18.56 -13.42
CA GLU A 27 -4.16 18.68 -14.81
C GLU A 27 -5.51 19.37 -14.93
N THR A 28 -6.56 18.67 -14.49
CA THR A 28 -7.91 19.22 -14.54
C THR A 28 -8.47 19.44 -13.14
N GLY A 29 -7.89 18.74 -12.17
CA GLY A 29 -8.34 18.88 -10.79
C GLY A 29 -8.83 17.56 -10.21
N GLU A 30 -8.63 16.48 -10.96
CA GLU A 30 -9.05 15.16 -10.51
C GLU A 30 -8.58 14.89 -9.08
N GLU A 31 -8.98 13.74 -8.54
CA GLU A 31 -8.60 13.37 -7.18
C GLU A 31 -8.06 11.94 -7.15
N VAL A 32 -7.01 11.74 -6.36
CA VAL A 32 -6.39 10.43 -6.24
C VAL A 32 -5.86 10.20 -4.83
N THR A 33 -6.10 9.01 -4.28
CA THR A 33 -5.64 8.67 -2.94
C THR A 33 -4.35 7.87 -2.99
N HIS A 34 -3.48 8.11 -2.00
CA HIS A 34 -2.21 7.41 -1.93
C HIS A 34 -2.08 6.64 -0.62
N TYR A 35 -1.28 5.59 -0.62
CA TYR A 35 -1.07 4.77 0.57
C TYR A 35 0.41 4.41 0.73
N LEU A 36 0.98 4.78 1.87
CA LEU A 36 2.38 4.49 2.15
C LEU A 36 2.60 3.00 2.37
N VAL A 37 3.06 2.32 1.34
CA VAL A 37 3.31 0.88 1.42
C VAL A 37 4.65 0.59 2.09
N LYS A 38 4.61 -0.21 3.15
CA LYS A 38 5.82 -0.57 3.89
C LYS A 38 6.28 -1.98 3.55
N TRP A 39 7.22 -2.08 2.62
CA TRP A 39 7.74 -3.39 2.20
C TRP A 39 9.21 -3.52 2.57
N CYS A 40 9.48 -4.13 3.72
CA CYS A 40 10.85 -4.32 4.18
C CYS A 40 11.78 -4.61 3.01
N SER A 41 11.41 -5.58 2.19
CA SER A 41 12.21 -5.96 1.03
C SER A 41 12.93 -4.74 0.45
N LEU A 42 12.21 -3.64 0.33
CA LEU A 42 12.77 -2.41 -0.22
C LEU A 42 13.29 -1.51 0.90
N PRO A 43 14.21 -0.61 0.54
CA PRO A 43 14.81 0.33 1.50
C PRO A 43 13.81 1.38 1.97
N TYR A 44 13.60 1.46 3.28
CA TYR A 44 12.67 2.42 3.86
C TYR A 44 12.75 3.76 3.13
N GLU A 45 13.95 4.35 3.10
CA GLU A 45 14.16 5.62 2.45
C GLU A 45 13.29 5.74 1.20
N GLU A 46 13.16 4.65 0.47
CA GLU A 46 12.35 4.62 -0.75
C GLU A 46 10.88 4.33 -0.43
N SER A 47 10.40 4.90 0.66
CA SER A 47 9.02 4.70 1.09
C SER A 47 8.05 5.37 0.13
N THR A 48 7.57 4.62 -0.86
CA THR A 48 6.64 5.15 -1.84
C THR A 48 5.19 5.02 -1.36
N TRP A 49 4.28 5.66 -2.08
CA TRP A 49 2.87 5.62 -1.72
C TRP A 49 2.03 5.09 -2.89
N GLU A 50 1.85 3.78 -2.94
CA GLU A 50 1.07 3.15 -4.00
C GLU A 50 -0.41 3.50 -3.86
N LEU A 51 -1.05 3.78 -4.99
CA LEU A 51 -2.47 4.14 -5.00
C LEU A 51 -3.29 3.10 -4.25
N GLU A 52 -4.44 3.52 -3.73
CA GLU A 52 -5.32 2.63 -2.99
C GLU A 52 -5.53 1.32 -3.75
N GLU A 53 -5.67 1.42 -5.07
CA GLU A 53 -5.88 0.25 -5.91
C GLU A 53 -4.81 -0.80 -5.66
N ASP A 54 -3.56 -0.41 -5.83
CA ASP A 54 -2.43 -1.33 -5.61
C ASP A 54 -2.51 -1.97 -4.23
N VAL A 55 -2.76 -1.13 -3.22
CA VAL A 55 -2.85 -1.62 -1.84
C VAL A 55 -4.12 -2.43 -1.63
N ASP A 56 -3.94 -3.71 -1.30
CA ASP A 56 -5.08 -4.60 -1.06
C ASP A 56 -6.02 -4.03 -0.02
N PRO A 57 -7.30 -4.42 -0.09
CA PRO A 57 -8.33 -3.96 0.84
C PRO A 57 -8.13 -4.51 2.24
N ALA A 58 -7.87 -5.82 2.33
CA ALA A 58 -7.66 -6.47 3.61
C ALA A 58 -6.61 -5.74 4.44
N LYS A 59 -5.44 -5.52 3.85
CA LYS A 59 -4.35 -4.83 4.52
C LYS A 59 -4.81 -3.48 5.06
N VAL A 60 -5.51 -2.72 4.21
CA VAL A 60 -6.01 -1.41 4.61
C VAL A 60 -6.97 -1.51 5.79
N LYS A 61 -7.86 -2.50 5.73
CA LYS A 61 -8.83 -2.71 6.80
C LYS A 61 -8.14 -2.73 8.16
N GLU A 62 -7.05 -3.46 8.26
CA GLU A 62 -6.30 -3.57 9.50
C GLU A 62 -5.70 -2.22 9.89
N PHE A 63 -4.85 -1.69 9.01
CA PHE A 63 -4.21 -0.40 9.26
C PHE A 63 -5.16 0.56 9.97
N GLU A 64 -6.39 0.63 9.48
CA GLU A 64 -7.40 1.51 10.06
C GLU A 64 -8.00 0.89 11.32
N SER A 65 -8.38 -0.38 11.23
CA SER A 65 -8.98 -1.09 12.36
C SER A 65 -8.17 -0.85 13.63
N LEU A 66 -6.89 -1.23 13.59
CA LEU A 66 -6.01 -1.07 14.74
C LEU A 66 -6.21 0.31 15.39
N GLN A 67 -6.24 1.34 14.57
CA GLN A 67 -6.43 2.70 15.06
C GLN A 67 -7.78 2.84 15.76
N VAL A 68 -7.92 3.88 16.57
CA VAL A 68 -9.15 4.13 17.30
C VAL A 68 -9.58 5.59 17.19
N GLY A 1 -12.54 -10.54 11.63
CA GLY A 1 -11.57 -9.86 10.79
C GLY A 1 -11.36 -10.56 9.47
N SER A 2 -11.68 -9.87 8.38
CA SER A 2 -11.52 -10.43 7.05
C SER A 2 -10.21 -11.20 6.92
N SER A 3 -10.18 -12.16 6.01
CA SER A 3 -8.98 -12.97 5.80
C SER A 3 -8.89 -13.44 4.36
N GLY A 4 -7.73 -13.20 3.74
CA GLY A 4 -7.54 -13.59 2.36
C GLY A 4 -6.59 -12.67 1.62
N SER A 5 -5.50 -13.22 1.10
CA SER A 5 -4.52 -12.44 0.36
C SER A 5 -3.70 -13.32 -0.57
N SER A 6 -3.26 -12.75 -1.68
CA SER A 6 -2.46 -13.49 -2.66
C SER A 6 -1.00 -13.55 -2.23
N GLY A 7 -0.42 -14.75 -2.31
CA GLY A 7 0.97 -14.92 -1.93
C GLY A 7 1.83 -15.40 -3.08
N ASN A 8 2.80 -14.58 -3.47
CA ASN A 8 3.69 -14.93 -4.58
C ASN A 8 5.12 -15.15 -4.06
N PRO A 9 5.84 -16.07 -4.72
CA PRO A 9 7.22 -16.40 -4.35
C PRO A 9 8.19 -15.26 -4.68
N ASP A 10 7.65 -14.15 -5.17
CA ASP A 10 8.47 -13.00 -5.51
C ASP A 10 8.61 -12.06 -4.33
N TYR A 11 8.87 -12.63 -3.15
CA TYR A 11 9.03 -11.85 -1.93
C TYR A 11 8.06 -10.68 -1.92
N VAL A 12 6.77 -10.98 -2.08
CA VAL A 12 5.74 -9.95 -2.09
C VAL A 12 5.20 -9.71 -0.68
N GLU A 13 6.04 -9.98 0.33
CA GLU A 13 5.65 -9.79 1.72
C GLU A 13 5.62 -8.31 2.08
N VAL A 14 4.55 -7.63 1.66
CA VAL A 14 4.39 -6.21 1.93
C VAL A 14 4.18 -5.95 3.43
N ASP A 15 5.13 -5.25 4.03
CA ASP A 15 5.05 -4.95 5.46
C ASP A 15 3.87 -4.04 5.76
N ARG A 16 3.34 -4.14 6.98
CA ARG A 16 2.20 -3.32 7.39
C ARG A 16 2.31 -1.92 6.83
N ILE A 17 1.16 -1.33 6.48
CA ILE A 17 1.12 0.02 5.94
C ILE A 17 1.46 1.05 7.00
N LEU A 18 2.53 1.80 6.77
CA LEU A 18 2.97 2.83 7.71
C LEU A 18 1.86 3.85 7.95
N GLU A 19 1.58 4.66 6.93
CA GLU A 19 0.53 5.68 7.02
C GLU A 19 -0.13 5.91 5.67
N VAL A 20 -1.18 6.72 5.67
CA VAL A 20 -1.90 7.02 4.43
C VAL A 20 -1.91 8.52 4.15
N ALA A 21 -1.92 8.89 2.88
CA ALA A 21 -1.94 10.29 2.48
C ALA A 21 -2.98 10.53 1.39
N HIS A 22 -3.79 11.56 1.58
CA HIS A 22 -4.82 11.90 0.61
C HIS A 22 -4.49 13.21 -0.11
N THR A 23 -4.22 13.11 -1.41
CA THR A 23 -3.88 14.29 -2.20
C THR A 23 -4.81 14.42 -3.41
N LYS A 24 -4.76 15.57 -4.06
CA LYS A 24 -5.59 15.83 -5.24
C LYS A 24 -4.82 16.62 -6.29
N ASP A 25 -5.12 16.35 -7.56
CA ASP A 25 -4.45 17.03 -8.65
C ASP A 25 -4.89 18.49 -8.74
N ALA A 26 -4.34 19.22 -9.70
CA ALA A 26 -4.68 20.62 -9.89
C ALA A 26 -5.29 20.87 -11.25
N GLU A 27 -4.70 20.26 -12.28
CA GLU A 27 -5.20 20.42 -13.64
C GLU A 27 -6.71 20.22 -13.70
N THR A 28 -7.17 19.06 -13.23
CA THR A 28 -8.60 18.74 -13.22
C THR A 28 -9.19 18.95 -11.84
N GLY A 29 -8.65 18.25 -10.85
CA GLY A 29 -9.14 18.37 -9.50
C GLY A 29 -9.85 17.12 -9.03
N GLU A 30 -9.30 15.97 -9.39
CA GLU A 30 -9.90 14.69 -9.00
C GLU A 30 -9.41 14.26 -7.62
N GLU A 31 -9.92 13.12 -7.14
CA GLU A 31 -9.54 12.61 -5.83
C GLU A 31 -8.49 11.52 -5.97
N VAL A 32 -7.32 11.75 -5.37
CA VAL A 32 -6.24 10.78 -5.42
C VAL A 32 -5.84 10.32 -4.02
N THR A 33 -6.09 9.04 -3.75
CA THR A 33 -5.77 8.47 -2.44
C THR A 33 -4.52 7.61 -2.51
N HIS A 34 -3.42 8.11 -1.95
CA HIS A 34 -2.16 7.38 -1.95
C HIS A 34 -1.93 6.68 -0.61
N TYR A 35 -1.45 5.45 -0.66
CA TYR A 35 -1.19 4.68 0.54
C TYR A 35 0.30 4.34 0.66
N LEU A 36 0.89 4.70 1.80
CA LEU A 36 2.30 4.44 2.04
C LEU A 36 2.55 2.95 2.20
N VAL A 37 2.94 2.29 1.11
CA VAL A 37 3.21 0.85 1.14
C VAL A 37 4.55 0.57 1.81
N LYS A 38 4.52 -0.25 2.84
CA LYS A 38 5.74 -0.61 3.58
C LYS A 38 6.21 -2.01 3.19
N TRP A 39 7.47 -2.12 2.79
CA TRP A 39 8.04 -3.41 2.40
C TRP A 39 9.52 -3.48 2.75
N CYS A 40 9.84 -4.23 3.80
CA CYS A 40 11.21 -4.38 4.25
C CYS A 40 12.16 -4.59 3.07
N SER A 41 11.81 -5.56 2.22
CA SER A 41 12.62 -5.87 1.05
C SER A 41 13.27 -4.62 0.48
N LEU A 42 12.55 -3.50 0.58
CA LEU A 42 13.05 -2.23 0.07
C LEU A 42 13.47 -1.31 1.22
N PRO A 43 14.35 -0.35 0.92
CA PRO A 43 14.85 0.60 1.91
C PRO A 43 13.78 1.60 2.34
N TYR A 44 13.61 1.76 3.65
CA TYR A 44 12.62 2.69 4.19
C TYR A 44 12.59 3.99 3.39
N GLU A 45 13.75 4.64 3.29
CA GLU A 45 13.85 5.88 2.55
C GLU A 45 13.01 5.85 1.28
N GLU A 46 12.96 4.67 0.65
CA GLU A 46 12.19 4.49 -0.58
C GLU A 46 10.72 4.21 -0.27
N SER A 47 10.22 4.85 0.80
CA SER A 47 8.84 4.66 1.20
C SER A 47 7.89 5.34 0.22
N THR A 48 7.43 4.58 -0.78
CA THR A 48 6.52 5.10 -1.79
C THR A 48 5.08 4.97 -1.34
N TRP A 49 4.18 5.66 -2.03
CA TRP A 49 2.76 5.63 -1.70
C TRP A 49 1.94 5.15 -2.90
N GLU A 50 1.76 3.85 -3.03
CA GLU A 50 1.00 3.27 -4.13
C GLU A 50 -0.50 3.54 -3.95
N LEU A 51 -1.16 3.89 -5.05
CA LEU A 51 -2.59 4.18 -5.01
C LEU A 51 -3.34 3.10 -4.23
N GLU A 52 -4.64 3.32 -4.02
CA GLU A 52 -5.46 2.36 -3.30
C GLU A 52 -5.66 1.08 -4.10
N GLU A 53 -5.74 1.24 -5.42
CA GLU A 53 -5.92 0.08 -6.30
C GLU A 53 -4.77 -0.90 -6.18
N ASP A 54 -3.58 -0.37 -5.89
CA ASP A 54 -2.39 -1.20 -5.74
C ASP A 54 -2.40 -1.92 -4.39
N VAL A 55 -2.77 -1.20 -3.34
CA VAL A 55 -2.81 -1.77 -2.01
C VAL A 55 -4.12 -2.51 -1.76
N ASP A 56 -4.04 -3.82 -1.57
CA ASP A 56 -5.23 -4.64 -1.33
C ASP A 56 -6.07 -4.04 -0.21
N PRO A 57 -7.37 -4.34 -0.23
CA PRO A 57 -8.32 -3.85 0.77
C PRO A 57 -8.11 -4.49 2.14
N ALA A 58 -7.80 -5.78 2.13
CA ALA A 58 -7.57 -6.52 3.37
C ALA A 58 -6.50 -5.83 4.22
N LYS A 59 -5.37 -5.52 3.60
CA LYS A 59 -4.27 -4.86 4.30
C LYS A 59 -4.73 -3.56 4.94
N VAL A 60 -5.49 -2.77 4.19
CA VAL A 60 -6.00 -1.50 4.69
C VAL A 60 -6.90 -1.71 5.90
N LYS A 61 -7.86 -2.62 5.77
CA LYS A 61 -8.79 -2.93 6.85
C LYS A 61 -8.07 -2.95 8.19
N GLU A 62 -6.94 -3.66 8.25
CA GLU A 62 -6.16 -3.78 9.47
C GLU A 62 -5.65 -2.40 9.91
N PHE A 63 -4.94 -1.73 9.02
CA PHE A 63 -4.40 -0.40 9.32
C PHE A 63 -5.49 0.52 9.84
N GLU A 64 -6.54 0.71 9.06
CA GLU A 64 -7.65 1.58 9.44
C GLU A 64 -8.22 1.14 10.79
N SER A 65 -8.22 -0.16 11.05
CA SER A 65 -8.74 -0.70 12.29
C SER A 65 -7.89 -0.26 13.48
N LEU A 66 -6.58 -0.50 13.39
CA LEU A 66 -5.66 -0.12 14.45
C LEU A 66 -6.11 1.18 15.13
N GLN A 67 -6.22 2.24 14.33
CA GLN A 67 -6.64 3.54 14.84
C GLN A 67 -8.13 3.55 15.14
N VAL A 68 -8.51 4.11 16.28
CA VAL A 68 -9.90 4.19 16.68
C VAL A 68 -10.79 4.55 15.50
N GLY A 1 -7.08 -25.58 -0.06
CA GLY A 1 -7.59 -24.49 0.75
C GLY A 1 -7.01 -24.51 2.15
N SER A 2 -6.55 -23.35 2.62
CA SER A 2 -5.96 -23.24 3.95
C SER A 2 -6.22 -21.86 4.54
N SER A 3 -6.17 -21.77 5.86
CA SER A 3 -6.40 -20.50 6.56
C SER A 3 -5.10 -19.96 7.15
N GLY A 4 -4.46 -20.77 8.00
CA GLY A 4 -3.22 -20.36 8.62
C GLY A 4 -2.03 -20.53 7.70
N SER A 5 -1.95 -19.68 6.68
CA SER A 5 -0.84 -19.75 5.72
C SER A 5 0.49 -19.50 6.41
N SER A 6 1.57 -19.82 5.72
CA SER A 6 2.91 -19.64 6.27
C SER A 6 3.76 -18.74 5.36
N GLY A 7 3.83 -19.10 4.08
CA GLY A 7 4.60 -18.31 3.13
C GLY A 7 6.08 -18.27 3.49
N ASN A 8 6.89 -17.77 2.56
CA ASN A 8 8.32 -17.66 2.77
C ASN A 8 8.82 -16.25 2.49
N PRO A 9 9.82 -15.80 3.27
CA PRO A 9 10.40 -14.46 3.12
C PRO A 9 11.22 -14.33 1.83
N ASP A 10 10.59 -13.78 0.80
CA ASP A 10 11.26 -13.59 -0.49
C ASP A 10 10.56 -12.52 -1.32
N TYR A 11 11.19 -11.36 -1.43
CA TYR A 11 10.63 -10.26 -2.19
C TYR A 11 9.15 -10.06 -1.84
N VAL A 12 8.85 -10.06 -0.55
CA VAL A 12 7.47 -9.88 -0.09
C VAL A 12 6.77 -8.77 -0.87
N GLU A 13 5.49 -8.98 -1.17
CA GLU A 13 4.71 -8.01 -1.90
C GLU A 13 4.47 -6.76 -1.07
N VAL A 14 4.13 -6.96 0.20
CA VAL A 14 3.88 -5.85 1.11
C VAL A 14 3.96 -6.29 2.56
N ASP A 15 4.99 -5.81 3.26
CA ASP A 15 5.18 -6.16 4.67
C ASP A 15 4.05 -5.61 5.52
N ARG A 16 3.74 -4.33 5.34
CA ARG A 16 2.68 -3.69 6.11
C ARG A 16 2.45 -2.26 5.62
N ILE A 17 1.58 -1.53 6.31
CA ILE A 17 1.27 -0.16 5.95
C ILE A 17 1.70 0.81 7.04
N LEU A 18 2.41 1.87 6.64
CA LEU A 18 2.89 2.87 7.59
C LEU A 18 1.82 3.92 7.86
N GLU A 19 1.57 4.77 6.87
CA GLU A 19 0.57 5.82 6.99
C GLU A 19 -0.18 6.03 5.68
N VAL A 20 -1.25 6.82 5.73
CA VAL A 20 -2.05 7.08 4.55
C VAL A 20 -2.07 8.58 4.23
N ALA A 21 -1.86 8.90 2.96
CA ALA A 21 -1.85 10.30 2.52
C ALA A 21 -2.85 10.52 1.39
N HIS A 22 -3.80 11.42 1.62
CA HIS A 22 -4.82 11.73 0.62
C HIS A 22 -4.45 12.97 -0.17
N THR A 23 -4.84 13.00 -1.44
CA THR A 23 -4.55 14.14 -2.31
C THR A 23 -5.62 14.31 -3.37
N LYS A 24 -5.84 15.55 -3.80
CA LYS A 24 -6.84 15.85 -4.82
C LYS A 24 -6.19 16.52 -6.03
N ASP A 25 -6.69 16.20 -7.21
CA ASP A 25 -6.17 16.78 -8.44
C ASP A 25 -6.65 18.21 -8.62
N ALA A 26 -5.84 19.04 -9.26
CA ALA A 26 -6.19 20.43 -9.51
C ALA A 26 -6.57 20.66 -10.96
N GLU A 27 -5.70 20.22 -11.87
CA GLU A 27 -5.94 20.38 -13.30
C GLU A 27 -7.28 19.76 -13.70
N THR A 28 -7.55 18.56 -13.19
CA THR A 28 -8.79 17.87 -13.50
C THR A 28 -9.79 18.02 -12.37
N GLY A 29 -9.38 17.63 -11.16
CA GLY A 29 -10.27 17.73 -10.01
C GLY A 29 -10.45 16.41 -9.30
N GLU A 30 -10.62 15.35 -10.07
CA GLU A 30 -10.80 14.01 -9.50
C GLU A 30 -9.98 13.84 -8.23
N GLU A 31 -10.52 13.10 -7.27
CA GLU A 31 -9.83 12.87 -6.00
C GLU A 31 -8.87 11.69 -6.12
N VAL A 32 -7.84 11.69 -5.27
CA VAL A 32 -6.84 10.63 -5.29
C VAL A 32 -6.48 10.21 -3.86
N THR A 33 -6.19 8.92 -3.68
CA THR A 33 -5.83 8.40 -2.38
C THR A 33 -4.51 7.63 -2.44
N HIS A 34 -3.50 8.15 -1.75
CA HIS A 34 -2.18 7.51 -1.73
C HIS A 34 -1.99 6.71 -0.45
N TYR A 35 -1.33 5.56 -0.56
CA TYR A 35 -1.08 4.70 0.59
C TYR A 35 0.40 4.38 0.72
N LEU A 36 0.99 4.77 1.84
CA LEU A 36 2.41 4.51 2.09
C LEU A 36 2.67 3.03 2.31
N VAL A 37 3.04 2.33 1.25
CA VAL A 37 3.32 0.90 1.33
C VAL A 37 4.69 0.65 1.97
N LYS A 38 4.74 -0.31 2.88
CA LYS A 38 5.99 -0.66 3.55
C LYS A 38 6.41 -2.09 3.24
N TRP A 39 7.34 -2.25 2.30
CA TRP A 39 7.82 -3.56 1.91
C TRP A 39 9.30 -3.71 2.24
N CYS A 40 9.59 -4.40 3.34
CA CYS A 40 10.96 -4.62 3.76
C CYS A 40 11.86 -4.95 2.57
N SER A 41 11.45 -5.95 1.79
CA SER A 41 12.20 -6.36 0.62
C SER A 41 12.92 -5.18 -0.02
N LEU A 42 12.26 -4.02 0.00
CA LEU A 42 12.83 -2.81 -0.58
C LEU A 42 13.35 -1.88 0.51
N PRO A 43 14.31 -1.01 0.14
CA PRO A 43 14.91 -0.05 1.07
C PRO A 43 13.94 1.04 1.50
N TYR A 44 13.76 1.19 2.80
CA TYR A 44 12.85 2.20 3.34
C TYR A 44 13.00 3.52 2.59
N GLU A 45 14.23 4.03 2.56
CA GLU A 45 14.51 5.29 1.87
C GLU A 45 13.68 5.42 0.60
N GLU A 46 13.43 4.29 -0.05
CA GLU A 46 12.64 4.27 -1.28
C GLU A 46 11.17 4.00 -0.99
N SER A 47 10.68 4.58 0.10
CA SER A 47 9.28 4.40 0.49
C SER A 47 8.34 5.15 -0.45
N THR A 48 7.59 4.40 -1.25
CA THR A 48 6.66 5.00 -2.20
C THR A 48 5.22 4.88 -1.70
N TRP A 49 4.33 5.66 -2.30
CA TRP A 49 2.92 5.63 -1.92
C TRP A 49 2.06 5.09 -3.06
N GLU A 50 1.81 3.79 -3.04
CA GLU A 50 1.00 3.15 -4.08
C GLU A 50 -0.47 3.56 -3.94
N LEU A 51 -1.18 3.58 -5.06
CA LEU A 51 -2.59 3.96 -5.07
C LEU A 51 -3.42 2.93 -4.30
N GLU A 52 -4.63 3.34 -3.92
CA GLU A 52 -5.53 2.45 -3.18
C GLU A 52 -5.83 1.19 -3.98
N GLU A 53 -5.93 1.33 -5.29
CA GLU A 53 -6.21 0.20 -6.17
C GLU A 53 -5.03 -0.78 -6.19
N ASP A 54 -3.83 -0.24 -6.09
CA ASP A 54 -2.62 -1.06 -6.10
C ASP A 54 -2.47 -1.81 -4.78
N VAL A 55 -2.76 -1.14 -3.68
CA VAL A 55 -2.65 -1.75 -2.36
C VAL A 55 -3.82 -2.68 -2.09
N ASP A 56 -3.57 -3.71 -1.29
CA ASP A 56 -4.61 -4.68 -0.94
C ASP A 56 -5.59 -4.10 0.06
N PRO A 57 -6.89 -4.40 -0.14
CA PRO A 57 -7.96 -3.91 0.74
C PRO A 57 -7.91 -4.55 2.12
N ALA A 58 -7.45 -5.80 2.18
CA ALA A 58 -7.36 -6.52 3.44
C ALA A 58 -6.45 -5.78 4.43
N LYS A 59 -5.20 -5.57 4.02
CA LYS A 59 -4.24 -4.87 4.87
C LYS A 59 -4.83 -3.57 5.43
N VAL A 60 -5.29 -2.72 4.52
CA VAL A 60 -5.89 -1.45 4.91
C VAL A 60 -6.98 -1.65 5.96
N LYS A 61 -7.87 -2.59 5.70
CA LYS A 61 -8.96 -2.89 6.63
C LYS A 61 -8.46 -2.94 8.06
N GLU A 62 -7.37 -3.66 8.28
CA GLU A 62 -6.79 -3.79 9.62
C GLU A 62 -6.15 -2.47 10.05
N PHE A 63 -5.28 -1.94 9.21
CA PHE A 63 -4.59 -0.69 9.51
C PHE A 63 -5.57 0.36 10.03
N GLU A 64 -6.56 0.69 9.22
CA GLU A 64 -7.56 1.68 9.59
C GLU A 64 -8.16 1.36 10.96
N SER A 65 -8.63 0.12 11.12
CA SER A 65 -9.22 -0.32 12.38
C SER A 65 -8.32 0.04 13.55
N LEU A 66 -7.06 -0.37 13.47
CA LEU A 66 -6.10 -0.09 14.54
C LEU A 66 -6.34 1.28 15.15
N GLN A 67 -6.54 2.28 14.29
CA GLN A 67 -6.79 3.64 14.76
C GLN A 67 -7.63 3.64 16.03
N VAL A 68 -8.77 2.96 15.97
CA VAL A 68 -9.67 2.88 17.12
C VAL A 68 -9.65 1.48 17.74
N GLY A 1 20.91 -24.67 0.93
CA GLY A 1 19.72 -24.57 1.75
C GLY A 1 18.67 -23.67 1.15
N SER A 2 17.97 -24.16 0.13
CA SER A 2 16.94 -23.39 -0.54
C SER A 2 17.35 -21.93 -0.67
N SER A 3 18.61 -21.71 -1.04
CA SER A 3 19.13 -20.35 -1.20
C SER A 3 18.18 -19.50 -2.04
N GLY A 4 17.70 -20.09 -3.14
CA GLY A 4 16.80 -19.36 -4.03
C GLY A 4 16.89 -19.83 -5.46
N SER A 5 16.68 -21.12 -5.68
CA SER A 5 16.75 -21.70 -7.02
C SER A 5 15.39 -21.63 -7.71
N SER A 6 14.36 -22.03 -6.98
CA SER A 6 13.00 -22.03 -7.51
C SER A 6 12.66 -20.67 -8.12
N GLY A 7 12.90 -19.61 -7.35
CA GLY A 7 12.61 -18.27 -7.82
C GLY A 7 11.14 -18.08 -8.17
N ASN A 8 10.52 -17.09 -7.54
CA ASN A 8 9.11 -16.81 -7.79
C ASN A 8 8.93 -15.41 -8.38
N PRO A 9 8.09 -15.31 -9.42
CA PRO A 9 7.81 -14.05 -10.10
C PRO A 9 6.99 -13.09 -9.22
N ASP A 10 6.38 -13.62 -8.19
CA ASP A 10 5.56 -12.83 -7.28
C ASP A 10 6.19 -11.45 -7.07
N TYR A 11 7.32 -11.42 -6.35
CA TYR A 11 8.00 -10.16 -6.07
C TYR A 11 7.00 -9.05 -5.76
N VAL A 12 5.99 -9.37 -4.96
CA VAL A 12 4.98 -8.40 -4.57
C VAL A 12 4.74 -8.42 -3.07
N GLU A 13 5.47 -9.29 -2.37
CA GLU A 13 5.34 -9.41 -0.92
C GLU A 13 5.34 -8.03 -0.26
N VAL A 14 4.46 -7.84 0.70
CA VAL A 14 4.35 -6.57 1.42
C VAL A 14 4.63 -6.75 2.90
N ASP A 15 5.49 -5.90 3.45
CA ASP A 15 5.85 -5.97 4.87
C ASP A 15 4.70 -5.47 5.73
N ARG A 16 4.29 -4.21 5.52
CA ARG A 16 3.21 -3.62 6.28
C ARG A 16 2.88 -2.22 5.76
N ILE A 17 1.97 -1.54 6.44
CA ILE A 17 1.57 -0.19 6.05
C ILE A 17 1.99 0.84 7.09
N LEU A 18 2.51 1.97 6.63
CA LEU A 18 2.95 3.03 7.53
C LEU A 18 1.83 4.05 7.74
N GLU A 19 1.61 4.89 6.74
CA GLU A 19 0.57 5.91 6.81
C GLU A 19 -0.14 6.08 5.47
N VAL A 20 -1.24 6.82 5.48
CA VAL A 20 -2.00 7.05 4.25
C VAL A 20 -2.15 8.54 3.97
N ALA A 21 -1.81 8.95 2.75
CA ALA A 21 -1.90 10.35 2.36
C ALA A 21 -3.05 10.56 1.36
N HIS A 22 -3.75 11.68 1.51
CA HIS A 22 -4.86 12.00 0.63
C HIS A 22 -4.60 13.32 -0.11
N THR A 23 -4.76 13.28 -1.43
CA THR A 23 -4.54 14.47 -2.25
C THR A 23 -5.46 14.47 -3.47
N LYS A 24 -5.54 15.61 -4.14
CA LYS A 24 -6.37 15.74 -5.33
C LYS A 24 -5.62 16.43 -6.46
N ASP A 25 -5.89 16.01 -7.69
CA ASP A 25 -5.24 16.59 -8.86
C ASP A 25 -5.66 18.04 -9.06
N ALA A 26 -5.17 18.65 -10.13
CA ALA A 26 -5.50 20.03 -10.43
C ALA A 26 -6.11 20.16 -11.82
N GLU A 27 -5.44 19.62 -12.82
CA GLU A 27 -5.92 19.68 -14.19
C GLU A 27 -7.28 19.00 -14.31
N THR A 28 -7.39 17.79 -13.77
CA THR A 28 -8.64 17.04 -13.82
C THR A 28 -9.53 17.38 -12.63
N GLY A 29 -8.98 17.26 -11.42
CA GLY A 29 -9.74 17.55 -10.22
C GLY A 29 -10.36 16.32 -9.61
N GLU A 30 -9.56 15.27 -9.47
CA GLU A 30 -10.04 14.01 -8.89
C GLU A 30 -9.48 13.81 -7.49
N GLU A 31 -10.09 12.89 -6.75
CA GLU A 31 -9.65 12.60 -5.39
C GLU A 31 -8.74 11.37 -5.36
N VAL A 32 -7.44 11.61 -5.42
CA VAL A 32 -6.46 10.52 -5.41
C VAL A 32 -5.91 10.30 -4.00
N THR A 33 -6.07 9.09 -3.50
CA THR A 33 -5.59 8.74 -2.17
C THR A 33 -4.39 7.80 -2.24
N HIS A 34 -3.24 8.26 -1.75
CA HIS A 34 -2.03 7.46 -1.76
C HIS A 34 -1.86 6.72 -0.44
N TYR A 35 -1.24 5.54 -0.50
CA TYR A 35 -1.02 4.73 0.70
C TYR A 35 0.43 4.27 0.77
N LEU A 36 1.12 4.68 1.83
CA LEU A 36 2.52 4.32 2.04
C LEU A 36 2.65 2.83 2.32
N VAL A 37 3.12 2.07 1.33
CA VAL A 37 3.29 0.63 1.48
C VAL A 37 4.74 0.28 1.76
N LYS A 38 4.96 -0.60 2.72
CA LYS A 38 6.30 -1.02 3.09
C LYS A 38 6.59 -2.44 2.60
N TRP A 39 7.87 -2.73 2.35
CA TRP A 39 8.27 -4.04 1.87
C TRP A 39 9.78 -4.19 1.92
N CYS A 40 10.26 -5.00 2.86
CA CYS A 40 11.69 -5.23 3.00
C CYS A 40 12.36 -5.45 1.64
N SER A 41 11.80 -6.36 0.86
CA SER A 41 12.34 -6.67 -0.46
C SER A 41 12.90 -5.42 -1.13
N LEU A 42 12.29 -4.28 -0.82
CA LEU A 42 12.70 -3.00 -1.38
C LEU A 42 13.32 -2.10 -0.31
N PRO A 43 14.20 -1.20 -0.74
CA PRO A 43 14.87 -0.26 0.17
C PRO A 43 13.92 0.80 0.73
N TYR A 44 13.83 0.87 2.05
CA TYR A 44 12.95 1.83 2.71
C TYR A 44 13.00 3.18 2.00
N GLU A 45 14.22 3.66 1.76
CA GLU A 45 14.40 4.95 1.10
C GLU A 45 13.44 5.11 -0.07
N GLU A 46 13.22 4.02 -0.81
CA GLU A 46 12.32 4.04 -1.95
C GLU A 46 10.87 3.81 -1.50
N SER A 47 10.56 4.20 -0.28
CA SER A 47 9.23 4.04 0.28
C SER A 47 8.19 4.72 -0.62
N THR A 48 7.53 3.95 -1.46
CA THR A 48 6.52 4.47 -2.37
C THR A 48 5.15 4.50 -1.71
N TRP A 49 4.20 5.17 -2.33
CA TRP A 49 2.84 5.27 -1.81
C TRP A 49 1.82 4.79 -2.83
N GLU A 50 1.60 3.48 -2.88
CA GLU A 50 0.64 2.91 -3.82
C GLU A 50 -0.78 3.39 -3.52
N LEU A 51 -1.47 3.87 -4.55
CA LEU A 51 -2.83 4.36 -4.39
C LEU A 51 -3.70 3.32 -3.69
N GLU A 52 -4.99 3.63 -3.55
CA GLU A 52 -5.93 2.73 -2.90
C GLU A 52 -6.42 1.65 -3.87
N GLU A 53 -5.72 1.52 -5.00
CA GLU A 53 -6.08 0.54 -6.01
C GLU A 53 -5.12 -0.65 -5.99
N ASP A 54 -3.83 -0.36 -6.13
CA ASP A 54 -2.81 -1.40 -6.13
C ASP A 54 -2.74 -2.08 -4.76
N VAL A 55 -2.83 -1.28 -3.71
CA VAL A 55 -2.77 -1.82 -2.35
C VAL A 55 -3.90 -2.82 -2.10
N ASP A 56 -3.65 -3.75 -1.18
CA ASP A 56 -4.63 -4.78 -0.85
C ASP A 56 -5.70 -4.22 0.08
N PRO A 57 -6.96 -4.63 -0.14
CA PRO A 57 -8.09 -4.18 0.67
C PRO A 57 -8.06 -4.75 2.08
N ALA A 58 -7.45 -5.93 2.22
CA ALA A 58 -7.35 -6.58 3.53
C ALA A 58 -6.30 -5.90 4.40
N LYS A 59 -5.10 -5.73 3.84
CA LYS A 59 -4.01 -5.09 4.57
C LYS A 59 -4.42 -3.72 5.08
N VAL A 60 -5.05 -2.93 4.21
CA VAL A 60 -5.50 -1.59 4.57
C VAL A 60 -6.54 -1.64 5.68
N LYS A 61 -7.60 -2.38 5.44
CA LYS A 61 -8.68 -2.52 6.43
C LYS A 61 -8.10 -2.63 7.84
N GLU A 62 -7.20 -3.59 8.04
CA GLU A 62 -6.57 -3.80 9.33
C GLU A 62 -5.98 -2.51 9.87
N PHE A 63 -5.19 -1.83 9.05
CA PHE A 63 -4.56 -0.57 9.44
C PHE A 63 -5.61 0.45 9.84
N GLU A 64 -6.78 0.37 9.22
CA GLU A 64 -7.87 1.30 9.51
C GLU A 64 -8.48 1.01 10.88
N SER A 65 -8.81 -0.25 11.12
CA SER A 65 -9.41 -0.66 12.39
C SER A 65 -8.62 -0.08 13.56
N LEU A 66 -7.33 0.15 13.34
CA LEU A 66 -6.47 0.70 14.39
C LEU A 66 -7.11 1.92 15.04
N GLN A 67 -7.35 2.95 14.24
CA GLN A 67 -7.96 4.18 14.73
C GLN A 67 -9.48 4.05 14.78
N VAL A 68 -10.08 4.55 15.86
CA VAL A 68 -11.53 4.49 16.04
C VAL A 68 -12.11 5.87 16.27
N GLY A 1 -14.58 -20.15 8.26
CA GLY A 1 -14.01 -21.27 7.54
C GLY A 1 -12.55 -21.07 7.22
N SER A 2 -12.07 -21.77 6.19
CA SER A 2 -10.68 -21.67 5.78
C SER A 2 -10.46 -20.44 4.91
N SER A 3 -9.40 -19.69 5.21
CA SER A 3 -9.08 -18.48 4.45
C SER A 3 -7.57 -18.35 4.25
N GLY A 4 -7.18 -17.70 3.17
CA GLY A 4 -5.76 -17.52 2.87
C GLY A 4 -5.30 -18.32 1.68
N SER A 5 -4.70 -17.65 0.71
CA SER A 5 -4.22 -18.31 -0.50
C SER A 5 -3.16 -17.46 -1.20
N SER A 6 -2.39 -18.10 -2.08
CA SER A 6 -1.34 -17.40 -2.82
C SER A 6 -1.87 -16.87 -4.14
N GLY A 7 -1.37 -15.71 -4.54
CA GLY A 7 -1.80 -15.10 -5.79
C GLY A 7 -0.64 -14.79 -6.72
N ASN A 8 0.34 -14.06 -6.20
CA ASN A 8 1.51 -13.68 -6.99
C ASN A 8 2.75 -14.44 -6.51
N PRO A 9 2.89 -15.70 -6.95
CA PRO A 9 4.03 -16.54 -6.59
C PRO A 9 5.33 -16.07 -7.22
N ASP A 10 5.24 -15.07 -8.08
CA ASP A 10 6.41 -14.52 -8.75
C ASP A 10 6.80 -13.16 -8.16
N TYR A 11 6.63 -13.03 -6.85
CA TYR A 11 6.96 -11.79 -6.16
C TYR A 11 6.94 -11.98 -4.65
N VAL A 12 7.30 -10.93 -3.92
CA VAL A 12 7.32 -10.98 -2.46
C VAL A 12 6.08 -10.31 -1.87
N GLU A 13 5.60 -10.86 -0.76
CA GLU A 13 4.42 -10.31 -0.10
C GLU A 13 4.73 -8.98 0.58
N VAL A 14 3.70 -8.17 0.80
CA VAL A 14 3.87 -6.87 1.44
C VAL A 14 3.87 -7.00 2.96
N ASP A 15 4.87 -6.40 3.60
CA ASP A 15 4.98 -6.44 5.05
C ASP A 15 3.73 -5.86 5.71
N ARG A 16 3.52 -4.57 5.53
CA ARG A 16 2.36 -3.90 6.11
C ARG A 16 2.27 -2.45 5.65
N ILE A 17 1.32 -1.72 6.20
CA ILE A 17 1.13 -0.31 5.84
C ILE A 17 1.64 0.61 6.95
N LEU A 18 2.37 1.65 6.55
CA LEU A 18 2.91 2.62 7.51
C LEU A 18 1.89 3.72 7.81
N GLU A 19 1.60 4.54 6.81
CA GLU A 19 0.65 5.63 6.96
C GLU A 19 -0.14 5.86 5.68
N VAL A 20 -1.18 6.67 5.77
CA VAL A 20 -2.02 6.98 4.61
C VAL A 20 -2.05 8.48 4.34
N ALA A 21 -1.94 8.85 3.07
CA ALA A 21 -1.97 10.26 2.69
C ALA A 21 -3.02 10.52 1.61
N HIS A 22 -3.75 11.62 1.74
CA HIS A 22 -4.78 11.98 0.78
C HIS A 22 -4.36 13.20 -0.04
N THR A 23 -4.39 13.05 -1.36
CA THR A 23 -4.02 14.14 -2.25
C THR A 23 -4.95 14.21 -3.45
N LYS A 24 -4.95 15.35 -4.13
CA LYS A 24 -5.80 15.54 -5.30
C LYS A 24 -4.97 15.94 -6.51
N ASP A 25 -5.60 15.92 -7.69
CA ASP A 25 -4.91 16.27 -8.93
C ASP A 25 -4.77 17.78 -9.06
N ALA A 26 -4.06 18.22 -10.09
CA ALA A 26 -3.83 19.63 -10.33
C ALA A 26 -4.50 20.10 -11.61
N GLU A 27 -4.85 19.13 -12.46
CA GLU A 27 -5.49 19.44 -13.74
C GLU A 27 -6.96 19.79 -13.54
N THR A 28 -7.68 18.91 -12.85
CA THR A 28 -9.10 19.11 -12.59
C THR A 28 -9.39 19.08 -11.09
N GLY A 29 -8.86 18.06 -10.42
CA GLY A 29 -9.08 17.92 -8.99
C GLY A 29 -9.72 16.59 -8.63
N GLU A 30 -9.23 15.52 -9.24
CA GLU A 30 -9.76 14.19 -8.97
C GLU A 30 -9.25 13.65 -7.65
N GLU A 31 -10.02 12.76 -7.03
CA GLU A 31 -9.64 12.17 -5.74
C GLU A 31 -8.49 11.18 -5.93
N VAL A 32 -7.34 11.52 -5.36
CA VAL A 32 -6.16 10.66 -5.47
C VAL A 32 -5.63 10.30 -4.08
N THR A 33 -6.17 9.23 -3.51
CA THR A 33 -5.75 8.78 -2.19
C THR A 33 -4.49 7.94 -2.27
N HIS A 34 -3.44 8.36 -1.56
CA HIS A 34 -2.18 7.64 -1.55
C HIS A 34 -2.04 6.79 -0.29
N TYR A 35 -1.30 5.70 -0.40
CA TYR A 35 -1.09 4.80 0.73
C TYR A 35 0.36 4.34 0.80
N LEU A 36 1.04 4.72 1.89
CA LEU A 36 2.44 4.35 2.08
C LEU A 36 2.57 2.86 2.36
N VAL A 37 2.88 2.09 1.31
CA VAL A 37 3.05 0.65 1.45
C VAL A 37 4.40 0.31 2.04
N LYS A 38 4.41 -0.61 3.00
CA LYS A 38 5.64 -1.04 3.65
C LYS A 38 5.98 -2.48 3.28
N TRP A 39 7.07 -2.63 2.52
CA TRP A 39 7.52 -3.96 2.09
C TRP A 39 9.01 -4.14 2.33
N CYS A 40 9.34 -4.74 3.47
CA CYS A 40 10.74 -4.98 3.83
C CYS A 40 11.55 -5.37 2.60
N SER A 41 11.06 -6.35 1.85
CA SER A 41 11.74 -6.81 0.65
C SER A 41 12.47 -5.66 -0.04
N LEU A 42 11.81 -4.52 -0.11
CA LEU A 42 12.39 -3.34 -0.75
C LEU A 42 13.04 -2.43 0.28
N PRO A 43 13.98 -1.58 -0.19
CA PRO A 43 14.69 -0.63 0.68
C PRO A 43 13.79 0.48 1.18
N TYR A 44 13.82 0.72 2.49
CA TYR A 44 13.01 1.77 3.10
C TYR A 44 13.08 3.05 2.28
N GLU A 45 14.30 3.54 2.06
CA GLU A 45 14.50 4.77 1.29
C GLU A 45 13.56 4.82 0.09
N GLU A 46 13.19 3.64 -0.41
CA GLU A 46 12.30 3.56 -1.56
C GLU A 46 10.84 3.46 -1.12
N SER A 47 10.53 4.09 0.02
CA SER A 47 9.17 4.08 0.55
C SER A 47 8.20 4.79 -0.38
N THR A 48 7.48 4.01 -1.18
CA THR A 48 6.52 4.57 -2.13
C THR A 48 5.10 4.50 -1.57
N TRP A 49 4.18 5.22 -2.20
CA TRP A 49 2.80 5.23 -1.78
C TRP A 49 1.88 4.77 -2.90
N GLU A 50 1.57 3.47 -2.91
CA GLU A 50 0.70 2.90 -3.94
C GLU A 50 -0.74 3.39 -3.76
N LEU A 51 -1.48 3.42 -4.86
CA LEU A 51 -2.87 3.87 -4.83
C LEU A 51 -3.76 2.85 -4.12
N GLU A 52 -4.75 3.34 -3.39
CA GLU A 52 -5.66 2.47 -2.66
C GLU A 52 -6.00 1.22 -3.49
N GLU A 53 -6.13 1.40 -4.79
CA GLU A 53 -6.45 0.29 -5.68
C GLU A 53 -5.35 -0.76 -5.65
N ASP A 54 -4.15 -0.39 -6.04
CA ASP A 54 -3.02 -1.30 -6.05
C ASP A 54 -2.81 -1.93 -4.67
N VAL A 55 -2.93 -1.11 -3.63
CA VAL A 55 -2.76 -1.59 -2.27
C VAL A 55 -3.87 -2.57 -1.89
N ASP A 56 -3.48 -3.78 -1.50
CA ASP A 56 -4.44 -4.79 -1.11
C ASP A 56 -5.46 -4.24 -0.11
N PRO A 57 -6.69 -4.77 -0.17
CA PRO A 57 -7.77 -4.33 0.72
C PRO A 57 -7.54 -4.77 2.17
N ALA A 58 -7.10 -6.01 2.35
CA ALA A 58 -6.84 -6.54 3.69
C ALA A 58 -5.86 -5.65 4.45
N LYS A 59 -4.67 -5.45 3.87
CA LYS A 59 -3.65 -4.62 4.50
C LYS A 59 -4.21 -3.25 4.86
N VAL A 60 -4.94 -2.64 3.92
CA VAL A 60 -5.53 -1.33 4.14
C VAL A 60 -6.54 -1.36 5.29
N LYS A 61 -7.39 -2.39 5.29
CA LYS A 61 -8.39 -2.54 6.33
C LYS A 61 -7.75 -2.58 7.71
N GLU A 62 -6.83 -3.52 7.91
CA GLU A 62 -6.14 -3.67 9.18
C GLU A 62 -5.76 -2.31 9.75
N PHE A 63 -4.91 -1.58 9.03
CA PHE A 63 -4.47 -0.26 9.45
C PHE A 63 -5.65 0.59 9.90
N GLU A 64 -6.72 0.56 9.11
CA GLU A 64 -7.91 1.34 9.41
C GLU A 64 -8.51 0.91 10.75
N SER A 65 -8.44 -0.39 11.04
CA SER A 65 -8.98 -0.93 12.28
C SER A 65 -8.51 -0.10 13.48
N LEU A 66 -7.40 0.59 13.32
CA LEU A 66 -6.85 1.43 14.38
C LEU A 66 -7.43 2.84 14.32
N GLN A 67 -6.99 3.62 13.34
CA GLN A 67 -7.47 4.98 13.17
C GLN A 67 -8.97 5.06 13.36
N VAL A 68 -9.44 6.12 14.03
CA VAL A 68 -10.87 6.30 14.27
C VAL A 68 -11.38 7.54 13.55
N GLY A 1 -13.84 -14.74 9.05
CA GLY A 1 -13.36 -15.87 8.27
C GLY A 1 -11.90 -16.15 8.53
N SER A 2 -11.60 -17.37 8.97
CA SER A 2 -10.22 -17.77 9.26
C SER A 2 -9.58 -18.41 8.04
N SER A 3 -9.99 -17.96 6.85
CA SER A 3 -9.45 -18.49 5.60
C SER A 3 -9.57 -17.46 4.48
N GLY A 4 -8.59 -17.45 3.59
CA GLY A 4 -8.60 -16.51 2.47
C GLY A 4 -7.97 -17.09 1.23
N SER A 5 -8.76 -17.78 0.41
CA SER A 5 -8.27 -18.38 -0.82
C SER A 5 -8.03 -17.31 -1.89
N SER A 6 -6.90 -16.61 -1.78
CA SER A 6 -6.55 -15.57 -2.73
C SER A 6 -5.05 -15.56 -3.01
N GLY A 7 -4.70 -15.64 -4.29
CA GLY A 7 -3.29 -15.64 -4.67
C GLY A 7 -3.05 -14.95 -6.00
N ASN A 8 -2.94 -13.63 -5.96
CA ASN A 8 -2.70 -12.84 -7.17
C ASN A 8 -1.24 -12.91 -7.58
N PRO A 9 -0.99 -12.85 -8.90
CA PRO A 9 0.37 -12.90 -9.45
C PRO A 9 1.16 -11.63 -9.15
N ASP A 10 2.10 -11.73 -8.22
CA ASP A 10 2.92 -10.58 -7.84
C ASP A 10 4.35 -11.03 -7.56
N TYR A 11 5.24 -10.05 -7.37
CA TYR A 11 6.64 -10.33 -7.09
C TYR A 11 7.07 -9.74 -5.76
N VAL A 12 6.62 -8.52 -5.48
CA VAL A 12 6.96 -7.85 -4.24
C VAL A 12 5.92 -8.15 -3.16
N GLU A 13 6.39 -8.38 -1.94
CA GLU A 13 5.51 -8.68 -0.82
C GLU A 13 5.37 -7.47 0.11
N VAL A 14 4.14 -7.17 0.51
CA VAL A 14 3.89 -6.04 1.39
C VAL A 14 3.93 -6.47 2.85
N ASP A 15 4.72 -5.75 3.66
CA ASP A 15 4.84 -6.06 5.07
C ASP A 15 3.65 -5.53 5.85
N ARG A 16 3.41 -4.22 5.77
CA ARG A 16 2.29 -3.60 6.46
C ARG A 16 2.10 -2.15 5.99
N ILE A 17 1.18 -1.45 6.64
CA ILE A 17 0.90 -0.06 6.28
C ILE A 17 1.50 0.89 7.30
N LEU A 18 2.07 1.99 6.82
CA LEU A 18 2.69 2.99 7.69
C LEU A 18 1.75 4.17 7.89
N GLU A 19 1.55 4.94 6.82
CA GLU A 19 0.68 6.12 6.88
C GLU A 19 0.05 6.40 5.52
N VAL A 20 -1.15 6.97 5.54
CA VAL A 20 -1.86 7.29 4.31
C VAL A 20 -1.98 8.80 4.12
N ALA A 21 -1.61 9.28 2.93
CA ALA A 21 -1.68 10.69 2.62
C ALA A 21 -2.49 10.94 1.36
N HIS A 22 -3.29 12.01 1.36
CA HIS A 22 -4.12 12.35 0.21
C HIS A 22 -3.44 13.42 -0.64
N THR A 23 -3.45 13.23 -1.95
CA THR A 23 -2.84 14.18 -2.87
C THR A 23 -3.72 14.42 -4.08
N LYS A 24 -3.57 15.59 -4.70
CA LYS A 24 -4.36 15.94 -5.87
C LYS A 24 -3.46 16.17 -7.09
N ASP A 25 -3.89 15.68 -8.24
CA ASP A 25 -3.13 15.83 -9.47
C ASP A 25 -3.19 17.28 -9.97
N ALA A 26 -2.11 17.72 -10.62
CA ALA A 26 -2.05 19.08 -11.14
C ALA A 26 -2.39 19.11 -12.63
N GLU A 27 -2.17 17.98 -13.30
CA GLU A 27 -2.46 17.88 -14.73
C GLU A 27 -3.93 18.19 -15.02
N THR A 28 -4.82 17.41 -14.42
CA THR A 28 -6.25 17.60 -14.61
C THR A 28 -6.87 18.33 -13.43
N GLY A 29 -6.93 17.66 -12.29
CA GLY A 29 -7.50 18.26 -11.10
C GLY A 29 -8.43 17.32 -10.36
N GLU A 30 -7.96 16.12 -10.07
CA GLU A 30 -8.76 15.12 -9.37
C GLU A 30 -8.08 14.71 -8.06
N GLU A 31 -8.89 14.37 -7.06
CA GLU A 31 -8.38 13.96 -5.77
C GLU A 31 -7.97 12.49 -5.79
N VAL A 32 -6.67 12.23 -5.59
CA VAL A 32 -6.16 10.87 -5.59
C VAL A 32 -5.53 10.51 -4.24
N THR A 33 -5.98 9.40 -3.66
CA THR A 33 -5.47 8.96 -2.36
C THR A 33 -4.22 8.11 -2.54
N HIS A 34 -3.28 8.26 -1.61
CA HIS A 34 -2.03 7.50 -1.65
C HIS A 34 -1.77 6.82 -0.31
N TYR A 35 -1.36 5.54 -0.38
CA TYR A 35 -1.08 4.78 0.82
C TYR A 35 0.39 4.35 0.87
N LEU A 36 1.07 4.73 1.94
CA LEU A 36 2.49 4.39 2.10
C LEU A 36 2.66 2.89 2.32
N VAL A 37 2.93 2.17 1.24
CA VAL A 37 3.13 0.72 1.31
C VAL A 37 4.50 0.38 1.85
N LYS A 38 4.54 -0.34 2.97
CA LYS A 38 5.80 -0.74 3.59
C LYS A 38 6.12 -2.19 3.26
N TRP A 39 7.01 -2.39 2.29
CA TRP A 39 7.42 -3.74 1.89
C TRP A 39 8.90 -3.96 2.16
N CYS A 40 9.21 -4.53 3.31
CA CYS A 40 10.59 -4.81 3.68
C CYS A 40 11.40 -5.27 2.48
N SER A 41 10.87 -6.25 1.76
CA SER A 41 11.55 -6.78 0.57
C SER A 41 12.32 -5.68 -0.15
N LEU A 42 11.70 -4.51 -0.27
CA LEU A 42 12.33 -3.38 -0.93
C LEU A 42 13.00 -2.45 0.08
N PRO A 43 13.97 -1.66 -0.40
CA PRO A 43 14.70 -0.71 0.44
C PRO A 43 13.83 0.46 0.89
N TYR A 44 13.79 0.70 2.19
CA TYR A 44 12.99 1.78 2.76
C TYR A 44 13.20 3.07 1.96
N GLU A 45 14.47 3.37 1.66
CA GLU A 45 14.81 4.58 0.92
C GLU A 45 13.90 4.73 -0.30
N GLU A 46 13.50 3.60 -0.89
CA GLU A 46 12.63 3.62 -2.06
C GLU A 46 11.16 3.55 -1.65
N SER A 47 10.86 4.06 -0.45
CA SER A 47 9.51 4.06 0.07
C SER A 47 8.58 4.84 -0.86
N THR A 48 7.57 4.17 -1.39
CA THR A 48 6.61 4.80 -2.28
C THR A 48 5.18 4.61 -1.79
N TRP A 49 4.28 5.48 -2.24
CA TRP A 49 2.87 5.40 -1.84
C TRP A 49 2.00 4.98 -3.01
N GLU A 50 1.60 3.70 -3.01
CA GLU A 50 0.75 3.18 -4.07
C GLU A 50 -0.69 3.62 -3.89
N LEU A 51 -1.48 3.51 -4.96
CA LEU A 51 -2.88 3.90 -4.91
C LEU A 51 -3.72 2.85 -4.18
N GLU A 52 -4.86 3.28 -3.65
CA GLU A 52 -5.75 2.37 -2.93
C GLU A 52 -6.09 1.15 -3.77
N GLU A 53 -6.22 1.36 -5.09
CA GLU A 53 -6.55 0.27 -6.00
C GLU A 53 -5.36 -0.67 -6.16
N ASP A 54 -4.17 -0.12 -6.16
CA ASP A 54 -2.94 -0.91 -6.31
C ASP A 54 -2.61 -1.63 -5.02
N VAL A 55 -3.18 -1.15 -3.92
CA VAL A 55 -2.94 -1.75 -2.60
C VAL A 55 -4.04 -2.76 -2.25
N ASP A 56 -3.65 -3.83 -1.57
CA ASP A 56 -4.59 -4.86 -1.15
C ASP A 56 -5.52 -4.35 -0.07
N PRO A 57 -6.79 -4.79 -0.12
CA PRO A 57 -7.82 -4.39 0.85
C PRO A 57 -7.56 -4.97 2.24
N ALA A 58 -7.26 -6.27 2.28
CA ALA A 58 -6.99 -6.95 3.54
C ALA A 58 -6.02 -6.15 4.41
N LYS A 59 -4.96 -5.64 3.78
CA LYS A 59 -3.96 -4.85 4.49
C LYS A 59 -4.58 -3.57 5.05
N VAL A 60 -5.23 -2.81 4.19
CA VAL A 60 -5.86 -1.56 4.60
C VAL A 60 -6.85 -1.79 5.75
N LYS A 61 -7.68 -2.81 5.62
CA LYS A 61 -8.66 -3.15 6.64
C LYS A 61 -8.01 -3.19 8.01
N GLU A 62 -6.94 -3.97 8.15
CA GLU A 62 -6.23 -4.08 9.41
C GLU A 62 -5.77 -2.73 9.91
N PHE A 63 -5.14 -1.95 9.02
CA PHE A 63 -4.65 -0.63 9.37
C PHE A 63 -5.80 0.29 9.81
N GLU A 64 -6.98 0.04 9.26
CA GLU A 64 -8.15 0.83 9.59
C GLU A 64 -8.69 0.47 10.96
N SER A 65 -8.22 -0.66 11.49
CA SER A 65 -8.66 -1.14 12.80
C SER A 65 -8.33 -0.13 13.88
N LEU A 66 -7.07 0.31 13.92
CA LEU A 66 -6.62 1.28 14.91
C LEU A 66 -6.94 2.70 14.45
N GLN A 67 -6.61 3.00 13.20
CA GLN A 67 -6.85 4.32 12.64
C GLN A 67 -8.33 4.51 12.29
N VAL A 68 -8.94 5.56 12.83
CA VAL A 68 -10.35 5.85 12.58
C VAL A 68 -10.60 6.06 11.09
N GLY A 1 18.63 -16.35 -11.31
CA GLY A 1 17.29 -16.83 -11.61
C GLY A 1 16.39 -15.75 -12.17
N SER A 2 15.42 -16.17 -12.97
CA SER A 2 14.48 -15.22 -13.58
C SER A 2 13.25 -15.03 -12.70
N SER A 3 12.64 -13.85 -12.79
CA SER A 3 11.45 -13.55 -12.01
C SER A 3 10.18 -13.79 -12.83
N GLY A 4 10.20 -13.35 -14.08
CA GLY A 4 9.05 -13.52 -14.94
C GLY A 4 8.47 -12.21 -15.42
N SER A 5 9.10 -11.63 -16.45
CA SER A 5 8.65 -10.35 -16.99
C SER A 5 7.51 -10.57 -17.98
N SER A 6 6.55 -11.40 -17.60
CA SER A 6 5.40 -11.70 -18.46
C SER A 6 4.52 -10.46 -18.63
N GLY A 7 4.01 -9.95 -17.52
CA GLY A 7 3.16 -8.76 -17.56
C GLY A 7 3.01 -8.10 -16.21
N ASN A 8 2.02 -8.54 -15.44
CA ASN A 8 1.76 -7.98 -14.13
C ASN A 8 2.98 -8.13 -13.23
N PRO A 9 3.49 -7.00 -12.71
CA PRO A 9 4.66 -6.97 -11.83
C PRO A 9 4.38 -7.58 -10.46
N ASP A 10 4.67 -8.88 -10.32
CA ASP A 10 4.45 -9.57 -9.06
C ASP A 10 4.91 -8.72 -7.87
N TYR A 11 3.95 -8.14 -7.16
CA TYR A 11 4.25 -7.31 -6.00
C TYR A 11 4.44 -8.16 -4.74
N VAL A 12 5.69 -8.37 -4.36
CA VAL A 12 6.02 -9.16 -3.18
C VAL A 12 5.10 -8.79 -2.01
N GLU A 13 4.69 -9.80 -1.26
CA GLU A 13 3.82 -9.59 -0.12
C GLU A 13 4.20 -8.33 0.65
N VAL A 14 3.22 -7.47 0.93
CA VAL A 14 3.46 -6.23 1.65
C VAL A 14 3.58 -6.49 3.15
N ASP A 15 4.56 -5.85 3.78
CA ASP A 15 4.78 -6.00 5.22
C ASP A 15 3.62 -5.41 6.00
N ARG A 16 3.34 -4.14 5.77
CA ARG A 16 2.24 -3.46 6.46
C ARG A 16 2.05 -2.05 5.91
N ILE A 17 1.14 -1.29 6.53
CA ILE A 17 0.85 0.07 6.10
C ILE A 17 1.34 1.08 7.12
N LEU A 18 2.42 1.78 6.79
CA LEU A 18 2.99 2.79 7.68
C LEU A 18 2.00 3.92 7.93
N GLU A 19 1.63 4.62 6.87
CA GLU A 19 0.68 5.73 6.98
C GLU A 19 -0.03 5.95 5.65
N VAL A 20 -1.07 6.79 5.67
CA VAL A 20 -1.83 7.10 4.48
C VAL A 20 -1.84 8.60 4.19
N ALA A 21 -1.64 8.95 2.93
CA ALA A 21 -1.62 10.35 2.52
C ALA A 21 -2.57 10.59 1.35
N HIS A 22 -3.28 11.71 1.40
CA HIS A 22 -4.23 12.06 0.33
C HIS A 22 -3.76 13.31 -0.41
N THR A 23 -3.78 13.24 -1.74
CA THR A 23 -3.35 14.36 -2.56
C THR A 23 -4.42 14.70 -3.60
N LYS A 24 -4.32 15.91 -4.17
CA LYS A 24 -5.27 16.35 -5.18
C LYS A 24 -4.56 16.66 -6.50
N ASP A 25 -5.19 16.31 -7.61
CA ASP A 25 -4.63 16.54 -8.93
C ASP A 25 -4.78 17.99 -9.33
N ALA A 26 -4.19 18.36 -10.47
CA ALA A 26 -4.27 19.73 -10.97
C ALA A 26 -5.05 19.79 -12.28
N GLU A 27 -4.77 18.85 -13.18
CA GLU A 27 -5.43 18.80 -14.47
C GLU A 27 -6.95 18.94 -14.30
N THR A 28 -7.50 18.22 -13.33
CA THR A 28 -8.93 18.25 -13.07
C THR A 28 -9.22 18.74 -11.65
N GLY A 29 -8.52 18.15 -10.68
CA GLY A 29 -8.72 18.55 -9.30
C GLY A 29 -9.48 17.50 -8.50
N GLU A 30 -9.17 16.23 -8.74
CA GLU A 30 -9.83 15.13 -8.04
C GLU A 30 -9.13 14.81 -6.74
N GLU A 31 -9.88 14.30 -5.77
CA GLU A 31 -9.33 13.94 -4.47
C GLU A 31 -8.59 12.60 -4.54
N VAL A 32 -7.35 12.63 -5.00
CA VAL A 32 -6.54 11.42 -5.12
C VAL A 32 -6.08 10.94 -3.75
N THR A 33 -6.19 9.63 -3.52
CA THR A 33 -5.79 9.05 -2.25
C THR A 33 -4.56 8.16 -2.42
N HIS A 34 -3.54 8.40 -1.61
CA HIS A 34 -2.31 7.62 -1.67
C HIS A 34 -2.09 6.85 -0.38
N TYR A 35 -1.44 5.69 -0.49
CA TYR A 35 -1.17 4.86 0.67
C TYR A 35 0.29 4.44 0.71
N LEU A 36 0.96 4.75 1.82
CA LEU A 36 2.37 4.41 1.98
C LEU A 36 2.55 2.91 2.20
N VAL A 37 2.87 2.19 1.13
CA VAL A 37 3.08 0.75 1.20
C VAL A 37 4.45 0.42 1.77
N LYS A 38 4.45 -0.30 2.89
CA LYS A 38 5.70 -0.69 3.53
C LYS A 38 6.03 -2.16 3.25
N TRP A 39 7.02 -2.38 2.40
CA TRP A 39 7.43 -3.73 2.04
C TRP A 39 8.92 -3.94 2.32
N CYS A 40 9.22 -4.52 3.47
CA CYS A 40 10.60 -4.78 3.87
C CYS A 40 11.44 -5.21 2.65
N SER A 41 10.93 -6.22 1.93
CA SER A 41 11.63 -6.73 0.76
C SER A 41 12.39 -5.61 0.04
N LEU A 42 11.74 -4.47 -0.10
CA LEU A 42 12.34 -3.32 -0.76
C LEU A 42 13.00 -2.37 0.25
N PRO A 43 13.96 -1.57 -0.22
CA PRO A 43 14.67 -0.61 0.62
C PRO A 43 13.79 0.54 1.08
N TYR A 44 13.71 0.75 2.39
CA TYR A 44 12.90 1.82 2.95
C TYR A 44 13.07 3.11 2.17
N GLU A 45 14.32 3.53 2.01
CA GLU A 45 14.63 4.76 1.28
C GLU A 45 13.71 4.91 0.07
N GLU A 46 13.31 3.78 -0.50
CA GLU A 46 12.43 3.79 -1.67
C GLU A 46 10.97 3.64 -1.25
N SER A 47 10.61 4.28 -0.14
CA SER A 47 9.25 4.21 0.38
C SER A 47 8.28 4.94 -0.56
N THR A 48 7.50 4.16 -1.30
CA THR A 48 6.53 4.72 -2.23
C THR A 48 5.10 4.63 -1.68
N TRP A 49 4.19 5.34 -2.32
CA TRP A 49 2.79 5.34 -1.89
C TRP A 49 1.88 4.79 -3.00
N GLU A 50 1.63 3.48 -2.95
CA GLU A 50 0.78 2.85 -3.95
C GLU A 50 -0.64 3.40 -3.89
N LEU A 51 -1.32 3.40 -5.03
CA LEU A 51 -2.69 3.89 -5.11
C LEU A 51 -3.64 3.02 -4.30
N GLU A 52 -4.83 3.53 -4.05
CA GLU A 52 -5.84 2.80 -3.29
C GLU A 52 -6.14 1.45 -3.94
N GLU A 53 -6.16 1.43 -5.27
CA GLU A 53 -6.44 0.21 -6.01
C GLU A 53 -5.17 -0.62 -6.16
N ASP A 54 -4.02 0.00 -5.94
CA ASP A 54 -2.74 -0.68 -6.06
C ASP A 54 -2.27 -1.18 -4.69
N VAL A 55 -3.21 -1.35 -3.77
CA VAL A 55 -2.89 -1.81 -2.43
C VAL A 55 -3.90 -2.85 -1.94
N ASP A 56 -3.40 -3.95 -1.41
CA ASP A 56 -4.27 -5.02 -0.91
C ASP A 56 -5.34 -4.46 0.01
N PRO A 57 -6.56 -4.99 -0.11
CA PRO A 57 -7.71 -4.56 0.70
C PRO A 57 -7.55 -4.98 2.17
N ALA A 58 -7.25 -6.25 2.38
CA ALA A 58 -7.07 -6.77 3.74
C ALA A 58 -6.09 -5.91 4.54
N LYS A 59 -4.95 -5.64 3.94
CA LYS A 59 -3.92 -4.83 4.59
C LYS A 59 -4.50 -3.51 5.08
N VAL A 60 -5.24 -2.83 4.20
CA VAL A 60 -5.85 -1.55 4.54
C VAL A 60 -6.83 -1.70 5.71
N LYS A 61 -7.69 -2.71 5.63
CA LYS A 61 -8.67 -2.97 6.68
C LYS A 61 -7.99 -3.06 8.05
N GLU A 62 -6.87 -3.79 8.10
CA GLU A 62 -6.14 -3.96 9.34
C GLU A 62 -5.69 -2.61 9.90
N PHE A 63 -5.18 -1.75 9.02
CA PHE A 63 -4.72 -0.43 9.42
C PHE A 63 -5.85 0.39 10.00
N GLU A 64 -6.88 0.63 9.18
CA GLU A 64 -8.04 1.40 9.61
C GLU A 64 -8.48 1.00 11.01
N SER A 65 -8.68 -0.30 11.22
CA SER A 65 -9.10 -0.81 12.51
C SER A 65 -8.42 -0.05 13.65
N LEU A 66 -7.09 -0.09 13.66
CA LEU A 66 -6.31 0.59 14.69
C LEU A 66 -6.95 1.93 15.05
N GLN A 67 -7.31 2.69 14.03
CA GLN A 67 -7.92 4.00 14.23
C GLN A 67 -9.35 4.02 13.70
N VAL A 68 -10.27 3.44 14.46
CA VAL A 68 -11.67 3.40 14.05
C VAL A 68 -12.33 4.77 14.20
N GLY A 1 28.26 -11.81 9.05
CA GLY A 1 27.50 -11.95 10.27
C GLY A 1 26.80 -13.29 10.37
N SER A 2 27.22 -14.12 11.33
CA SER A 2 26.64 -15.43 11.53
C SER A 2 25.13 -15.32 11.79
N SER A 3 24.34 -15.71 10.81
CA SER A 3 22.89 -15.66 10.93
C SER A 3 22.25 -16.96 10.47
N GLY A 4 21.48 -17.59 11.37
CA GLY A 4 20.84 -18.84 11.05
C GLY A 4 19.92 -18.73 9.83
N SER A 5 20.45 -19.10 8.67
CA SER A 5 19.68 -19.04 7.43
C SER A 5 20.14 -20.12 6.45
N SER A 6 19.24 -20.51 5.56
CA SER A 6 19.54 -21.54 4.57
C SER A 6 19.93 -20.91 3.24
N GLY A 7 19.05 -20.06 2.71
CA GLY A 7 19.31 -19.41 1.44
C GLY A 7 18.18 -19.57 0.46
N ASN A 8 17.23 -18.63 0.47
CA ASN A 8 16.08 -18.69 -0.42
C ASN A 8 15.43 -17.31 -0.55
N PRO A 9 15.33 -16.82 -1.79
CA PRO A 9 14.72 -15.51 -2.07
C PRO A 9 13.22 -15.50 -1.83
N ASP A 10 12.79 -14.77 -0.81
CA ASP A 10 11.37 -14.68 -0.48
C ASP A 10 10.92 -13.22 -0.43
N TYR A 11 10.52 -12.70 -1.58
CA TYR A 11 10.06 -11.31 -1.68
C TYR A 11 8.64 -11.17 -1.14
N VAL A 12 8.48 -10.36 -0.09
CA VAL A 12 7.18 -10.14 0.52
C VAL A 12 6.39 -9.10 -0.26
N GLU A 13 5.07 -9.28 -0.30
CA GLU A 13 4.20 -8.35 -1.01
C GLU A 13 4.12 -7.01 -0.28
N VAL A 14 3.75 -7.05 0.99
CA VAL A 14 3.64 -5.84 1.79
C VAL A 14 3.71 -6.16 3.28
N ASP A 15 4.81 -5.78 3.91
CA ASP A 15 5.01 -6.03 5.34
C ASP A 15 3.84 -5.47 6.14
N ARG A 16 3.55 -4.19 5.93
CA ARG A 16 2.46 -3.52 6.63
C ARG A 16 2.26 -2.11 6.11
N ILE A 17 1.36 -1.37 6.76
CA ILE A 17 1.06 0.01 6.36
C ILE A 17 1.49 1.00 7.43
N LEU A 18 2.07 2.11 7.01
CA LEU A 18 2.53 3.14 7.94
C LEU A 18 1.49 4.24 8.07
N GLU A 19 1.24 4.96 6.98
CA GLU A 19 0.27 6.04 6.98
C GLU A 19 -0.40 6.17 5.62
N VAL A 20 -1.46 6.98 5.56
CA VAL A 20 -2.19 7.19 4.32
C VAL A 20 -2.32 8.68 4.01
N ALA A 21 -2.03 9.05 2.76
CA ALA A 21 -2.12 10.44 2.34
C ALA A 21 -3.28 10.64 1.36
N HIS A 22 -3.95 11.78 1.48
CA HIS A 22 -5.08 12.09 0.60
C HIS A 22 -4.83 13.39 -0.16
N THR A 23 -4.82 13.31 -1.48
CA THR A 23 -4.59 14.48 -2.32
C THR A 23 -5.57 14.51 -3.49
N LYS A 24 -5.64 15.66 -4.16
CA LYS A 24 -6.54 15.83 -5.29
C LYS A 24 -5.79 16.36 -6.51
N ASP A 25 -6.15 15.88 -7.68
CA ASP A 25 -5.51 16.31 -8.92
C ASP A 25 -6.21 17.53 -9.50
N ALA A 26 -5.62 18.11 -10.53
CA ALA A 26 -6.18 19.29 -11.17
C ALA A 26 -6.76 18.95 -12.55
N GLU A 27 -5.97 18.24 -13.35
CA GLU A 27 -6.40 17.86 -14.68
C GLU A 27 -7.87 17.46 -14.69
N THR A 28 -8.26 16.61 -13.74
CA THR A 28 -9.64 16.16 -13.64
C THR A 28 -10.30 16.67 -12.36
N GLY A 29 -9.65 16.40 -11.23
CA GLY A 29 -10.18 16.84 -9.95
C GLY A 29 -10.86 15.72 -9.19
N GLU A 30 -10.27 14.53 -9.24
CA GLU A 30 -10.83 13.38 -8.54
C GLU A 30 -10.25 13.24 -7.15
N GLU A 31 -10.63 12.17 -6.45
CA GLU A 31 -10.14 11.93 -5.10
C GLU A 31 -8.98 10.94 -5.11
N VAL A 32 -7.76 11.47 -5.08
CA VAL A 32 -6.57 10.62 -5.09
C VAL A 32 -6.13 10.30 -3.67
N THR A 33 -6.07 9.00 -3.36
CA THR A 33 -5.67 8.56 -2.04
C THR A 33 -4.43 7.65 -2.12
N HIS A 34 -3.31 8.13 -1.59
CA HIS A 34 -2.08 7.37 -1.60
C HIS A 34 -1.86 6.66 -0.26
N TYR A 35 -1.35 5.44 -0.32
CA TYR A 35 -1.10 4.65 0.88
C TYR A 35 0.37 4.28 1.00
N LEU A 36 1.00 4.71 2.08
CA LEU A 36 2.42 4.43 2.30
C LEU A 36 2.63 2.95 2.58
N VAL A 37 2.95 2.19 1.54
CA VAL A 37 3.19 0.76 1.67
C VAL A 37 4.55 0.48 2.30
N LYS A 38 4.54 -0.20 3.44
CA LYS A 38 5.76 -0.53 4.15
C LYS A 38 6.16 -1.98 3.90
N TRP A 39 7.21 -2.18 3.11
CA TRP A 39 7.69 -3.52 2.80
C TRP A 39 9.17 -3.66 3.16
N CYS A 40 9.43 -4.25 4.32
CA CYS A 40 10.80 -4.45 4.78
C CYS A 40 11.70 -4.88 3.62
N SER A 41 11.29 -5.93 2.91
CA SER A 41 12.06 -6.44 1.79
C SER A 41 12.79 -5.32 1.07
N LEU A 42 12.15 -4.15 0.98
CA LEU A 42 12.74 -3.00 0.32
C LEU A 42 13.32 -2.03 1.34
N PRO A 43 14.29 -1.22 0.90
CA PRO A 43 14.94 -0.23 1.77
C PRO A 43 14.02 0.92 2.13
N TYR A 44 13.89 1.20 3.42
CA TYR A 44 13.04 2.27 3.90
C TYR A 44 13.19 3.53 3.04
N GLU A 45 14.44 3.89 2.77
CA GLU A 45 14.73 5.06 1.95
C GLU A 45 13.85 5.09 0.70
N GLU A 46 13.62 3.91 0.12
CA GLU A 46 12.80 3.81 -1.09
C GLU A 46 11.33 3.72 -0.72
N SER A 47 10.95 4.38 0.37
CA SER A 47 9.56 4.38 0.82
C SER A 47 8.66 5.06 -0.19
N THR A 48 7.74 4.29 -0.77
CA THR A 48 6.81 4.83 -1.75
C THR A 48 5.37 4.69 -1.29
N TRP A 49 4.47 5.39 -1.96
CA TRP A 49 3.05 5.35 -1.61
C TRP A 49 2.21 4.81 -2.78
N GLU A 50 1.90 3.52 -2.73
CA GLU A 50 1.11 2.90 -3.78
C GLU A 50 -0.34 3.36 -3.72
N LEU A 51 -1.00 3.37 -4.88
CA LEU A 51 -2.41 3.79 -4.94
C LEU A 51 -3.31 2.78 -4.27
N GLU A 52 -4.38 3.26 -3.64
CA GLU A 52 -5.33 2.39 -2.95
C GLU A 52 -5.69 1.19 -3.82
N GLU A 53 -5.67 1.39 -5.13
CA GLU A 53 -6.00 0.33 -6.07
C GLU A 53 -5.04 -0.84 -5.92
N ASP A 54 -3.78 -0.62 -6.26
CA ASP A 54 -2.76 -1.65 -6.16
C ASP A 54 -2.70 -2.24 -4.75
N VAL A 55 -2.85 -1.37 -3.75
CA VAL A 55 -2.82 -1.79 -2.36
C VAL A 55 -4.07 -2.59 -2.00
N ASP A 56 -3.90 -3.90 -1.89
CA ASP A 56 -5.01 -4.79 -1.55
C ASP A 56 -5.89 -4.16 -0.48
N PRO A 57 -7.22 -4.34 -0.62
CA PRO A 57 -8.20 -3.80 0.33
C PRO A 57 -8.14 -4.50 1.68
N ALA A 58 -7.85 -5.80 1.66
CA ALA A 58 -7.76 -6.58 2.89
C ALA A 58 -6.76 -5.97 3.86
N LYS A 59 -5.63 -5.52 3.34
CA LYS A 59 -4.59 -4.92 4.17
C LYS A 59 -5.10 -3.62 4.81
N VAL A 60 -5.63 -2.73 3.98
CA VAL A 60 -6.16 -1.46 4.47
C VAL A 60 -7.00 -1.66 5.72
N LYS A 61 -7.96 -2.56 5.66
CA LYS A 61 -8.83 -2.85 6.80
C LYS A 61 -8.02 -2.96 8.08
N GLU A 62 -6.97 -3.78 8.05
CA GLU A 62 -6.12 -3.97 9.22
C GLU A 62 -5.64 -2.63 9.76
N PHE A 63 -4.98 -1.86 8.91
CA PHE A 63 -4.46 -0.56 9.30
C PHE A 63 -5.57 0.32 9.88
N GLU A 64 -6.69 0.39 9.16
CA GLU A 64 -7.83 1.19 9.60
C GLU A 64 -8.06 1.04 11.10
N SER A 65 -8.13 -0.21 11.56
CA SER A 65 -8.34 -0.50 12.97
C SER A 65 -7.32 0.23 13.84
N LEU A 66 -6.07 0.18 13.43
CA LEU A 66 -4.99 0.83 14.17
C LEU A 66 -4.81 2.27 13.71
N GLN A 67 -5.77 3.11 14.06
CA GLN A 67 -5.72 4.53 13.69
C GLN A 67 -5.50 5.41 14.90
N VAL A 68 -5.29 6.70 14.67
CA VAL A 68 -5.05 7.65 15.76
C VAL A 68 -5.98 8.85 15.64
N GLY A 1 -3.06 -25.06 8.86
CA GLY A 1 -4.09 -26.07 8.98
C GLY A 1 -4.50 -26.64 7.64
N SER A 2 -4.96 -25.77 6.74
CA SER A 2 -5.39 -26.21 5.42
C SER A 2 -4.23 -26.16 4.43
N SER A 3 -4.38 -26.89 3.33
CA SER A 3 -3.34 -26.94 2.30
C SER A 3 -3.12 -25.57 1.68
N GLY A 4 -4.16 -25.03 1.06
CA GLY A 4 -4.07 -23.72 0.42
C GLY A 4 -2.85 -23.60 -0.46
N SER A 5 -2.90 -24.28 -1.62
CA SER A 5 -1.78 -24.25 -2.55
C SER A 5 -2.11 -23.36 -3.74
N SER A 6 -2.72 -22.20 -3.46
CA SER A 6 -3.08 -21.26 -4.52
C SER A 6 -1.86 -20.86 -5.34
N GLY A 7 -0.89 -20.25 -4.68
CA GLY A 7 0.32 -19.82 -5.37
C GLY A 7 0.39 -18.32 -5.54
N ASN A 8 1.58 -17.76 -5.39
CA ASN A 8 1.78 -16.32 -5.52
C ASN A 8 2.63 -16.00 -6.75
N PRO A 9 1.98 -15.93 -7.92
CA PRO A 9 2.66 -15.62 -9.18
C PRO A 9 3.16 -14.18 -9.25
N ASP A 10 2.94 -13.44 -8.17
CA ASP A 10 3.37 -12.05 -8.11
C ASP A 10 4.58 -11.90 -7.20
N TYR A 11 5.13 -10.69 -7.15
CA TYR A 11 6.30 -10.41 -6.32
C TYR A 11 5.95 -10.53 -4.85
N VAL A 12 6.98 -10.64 -4.01
CA VAL A 12 6.80 -10.77 -2.57
C VAL A 12 5.59 -9.97 -2.10
N GLU A 13 4.88 -10.49 -1.11
CA GLU A 13 3.70 -9.83 -0.57
C GLU A 13 4.10 -8.60 0.24
N VAL A 14 3.18 -7.64 0.33
CA VAL A 14 3.44 -6.41 1.08
C VAL A 14 3.51 -6.69 2.58
N ASP A 15 4.48 -6.07 3.25
CA ASP A 15 4.66 -6.25 4.68
C ASP A 15 3.49 -5.64 5.45
N ARG A 16 3.27 -4.34 5.27
CA ARG A 16 2.19 -3.64 5.95
C ARG A 16 2.09 -2.20 5.48
N ILE A 17 1.21 -1.43 6.11
CA ILE A 17 1.02 -0.04 5.74
C ILE A 17 1.47 0.88 6.88
N LEU A 18 2.18 1.95 6.51
CA LEU A 18 2.67 2.91 7.49
C LEU A 18 1.64 4.02 7.73
N GLU A 19 1.34 4.78 6.68
CA GLU A 19 0.37 5.87 6.79
C GLU A 19 -0.30 6.12 5.44
N VAL A 20 -1.46 6.78 5.48
CA VAL A 20 -2.19 7.09 4.27
C VAL A 20 -2.31 8.59 4.06
N ALA A 21 -1.87 9.06 2.90
CA ALA A 21 -1.93 10.48 2.57
C ALA A 21 -2.79 10.73 1.34
N HIS A 22 -3.39 11.91 1.26
CA HIS A 22 -4.23 12.27 0.13
C HIS A 22 -3.73 13.56 -0.54
N THR A 23 -3.43 13.47 -1.82
CA THR A 23 -2.95 14.63 -2.57
C THR A 23 -3.61 14.70 -3.94
N LYS A 24 -3.82 15.92 -4.43
CA LYS A 24 -4.44 16.13 -5.73
C LYS A 24 -3.41 16.02 -6.84
N ASP A 25 -3.89 15.86 -8.08
CA ASP A 25 -3.01 15.74 -9.23
C ASP A 25 -2.86 17.07 -9.95
N ALA A 26 -2.01 17.11 -10.96
CA ALA A 26 -1.76 18.33 -11.73
C ALA A 26 -2.35 18.21 -13.13
N GLU A 27 -2.12 17.08 -13.77
CA GLU A 27 -2.63 16.85 -15.12
C GLU A 27 -4.15 16.91 -15.14
N THR A 28 -4.78 16.24 -14.18
CA THR A 28 -6.23 16.21 -14.09
C THR A 28 -6.73 17.20 -13.05
N GLY A 29 -6.24 17.07 -11.82
CA GLY A 29 -6.65 17.96 -10.76
C GLY A 29 -7.72 17.35 -9.87
N GLU A 30 -7.58 16.06 -9.57
CA GLU A 30 -8.54 15.36 -8.74
C GLU A 30 -7.90 14.89 -7.44
N GLU A 31 -8.69 14.83 -6.37
CA GLU A 31 -8.19 14.40 -5.08
C GLU A 31 -7.74 12.94 -5.12
N VAL A 32 -6.45 12.73 -5.38
CA VAL A 32 -5.90 11.39 -5.45
C VAL A 32 -5.45 10.91 -4.08
N THR A 33 -5.90 9.71 -3.71
CA THR A 33 -5.55 9.14 -2.41
C THR A 33 -4.33 8.22 -2.53
N HIS A 34 -3.23 8.63 -1.89
CA HIS A 34 -2.00 7.85 -1.93
C HIS A 34 -1.82 7.06 -0.63
N TYR A 35 -1.28 5.85 -0.74
CA TYR A 35 -1.06 5.00 0.41
C TYR A 35 0.42 4.61 0.53
N LEU A 36 1.01 4.91 1.69
CA LEU A 36 2.41 4.58 1.92
C LEU A 36 2.60 3.08 2.07
N VAL A 37 2.99 2.42 0.97
CA VAL A 37 3.21 0.98 0.98
C VAL A 37 4.54 0.64 1.65
N LYS A 38 4.47 -0.09 2.75
CA LYS A 38 5.67 -0.49 3.48
C LYS A 38 5.99 -1.97 3.24
N TRP A 39 7.02 -2.22 2.45
CA TRP A 39 7.44 -3.57 2.13
C TRP A 39 8.90 -3.80 2.51
N CYS A 40 9.12 -4.48 3.62
CA CYS A 40 10.48 -4.76 4.09
C CYS A 40 11.38 -5.17 2.94
N SER A 41 10.92 -6.15 2.15
CA SER A 41 11.69 -6.63 1.02
C SER A 41 12.49 -5.51 0.38
N LEU A 42 11.87 -4.34 0.27
CA LEU A 42 12.53 -3.18 -0.33
C LEU A 42 13.15 -2.29 0.75
N PRO A 43 14.14 -1.48 0.35
CA PRO A 43 14.83 -0.57 1.27
C PRO A 43 13.94 0.58 1.74
N TYR A 44 13.78 0.70 3.05
CA TYR A 44 12.96 1.76 3.62
C TYR A 44 13.13 3.06 2.86
N GLU A 45 14.36 3.58 2.84
CA GLU A 45 14.66 4.82 2.15
C GLU A 45 13.81 4.96 0.90
N GLU A 46 13.55 3.85 0.22
CA GLU A 46 12.75 3.86 -0.99
C GLU A 46 11.28 3.64 -0.67
N SER A 47 10.79 4.33 0.35
CA SER A 47 9.39 4.21 0.76
C SER A 47 8.47 4.97 -0.20
N THR A 48 7.77 4.23 -1.04
CA THR A 48 6.85 4.83 -2.00
C THR A 48 5.42 4.78 -1.49
N TRP A 49 4.53 5.48 -2.19
CA TRP A 49 3.12 5.52 -1.81
C TRP A 49 2.23 5.06 -2.96
N GLU A 50 1.96 3.76 -3.01
CA GLU A 50 1.12 3.19 -4.06
C GLU A 50 -0.32 3.69 -3.94
N LEU A 51 -1.00 3.78 -5.08
CA LEU A 51 -2.38 4.25 -5.09
C LEU A 51 -3.26 3.38 -4.19
N GLU A 52 -4.52 3.78 -4.03
CA GLU A 52 -5.45 3.04 -3.20
C GLU A 52 -5.84 1.72 -3.86
N GLU A 53 -5.95 1.73 -5.18
CA GLU A 53 -6.31 0.54 -5.93
C GLU A 53 -5.08 -0.33 -6.21
N ASP A 54 -4.19 -0.40 -5.23
CA ASP A 54 -2.96 -1.19 -5.38
C ASP A 54 -2.71 -2.04 -4.12
N VAL A 55 -3.00 -1.46 -2.97
CA VAL A 55 -2.80 -2.16 -1.70
C VAL A 55 -3.94 -3.15 -1.44
N ASP A 56 -3.59 -4.31 -0.89
CA ASP A 56 -4.57 -5.34 -0.59
C ASP A 56 -5.66 -4.80 0.34
N PRO A 57 -6.90 -5.22 0.08
CA PRO A 57 -8.06 -4.79 0.89
C PRO A 57 -8.04 -5.38 2.29
N ALA A 58 -7.20 -6.38 2.50
CA ALA A 58 -7.08 -7.03 3.80
C ALA A 58 -6.18 -6.22 4.74
N LYS A 59 -5.12 -5.63 4.19
CA LYS A 59 -4.20 -4.84 4.97
C LYS A 59 -4.83 -3.50 5.37
N VAL A 60 -5.42 -2.82 4.39
CA VAL A 60 -6.06 -1.53 4.64
C VAL A 60 -7.06 -1.63 5.78
N LYS A 61 -7.90 -2.67 5.74
CA LYS A 61 -8.90 -2.88 6.77
C LYS A 61 -8.28 -2.91 8.16
N GLU A 62 -7.24 -3.74 8.32
CA GLU A 62 -6.54 -3.86 9.59
C GLU A 62 -5.90 -2.53 9.99
N PHE A 63 -5.10 -1.97 9.09
CA PHE A 63 -4.43 -0.70 9.35
C PHE A 63 -5.40 0.32 9.92
N GLU A 64 -6.50 0.54 9.21
CA GLU A 64 -7.51 1.50 9.65
C GLU A 64 -8.15 1.06 10.96
N SER A 65 -8.61 -0.19 10.99
CA SER A 65 -9.25 -0.74 12.19
C SER A 65 -8.45 -0.40 13.44
N LEU A 66 -7.14 -0.64 13.38
CA LEU A 66 -6.26 -0.36 14.51
C LEU A 66 -6.64 0.94 15.18
N GLN A 67 -6.73 2.01 14.40
CA GLN A 67 -7.09 3.32 14.93
C GLN A 67 -8.60 3.48 15.01
N VAL A 68 -9.18 3.01 16.10
CA VAL A 68 -10.62 3.09 16.31
C VAL A 68 -11.15 4.44 15.85
N GLY A 1 0.11 -14.62 8.78
CA GLY A 1 0.88 -15.85 8.60
C GLY A 1 0.43 -16.63 7.40
N SER A 2 -0.21 -17.78 7.64
CA SER A 2 -0.68 -18.64 6.55
C SER A 2 -1.35 -17.81 5.46
N SER A 3 -0.86 -17.94 4.25
CA SER A 3 -1.42 -17.20 3.11
C SER A 3 -1.60 -18.11 1.90
N GLY A 4 -0.51 -18.71 1.45
CA GLY A 4 -0.56 -19.61 0.31
C GLY A 4 -1.15 -18.94 -0.92
N SER A 5 -0.78 -17.69 -1.15
CA SER A 5 -1.28 -16.93 -2.29
C SER A 5 -0.41 -17.18 -3.52
N SER A 6 -0.02 -18.42 -3.72
CA SER A 6 0.83 -18.79 -4.86
C SER A 6 0.10 -18.51 -6.17
N GLY A 7 0.23 -17.29 -6.68
CA GLY A 7 -0.42 -16.92 -7.93
C GLY A 7 0.54 -16.32 -8.92
N ASN A 8 0.83 -15.02 -8.76
CA ASN A 8 1.74 -14.33 -9.66
C ASN A 8 3.18 -14.42 -9.15
N PRO A 9 4.14 -14.22 -10.06
CA PRO A 9 5.57 -14.28 -9.73
C PRO A 9 6.01 -13.09 -8.87
N ASP A 10 5.07 -12.21 -8.57
CA ASP A 10 5.36 -11.03 -7.74
C ASP A 10 6.14 -11.42 -6.50
N TYR A 11 7.43 -11.10 -6.48
CA TYR A 11 8.28 -11.42 -5.34
C TYR A 11 7.98 -10.50 -4.16
N VAL A 12 7.74 -9.23 -4.45
CA VAL A 12 7.43 -8.25 -3.41
C VAL A 12 6.41 -8.80 -2.42
N GLU A 13 6.62 -8.49 -1.14
CA GLU A 13 5.71 -8.96 -0.09
C GLU A 13 5.35 -7.82 0.86
N VAL A 14 4.24 -7.15 0.58
CA VAL A 14 3.79 -6.04 1.42
C VAL A 14 3.74 -6.45 2.88
N ASP A 15 4.72 -5.99 3.65
CA ASP A 15 4.80 -6.30 5.07
C ASP A 15 3.63 -5.66 5.83
N ARG A 16 3.46 -4.35 5.64
CA ARG A 16 2.39 -3.62 6.31
C ARG A 16 2.36 -2.17 5.83
N ILE A 17 1.33 -1.44 6.26
CA ILE A 17 1.17 -0.04 5.88
C ILE A 17 1.56 0.88 7.04
N LEU A 18 2.17 2.01 6.70
CA LEU A 18 2.59 2.98 7.71
C LEU A 18 1.50 4.02 7.95
N GLU A 19 1.16 4.77 6.90
CA GLU A 19 0.13 5.80 7.00
C GLU A 19 -0.55 6.02 5.65
N VAL A 20 -1.63 6.80 5.65
CA VAL A 20 -2.36 7.09 4.43
C VAL A 20 -2.42 8.59 4.17
N ALA A 21 -2.39 8.96 2.89
CA ALA A 21 -2.45 10.37 2.50
C ALA A 21 -3.53 10.61 1.45
N HIS A 22 -4.27 11.70 1.60
CA HIS A 22 -5.33 12.04 0.66
C HIS A 22 -4.96 13.29 -0.14
N THR A 23 -5.03 13.17 -1.47
CA THR A 23 -4.70 14.28 -2.35
C THR A 23 -5.78 14.48 -3.41
N LYS A 24 -5.94 15.72 -3.86
CA LYS A 24 -6.93 16.04 -4.87
C LYS A 24 -6.27 16.48 -6.17
N ASP A 25 -6.41 15.67 -7.22
CA ASP A 25 -5.82 15.97 -8.52
C ASP A 25 -6.27 17.35 -9.01
N ALA A 26 -5.32 18.25 -9.17
CA ALA A 26 -5.62 19.60 -9.64
C ALA A 26 -5.63 19.66 -11.16
N GLU A 27 -6.32 18.72 -11.78
CA GLU A 27 -6.40 18.67 -13.24
C GLU A 27 -7.83 18.41 -13.70
N THR A 28 -8.43 17.33 -13.19
CA THR A 28 -9.79 16.97 -13.55
C THR A 28 -10.66 16.80 -12.30
N GLY A 29 -10.31 17.52 -11.24
CA GLY A 29 -11.06 17.45 -10.00
C GLY A 29 -11.32 16.01 -9.58
N GLU A 30 -10.35 15.14 -9.83
CA GLU A 30 -10.48 13.74 -9.45
C GLU A 30 -9.93 13.48 -8.05
N GLU A 31 -10.25 12.32 -7.50
CA GLU A 31 -9.79 11.96 -6.16
C GLU A 31 -8.61 11.00 -6.24
N VAL A 32 -7.58 11.27 -5.44
CA VAL A 32 -6.39 10.43 -5.41
C VAL A 32 -5.91 10.20 -3.99
N THR A 33 -5.88 8.93 -3.58
CA THR A 33 -5.45 8.57 -2.23
C THR A 33 -4.18 7.73 -2.28
N HIS A 34 -3.10 8.25 -1.70
CA HIS A 34 -1.82 7.55 -1.67
C HIS A 34 -1.65 6.79 -0.36
N TYR A 35 -1.23 5.54 -0.45
CA TYR A 35 -1.02 4.72 0.73
C TYR A 35 0.44 4.33 0.89
N LEU A 36 1.06 4.83 1.95
CA LEU A 36 2.48 4.55 2.22
C LEU A 36 2.67 3.07 2.58
N VAL A 37 2.99 2.26 1.58
CA VAL A 37 3.21 0.84 1.79
C VAL A 37 4.58 0.58 2.41
N LYS A 38 4.61 -0.27 3.43
CA LYS A 38 5.85 -0.61 4.11
C LYS A 38 6.21 -2.07 3.91
N TRP A 39 7.16 -2.33 3.02
CA TRP A 39 7.60 -3.69 2.73
C TRP A 39 9.06 -3.89 3.13
N CYS A 40 9.40 -5.12 3.49
CA CYS A 40 10.77 -5.45 3.88
C CYS A 40 11.64 -5.73 2.67
N SER A 41 11.22 -6.70 1.86
CA SER A 41 11.97 -7.08 0.67
C SER A 41 12.66 -5.86 0.06
N LEU A 42 11.96 -4.73 0.04
CA LEU A 42 12.51 -3.50 -0.51
C LEU A 42 13.11 -2.63 0.58
N PRO A 43 14.05 -1.76 0.19
CA PRO A 43 14.73 -0.85 1.12
C PRO A 43 13.80 0.23 1.66
N TYR A 44 13.63 0.27 2.97
CA TYR A 44 12.77 1.25 3.61
C TYR A 44 12.94 2.62 2.95
N GLU A 45 14.16 3.13 2.95
CA GLU A 45 14.45 4.43 2.35
C GLU A 45 13.57 4.67 1.13
N GLU A 46 13.31 3.61 0.38
CA GLU A 46 12.48 3.71 -0.83
C GLU A 46 11.01 3.60 -0.47
N SER A 47 10.62 4.20 0.65
CA SER A 47 9.23 4.16 1.09
C SER A 47 8.31 4.86 0.10
N THR A 48 7.61 4.06 -0.70
CA THR A 48 6.70 4.60 -1.70
C THR A 48 5.26 4.54 -1.22
N TRP A 49 4.36 5.19 -1.96
CA TRP A 49 2.95 5.22 -1.61
C TRP A 49 2.09 4.68 -2.75
N GLU A 50 1.85 3.37 -2.73
CA GLU A 50 1.04 2.74 -3.76
C GLU A 50 -0.42 3.16 -3.65
N LEU A 51 -1.05 3.39 -4.80
CA LEU A 51 -2.44 3.81 -4.84
C LEU A 51 -3.36 2.70 -4.30
N GLU A 52 -4.42 3.12 -3.60
CA GLU A 52 -5.36 2.16 -3.03
C GLU A 52 -5.52 0.94 -3.93
N GLU A 53 -5.51 1.18 -5.25
CA GLU A 53 -5.65 0.10 -6.22
C GLU A 53 -4.67 -1.03 -5.92
N ASP A 54 -3.38 -0.72 -6.02
CA ASP A 54 -2.33 -1.71 -5.77
C ASP A 54 -2.47 -2.29 -4.36
N VAL A 55 -2.70 -1.41 -3.39
CA VAL A 55 -2.85 -1.84 -2.01
C VAL A 55 -4.18 -2.57 -1.79
N ASP A 56 -4.13 -3.89 -1.78
CA ASP A 56 -5.32 -4.70 -1.58
C ASP A 56 -6.24 -4.05 -0.55
N PRO A 57 -7.56 -4.31 -0.69
CA PRO A 57 -8.57 -3.76 0.22
C PRO A 57 -8.50 -4.39 1.61
N ALA A 58 -7.98 -5.60 1.68
CA ALA A 58 -7.84 -6.30 2.95
C ALA A 58 -6.81 -5.63 3.85
N LYS A 59 -5.64 -5.36 3.30
CA LYS A 59 -4.56 -4.72 4.05
C LYS A 59 -5.03 -3.38 4.62
N VAL A 60 -5.72 -2.59 3.80
CA VAL A 60 -6.22 -1.29 4.24
C VAL A 60 -6.98 -1.41 5.55
N LYS A 61 -7.78 -2.45 5.68
CA LYS A 61 -8.55 -2.68 6.89
C LYS A 61 -7.65 -2.71 8.13
N GLU A 62 -6.52 -3.39 8.00
CA GLU A 62 -5.57 -3.51 9.10
C GLU A 62 -5.25 -2.13 9.67
N PHE A 63 -4.71 -1.25 8.82
CA PHE A 63 -4.36 0.10 9.24
C PHE A 63 -5.53 0.78 9.94
N GLU A 64 -6.71 0.67 9.34
CA GLU A 64 -7.92 1.27 9.89
C GLU A 64 -8.15 0.82 11.33
N SER A 65 -8.01 -0.49 11.55
CA SER A 65 -8.21 -1.06 12.87
C SER A 65 -7.38 -0.32 13.91
N LEU A 66 -6.10 -0.10 13.59
CA LEU A 66 -5.19 0.60 14.50
C LEU A 66 -5.93 1.68 15.29
N GLN A 67 -6.67 2.52 14.57
CA GLN A 67 -7.41 3.60 15.20
C GLN A 67 -8.28 3.06 16.35
N VAL A 68 -8.15 3.69 17.51
CA VAL A 68 -8.91 3.28 18.69
C VAL A 68 -10.41 3.21 18.37
#